data_4GNK
#
_entry.id   4GNK
#
_cell.length_a   91.423
_cell.length_b   188.845
_cell.length_c   293.857
_cell.angle_alpha   90.00
_cell.angle_beta   90.00
_cell.angle_gamma   90.00
#
_symmetry.space_group_name_H-M   'P 21 21 21'
#
loop_
_entity.id
_entity.type
_entity.pdbx_description
1 polymer 'Guanine nucleotide-binding protein G(q) subunit alpha'
2 polymer '1-phosphatidylinositol 4,5-bisphosphate phosphodiesterase beta-3'
3 polymer '1-phosphatidylinositol 4,5-bisphosphate phosphodiesterase beta-3'
4 non-polymer "GUANOSINE-5'-DIPHOSPHATE"
5 non-polymer 'TETRAFLUOROALUMINATE ION'
6 non-polymer 'MAGNESIUM ION'
7 non-polymer 'CALCIUM ION'
8 water water
#
loop_
_entity_poly.entity_id
_entity_poly.type
_entity_poly.pdbx_seq_one_letter_code
_entity_poly.pdbx_strand_id
1 'polypeptide(L)'
;MACCLSEEAKEARRINDEIERQLRRDKRDARRELKLLLLGTGESGKSTFIKQMRIIHGSGYSDEDKRGFTKLVYQNIFTA
MQAMIRAMDTLKIPYKYEHNKAHAQLVREVDVEKVSAFENPYVDAIKSLWNDPGIQECYDRRREYQLSDSTKYYLNDLDR
VADPSYLPTQQDVLRVRVPTTGIIEYPFDLQSVIFRMVDVGGQRSERRKWIHCFENVTSIMFLVALSEYDQVLVESDNEN
RMEESKALFRTIITYPWFQNSSVILFLNKKDLLEEKIMYSHLVDYFPEYDGPQRDAQAAREFILKMFVDLNPDSDKIIYS
HFTCATDTENIRFVFAAVKDTILQLNLKEYNLV
;
A,C
2 'polypeptide(L)'
;MAHHHHHHGTALQLEPPTVVETLRRGSKFIKWDEETSSRNLVTLRVDPNGFFLYWTGPNMEVDTLDISSIRDTRTGRYAR
LPKDPKIREVLGFGGPDARLEEKLMTVVSGPDPVNTVFLNFMAVQDDTAKVWSEELFKLAMNILAQNASRNTFLRKAYTK
LKLQVNQDGRIPVKNILKMFSADKKRVETALESCGLKFNRSESIRPDEFSLEIFERFLNKLCLRPDIDKILLEIGAKGKP
YLTLEQLMDFINQKQRDPRLNEVLYPPLRPSQARLLIEKYEPNQQFLERDQMSMEGFSRYLGGEENGILPLEALDLSTDM
TQPLSAYFINSSHNTYLTAGQLAGTSSVEMYRQALLWGCRCVELDVWKGRPPEEEPFITHGFTMTTEVPLRDVLEAIAET
AFKTSPYPVILSFENHVDSAKQQAKMAEYCRSIFGDALLIEPLDKYPLAPGVPLPSPQDLMGRILVKNKKRHRPSAGGPD
SAGRKRPLEQSNSALSESSAATEPSSPQLGSPSSDSCPGLSNGEEVGLEKPSLEPQKSLGDEGLNRGPYVLGPADREDEE
EDEEEEEQTDPKKPTTDEGTASSEVNATEEMSTLVNYIEPVKFKSFEAARKRNKCFEMSSFVETKAMEQLTKSPMEFVEY
NKQQLSRIYPKGTRVDSSNYMPQLFWNVGCQLVALNFQTLDVAMQLNAGVFEYNGRSGYLLKPEFMRRPDKSFDPFTEVI
VDGIVANALRVKVISGQFLSDRKVGIYVEVDMFGLPVDTRRKYRTRTSQGNSFNPVWDEEPFDFPKVVLPTLASLRIAAF
EEGGKFVGHRILPVSAIRSGYHYVCLRNEANQPLCLPALLIYTEASDYIPDDHQDYAEALINPIKHVSLMDQRARQLAAL
IGESEAQAGQETCQDTQSQQLGSQPSSNPTPSPLDASPRRPPGPTTSPASTSLSSPGQRDDLIASILSEVAPTPLDELRG
HKALVKLRSRQERDLRELRKKHQRKAVTLTRRLLDGLAQAQAEGRCRLRPGALGGAADVEDTKEGEDEAKRYQEFQNRQV
QSLLELREAQVDAEAQRRLEHLRQALQRLREVVLDANTTQFKRLKEMNEREKKELQKILDRKRHNSISEAKMRDKHKKEA
ELTEINRRHITESVNSIRRLEEAQKQRHDRLVAGQQQVLQQLAEEEPKLLAQLAQECQEQRARLPQEIRRSLLGEMPEGL
GDGPLVACASNGHAPGSSGHLSGADSESQEENTQL
;
B,D
3 'polypeptide(L)'
;SPGQRDDLIASILSEVAPTPLDELRGHKALVKLRSRQERDLRELRKKHQRKAVTLTRRLLDGLAQAQAEGRCRLRPGALG
GAADVEDTKEGEDEAKRYQEFQNRQVQSLLELREAQVDAEAQRRLEHLRQALQRLREVVLDANTTQFKRLKEMNEREKKE
LQKILDRKRHNSISEAKMRDKHKKEAELTEINRRHITESVNSIRRLEEAQKQRHDRLVAGQQQVLQQLAEEEPKLLAQLA
QECQEQRARLPQEIRRSLL
;
E
#
# COMPACT_ATOMS: atom_id res chain seq x y z
N ALA A 12 23.47 3.01 72.78
CA ALA A 12 24.85 3.42 72.37
C ALA A 12 25.44 2.42 71.37
N ARG A 13 24.63 1.95 70.43
CA ARG A 13 25.08 1.05 69.36
C ARG A 13 25.10 1.75 68.01
N ARG A 14 23.96 2.32 67.61
CA ARG A 14 23.86 3.02 66.32
C ARG A 14 24.73 4.28 66.24
N ILE A 15 25.03 4.88 67.39
CA ILE A 15 25.93 6.05 67.43
C ILE A 15 27.37 5.60 67.20
N ASN A 16 27.80 4.58 67.94
CA ASN A 16 29.15 4.01 67.79
C ASN A 16 29.32 3.17 66.53
N ASP A 17 28.21 2.82 65.86
CA ASP A 17 28.25 2.18 64.54
C ASP A 17 28.78 3.16 63.49
N GLU A 18 28.23 4.38 63.50
CA GLU A 18 28.63 5.40 62.53
C GLU A 18 29.92 6.14 62.91
N ILE A 19 30.50 5.81 64.07
CA ILE A 19 31.87 6.22 64.41
C ILE A 19 32.88 5.31 63.70
N GLU A 20 32.57 4.02 63.63
CA GLU A 20 33.42 3.05 62.92
C GLU A 20 33.32 3.20 61.40
N ARG A 21 32.11 3.42 60.88
CA ARG A 21 31.89 3.66 59.45
C ARG A 21 32.60 4.94 58.97
N GLN A 22 32.70 5.93 59.85
CA GLN A 22 33.45 7.16 59.57
C GLN A 22 34.94 6.81 59.44
N LEU A 23 35.45 6.07 60.42
CA LEU A 23 36.86 5.67 60.45
C LEU A 23 37.19 4.62 59.37
N ARG A 24 36.17 3.97 58.82
CA ARG A 24 36.34 3.10 57.66
C ARG A 24 36.68 3.94 56.43
N ARG A 25 35.80 4.88 56.12
CA ARG A 25 35.99 5.78 54.98
C ARG A 25 37.18 6.73 55.18
N ASP A 26 37.63 6.82 56.44
CA ASP A 26 38.87 7.52 56.79
C ASP A 26 40.07 6.93 56.03
N LYS A 27 40.32 5.63 56.24
CA LYS A 27 41.48 4.97 55.64
C LYS A 27 41.38 4.87 54.11
N ARG A 28 40.15 4.78 53.60
CA ARG A 28 39.91 4.66 52.17
C ARG A 28 40.44 5.86 51.41
N ASP A 29 39.95 7.03 51.80
CA ASP A 29 40.32 8.28 51.12
C ASP A 29 41.69 8.80 51.57
N ALA A 30 42.14 8.39 52.75
CA ALA A 30 43.42 8.85 53.31
C ALA A 30 44.65 8.12 52.76
N ARG A 31 44.46 6.94 52.19
CA ARG A 31 45.57 6.22 51.55
C ARG A 31 45.84 6.79 50.17
N ARG A 32 47.08 6.63 49.71
CA ARG A 32 47.48 7.13 48.39
C ARG A 32 47.46 6.00 47.37
N GLU A 33 47.51 6.38 46.09
CA GLU A 33 47.59 5.42 45.00
C GLU A 33 48.89 5.59 44.21
N LEU A 34 49.38 4.48 43.66
CA LEU A 34 50.66 4.44 42.96
C LEU A 34 50.45 3.96 41.52
N LYS A 35 50.95 4.72 40.55
CA LYS A 35 50.73 4.40 39.14
C LYS A 35 51.83 3.49 38.60
N LEU A 36 51.45 2.27 38.20
CA LEU A 36 52.38 1.28 37.67
C LEU A 36 52.15 1.05 36.17
N LEU A 37 53.20 1.11 35.37
CA LEU A 37 53.09 0.84 33.94
C LEU A 37 53.44 -0.60 33.62
N LEU A 38 52.59 -1.27 32.84
CA LEU A 38 52.89 -2.60 32.31
C LEU A 38 53.32 -2.44 30.86
N LEU A 39 54.63 -2.48 30.60
CA LEU A 39 55.15 -2.31 29.25
C LEU A 39 55.68 -3.63 28.69
N GLY A 40 55.98 -3.64 27.39
CA GLY A 40 56.56 -4.82 26.74
C GLY A 40 56.41 -4.85 25.22
N THR A 41 56.99 -5.88 24.60
CA THR A 41 56.83 -6.12 23.17
C THR A 41 55.52 -6.86 22.92
N GLY A 42 55.21 -7.10 21.64
CA GLY A 42 53.98 -7.80 21.28
C GLY A 42 53.87 -9.16 21.93
N GLU A 43 52.69 -9.43 22.51
CA GLU A 43 52.34 -10.74 23.08
C GLU A 43 53.24 -11.23 24.22
N SER A 44 53.77 -10.31 25.02
CA SER A 44 54.59 -10.69 26.17
C SER A 44 53.73 -11.16 27.35
N GLY A 45 52.41 -11.01 27.25
CA GLY A 45 51.49 -11.46 28.29
C GLY A 45 51.20 -10.36 29.29
N LYS A 46 50.84 -9.19 28.77
CA LYS A 46 50.61 -8.00 29.61
C LYS A 46 49.16 -7.91 30.04
N SER A 47 48.24 -8.16 29.12
CA SER A 47 46.82 -8.14 29.44
C SER A 47 46.44 -9.34 30.31
N THR A 48 47.04 -10.50 30.04
CA THR A 48 46.81 -11.70 30.84
C THR A 48 47.19 -11.46 32.30
N PHE A 49 48.14 -10.54 32.52
CA PHE A 49 48.57 -10.17 33.87
C PHE A 49 47.48 -9.40 34.60
N ILE A 50 46.85 -8.45 33.92
CA ILE A 50 45.78 -7.63 34.51
C ILE A 50 44.56 -8.47 34.89
N LYS A 51 44.19 -9.38 34.00
CA LYS A 51 43.12 -10.33 34.26
C LYS A 51 43.39 -11.06 35.59
N GLN A 52 44.63 -11.47 35.82
CA GLN A 52 45.01 -12.11 37.08
C GLN A 52 44.89 -11.16 38.27
N MET A 53 45.29 -9.91 38.09
CA MET A 53 45.14 -8.90 39.14
C MET A 53 43.67 -8.63 39.42
N ARG A 54 42.84 -8.78 38.40
CA ARG A 54 41.39 -8.67 38.56
C ARG A 54 40.84 -9.91 39.28
N ILE A 55 41.41 -11.08 38.98
CA ILE A 55 41.05 -12.31 39.67
C ILE A 55 41.31 -12.22 41.17
N ILE A 56 42.49 -11.71 41.53
CA ILE A 56 42.95 -11.71 42.91
C ILE A 56 42.44 -10.51 43.71
N HIS A 57 42.80 -9.30 43.28
CA HIS A 57 42.52 -8.07 44.04
C HIS A 57 41.42 -7.22 43.46
N GLY A 58 40.75 -7.69 42.42
CA GLY A 58 39.67 -6.94 41.77
C GLY A 58 38.36 -7.72 41.79
N SER A 59 37.43 -7.31 40.93
CA SER A 59 36.14 -8.02 40.79
C SER A 59 36.32 -9.32 40.01
N GLY A 60 36.15 -10.46 40.69
CA GLY A 60 36.29 -11.76 40.06
C GLY A 60 35.32 -11.97 38.92
N TYR A 61 35.49 -13.08 38.20
CA TYR A 61 34.69 -13.36 37.00
C TYR A 61 33.37 -14.10 37.31
N SER A 62 32.26 -13.42 37.08
CA SER A 62 30.92 -13.99 37.25
C SER A 62 30.54 -14.78 36.01
N ASP A 63 29.51 -15.61 36.12
CA ASP A 63 29.04 -16.44 35.00
C ASP A 63 28.47 -15.61 33.85
N GLU A 64 28.00 -14.40 34.15
CA GLU A 64 27.66 -13.43 33.11
C GLU A 64 28.93 -13.03 32.36
N ASP A 65 29.99 -12.71 33.10
CA ASP A 65 31.26 -12.28 32.52
C ASP A 65 31.93 -13.41 31.74
N LYS A 66 31.83 -14.65 32.25
CA LYS A 66 32.47 -15.81 31.62
C LYS A 66 31.89 -16.15 30.25
N ARG A 67 30.59 -15.88 30.05
CA ARG A 67 29.93 -16.10 28.75
C ARG A 67 30.09 -14.91 27.80
N GLY A 68 30.65 -13.80 28.28
CA GLY A 68 31.02 -12.69 27.42
C GLY A 68 32.12 -13.09 26.46
N PHE A 69 33.00 -14.00 26.90
CA PHE A 69 34.13 -14.46 26.11
C PHE A 69 33.83 -15.71 25.28
N THR A 70 32.71 -16.38 25.56
CA THR A 70 32.36 -17.62 24.83
C THR A 70 32.37 -17.42 23.31
N LYS A 71 32.18 -16.18 22.86
CA LYS A 71 32.16 -15.82 21.44
C LYS A 71 33.58 -15.75 20.89
N LEU A 72 34.48 -15.23 21.73
CA LEU A 72 35.87 -15.05 21.35
C LEU A 72 36.61 -16.38 21.34
N VAL A 73 36.25 -17.28 22.25
CA VAL A 73 36.89 -18.60 22.31
C VAL A 73 36.69 -19.35 21.00
N TYR A 74 35.53 -19.16 20.37
CA TYR A 74 35.26 -19.74 19.06
C TYR A 74 36.16 -19.11 18.00
N GLN A 75 36.25 -17.79 18.03
CA GLN A 75 37.03 -17.03 17.04
C GLN A 75 38.55 -17.27 17.13
N ASN A 76 39.03 -17.66 18.32
CA ASN A 76 40.42 -18.08 18.49
C ASN A 76 40.72 -19.38 17.78
N ILE A 77 39.74 -20.28 17.70
CA ILE A 77 39.92 -21.57 17.06
C ILE A 77 40.04 -21.39 15.55
N PHE A 78 39.16 -20.57 14.98
CA PHE A 78 39.16 -20.28 13.53
C PHE A 78 40.40 -19.51 13.08
N THR A 79 40.74 -18.43 13.78
CA THR A 79 41.95 -17.65 13.49
C THR A 79 43.21 -18.51 13.63
N ALA A 80 43.21 -19.40 14.62
CA ALA A 80 44.31 -20.35 14.83
C ALA A 80 44.32 -21.45 13.76
N MET A 81 43.14 -21.82 13.26
CA MET A 81 43.04 -22.86 12.22
C MET A 81 43.20 -22.30 10.81
N GLN A 82 42.65 -21.11 10.55
CA GLN A 82 42.81 -20.46 9.25
C GLN A 82 44.29 -20.23 8.92
N ALA A 83 45.04 -19.75 9.90
CA ALA A 83 46.48 -19.53 9.76
C ALA A 83 47.25 -20.86 9.64
N MET A 84 46.67 -21.93 10.16
CA MET A 84 47.25 -23.28 10.06
C MET A 84 47.21 -23.78 8.61
N ILE A 85 46.05 -23.61 7.99
CA ILE A 85 45.83 -24.14 6.64
C ILE A 85 46.61 -23.34 5.61
N ARG A 86 46.85 -22.05 5.87
CA ARG A 86 47.67 -21.25 4.95
C ARG A 86 49.13 -21.69 4.98
N ALA A 87 49.58 -22.19 6.13
CA ALA A 87 50.94 -22.70 6.29
C ALA A 87 51.15 -24.02 5.56
N MET A 88 50.06 -24.76 5.33
CA MET A 88 50.10 -26.01 4.55
C MET A 88 50.38 -25.72 3.08
N ASP A 89 50.04 -24.50 2.64
CA ASP A 89 50.33 -24.06 1.29
C ASP A 89 51.67 -23.31 1.24
N THR A 90 51.95 -22.50 2.27
CA THR A 90 53.20 -21.76 2.38
C THR A 90 54.40 -22.70 2.31
N LEU A 91 54.41 -23.70 3.19
CA LEU A 91 55.54 -24.62 3.31
C LEU A 91 55.40 -25.84 2.41
N LYS A 92 54.30 -25.89 1.64
CA LYS A 92 54.04 -26.97 0.69
C LYS A 92 53.92 -28.33 1.39
N ILE A 93 53.33 -28.32 2.58
CA ILE A 93 53.12 -29.53 3.38
C ILE A 93 51.88 -30.26 2.86
N PRO A 94 52.04 -31.52 2.42
CA PRO A 94 50.91 -32.27 1.87
C PRO A 94 49.98 -32.80 2.96
N TYR A 95 48.69 -32.88 2.66
CA TYR A 95 47.72 -33.48 3.57
C TYR A 95 47.82 -35.01 3.46
N LYS A 96 47.67 -35.71 4.57
CA LYS A 96 47.75 -37.18 4.57
C LYS A 96 46.44 -37.79 4.08
N TYR A 97 45.34 -37.47 4.76
CA TYR A 97 44.02 -37.94 4.37
C TYR A 97 43.40 -36.94 3.40
N GLU A 98 42.79 -37.45 2.32
CA GLU A 98 42.29 -36.57 1.25
C GLU A 98 40.88 -36.03 1.47
N HIS A 99 40.10 -36.65 2.36
CA HIS A 99 38.78 -36.13 2.70
C HIS A 99 38.84 -34.92 3.62
N ASN A 100 40.05 -34.58 4.08
CA ASN A 100 40.31 -33.31 4.79
C ASN A 100 40.47 -32.11 3.85
N LYS A 101 40.67 -32.37 2.56
CA LYS A 101 40.78 -31.30 1.56
C LYS A 101 39.44 -30.61 1.33
N ALA A 102 38.34 -31.35 1.47
CA ALA A 102 37.00 -30.77 1.40
C ALA A 102 36.71 -29.90 2.63
N HIS A 103 37.10 -30.40 3.80
CA HIS A 103 36.95 -29.65 5.06
C HIS A 103 37.86 -28.45 5.12
N ALA A 104 39.05 -28.57 4.55
CA ALA A 104 40.04 -27.48 4.55
C ALA A 104 39.58 -26.28 3.72
N GLN A 105 38.99 -26.55 2.56
CA GLN A 105 38.41 -25.50 1.71
C GLN A 105 37.25 -24.82 2.43
N LEU A 106 36.47 -25.61 3.16
CA LEU A 106 35.29 -25.13 3.89
C LEU A 106 35.64 -24.16 5.01
N VAL A 107 36.73 -24.45 5.73
CA VAL A 107 37.15 -23.63 6.87
C VAL A 107 37.79 -22.31 6.42
N ARG A 108 38.65 -22.38 5.40
CA ARG A 108 39.28 -21.19 4.83
C ARG A 108 38.25 -20.10 4.49
N GLU A 109 37.21 -20.49 3.77
CA GLU A 109 36.23 -19.55 3.24
C GLU A 109 35.25 -19.01 4.28
N VAL A 110 35.33 -19.50 5.52
CA VAL A 110 34.53 -18.94 6.61
C VAL A 110 35.12 -17.59 7.02
N ASP A 111 34.25 -16.61 7.26
CA ASP A 111 34.70 -15.33 7.80
C ASP A 111 35.11 -15.54 9.25
N VAL A 112 36.18 -14.85 9.67
CA VAL A 112 36.67 -14.94 11.05
C VAL A 112 35.85 -14.05 11.98
N GLU A 113 35.50 -12.86 11.50
CA GLU A 113 34.88 -11.82 12.33
C GLU A 113 33.46 -12.17 12.77
N LYS A 114 32.62 -12.61 11.83
CA LYS A 114 31.25 -12.99 12.14
C LYS A 114 31.16 -14.46 12.53
N VAL A 115 31.54 -14.79 13.76
CA VAL A 115 31.41 -16.16 14.27
C VAL A 115 30.90 -16.14 15.71
N SER A 116 29.62 -16.46 15.86
CA SER A 116 28.98 -16.56 17.17
C SER A 116 28.71 -18.01 17.56
N ALA A 117 28.17 -18.78 16.62
CA ALA A 117 27.81 -20.19 16.86
C ALA A 117 28.97 -21.13 16.54
N PHE A 118 28.79 -22.40 16.92
CA PHE A 118 29.78 -23.44 16.68
C PHE A 118 29.04 -24.77 16.54
N GLU A 119 28.85 -25.22 15.30
CA GLU A 119 27.84 -26.24 14.97
C GLU A 119 28.39 -27.40 14.12
N ASN A 120 27.49 -28.33 13.77
CA ASN A 120 27.83 -29.53 12.97
C ASN A 120 28.70 -29.28 11.74
N PRO A 121 28.29 -28.35 10.85
CA PRO A 121 29.04 -28.11 9.61
C PRO A 121 30.55 -27.91 9.79
N TYR A 122 30.95 -27.28 10.89
CA TYR A 122 32.36 -26.93 11.11
C TYR A 122 33.04 -27.69 12.24
N VAL A 123 32.33 -27.90 13.35
CA VAL A 123 32.90 -28.60 14.51
C VAL A 123 33.47 -29.97 14.12
N ASP A 124 32.72 -30.70 13.30
CA ASP A 124 33.17 -31.99 12.77
C ASP A 124 34.39 -31.80 11.85
N ALA A 125 34.36 -30.75 11.04
CA ALA A 125 35.45 -30.46 10.10
C ALA A 125 36.75 -30.10 10.81
N ILE A 126 36.68 -29.22 11.81
CA ILE A 126 37.88 -28.76 12.53
C ILE A 126 38.53 -29.89 13.34
N LYS A 127 37.68 -30.67 14.03
CA LYS A 127 38.13 -31.90 14.68
C LYS A 127 38.96 -32.74 13.71
N SER A 128 38.39 -32.95 12.53
CA SER A 128 39.02 -33.77 11.48
C SER A 128 40.39 -33.22 11.05
N LEU A 129 40.48 -31.91 10.90
CA LEU A 129 41.72 -31.27 10.43
C LEU A 129 42.85 -31.36 11.47
N TRP A 130 42.50 -31.36 12.75
CA TRP A 130 43.49 -31.40 13.82
C TRP A 130 44.17 -32.75 13.96
N ASN A 131 43.53 -33.81 13.44
CA ASN A 131 44.08 -35.18 13.50
C ASN A 131 44.94 -35.56 12.29
N ASP A 132 45.03 -34.67 11.31
CA ASP A 132 45.84 -34.90 10.13
C ASP A 132 47.32 -34.78 10.51
N PRO A 133 48.15 -35.80 10.16
CA PRO A 133 49.60 -35.71 10.41
C PRO A 133 50.27 -34.46 9.82
N GLY A 134 49.85 -34.08 8.60
CA GLY A 134 50.37 -32.87 7.94
C GLY A 134 50.12 -31.61 8.73
N ILE A 135 48.94 -31.53 9.36
CA ILE A 135 48.58 -30.40 10.22
C ILE A 135 49.38 -30.41 11.52
N GLN A 136 49.60 -31.60 12.11
CA GLN A 136 50.40 -31.72 13.32
C GLN A 136 51.88 -31.43 13.08
N GLU A 137 52.38 -31.85 11.92
CA GLU A 137 53.73 -31.52 11.50
C GLU A 137 53.84 -30.00 11.37
N CYS A 138 52.77 -29.37 10.93
CA CYS A 138 52.68 -27.92 10.80
C CYS A 138 52.76 -27.22 12.18
N TYR A 139 52.10 -27.78 13.19
CA TYR A 139 52.12 -27.20 14.54
C TYR A 139 53.54 -27.15 15.12
N ASP A 140 54.36 -28.16 14.82
CA ASP A 140 55.75 -28.18 15.27
C ASP A 140 56.56 -27.04 14.64
N ARG A 141 56.23 -26.69 13.41
CA ARG A 141 56.93 -25.64 12.67
C ARG A 141 56.22 -24.28 12.79
N ARG A 142 55.52 -24.05 13.91
CA ARG A 142 54.74 -22.82 14.09
C ARG A 142 55.63 -21.62 14.42
N ARG A 143 56.91 -21.87 14.70
CA ARG A 143 57.89 -20.80 14.85
C ARG A 143 58.19 -20.10 13.52
N GLU A 144 57.80 -20.71 12.40
CA GLU A 144 58.08 -20.20 11.07
C GLU A 144 57.03 -19.18 10.60
N TYR A 145 55.77 -19.44 10.92
CA TYR A 145 54.66 -18.51 10.66
C TYR A 145 54.12 -17.99 11.99
N GLN A 146 53.11 -17.13 11.96
CA GLN A 146 52.54 -16.57 13.19
C GLN A 146 51.33 -17.39 13.66
N LEU A 147 51.43 -17.91 14.89
CA LEU A 147 50.37 -18.72 15.49
C LEU A 147 50.40 -18.53 17.01
N SER A 148 49.26 -18.15 17.58
CA SER A 148 49.15 -17.87 19.01
C SER A 148 49.45 -19.11 19.88
N ASP A 149 49.94 -18.88 21.09
CA ASP A 149 50.38 -19.96 21.98
C ASP A 149 49.20 -20.79 22.51
N SER A 150 48.07 -20.12 22.72
CA SER A 150 46.87 -20.78 23.24
C SER A 150 46.27 -21.81 22.30
N THR A 151 46.71 -21.81 21.04
CA THR A 151 46.21 -22.76 20.03
C THR A 151 46.13 -24.19 20.55
N LYS A 152 47.25 -24.69 21.08
CA LYS A 152 47.33 -26.08 21.53
C LYS A 152 46.31 -26.37 22.63
N TYR A 153 46.18 -25.45 23.58
CA TYR A 153 45.23 -25.61 24.68
C TYR A 153 43.82 -25.88 24.17
N TYR A 154 43.37 -25.05 23.23
CA TYR A 154 41.96 -25.05 22.80
C TYR A 154 41.60 -26.21 21.86
N LEU A 155 42.46 -26.50 20.88
CA LEU A 155 42.17 -27.54 19.90
C LEU A 155 42.17 -28.95 20.50
N ASN A 156 42.82 -29.12 21.65
CA ASN A 156 42.77 -30.40 22.37
C ASN A 156 41.37 -30.73 22.85
N ASP A 157 40.71 -29.76 23.48
CA ASP A 157 39.36 -29.92 24.02
C ASP A 157 38.33 -29.19 23.16
N LEU A 158 38.28 -29.55 21.88
CA LEU A 158 37.25 -29.06 20.97
C LEU A 158 35.87 -29.61 21.34
N ASP A 159 35.85 -30.76 22.01
CA ASP A 159 34.60 -31.43 22.40
C ASP A 159 33.81 -30.62 23.44
N ARG A 160 34.52 -30.13 24.44
CA ARG A 160 33.93 -29.29 25.49
C ARG A 160 33.44 -27.97 24.92
N VAL A 161 34.15 -27.46 23.92
CA VAL A 161 33.78 -26.20 23.27
C VAL A 161 32.57 -26.37 22.34
N ALA A 162 32.48 -27.53 21.67
CA ALA A 162 31.38 -27.82 20.74
C ALA A 162 30.02 -27.97 21.42
N ASP A 163 30.05 -28.30 22.71
CA ASP A 163 28.84 -28.41 23.54
C ASP A 163 27.90 -27.21 23.34
N PRO A 164 26.58 -27.47 23.17
CA PRO A 164 25.57 -26.40 23.11
C PRO A 164 25.57 -25.44 24.30
N SER A 165 25.65 -25.98 25.52
CA SER A 165 25.66 -25.16 26.75
C SER A 165 27.07 -25.05 27.35
N TYR A 166 28.00 -24.53 26.53
CA TYR A 166 29.40 -24.37 26.94
C TYR A 166 29.65 -23.01 27.57
N LEU A 167 30.17 -23.00 28.78
CA LEU A 167 30.54 -21.78 29.48
C LEU A 167 31.98 -21.91 29.96
N PRO A 168 32.91 -21.13 29.35
CA PRO A 168 34.34 -21.26 29.67
C PRO A 168 34.65 -20.96 31.14
N THR A 169 35.54 -21.76 31.74
CA THR A 169 35.98 -21.52 33.11
C THR A 169 36.96 -20.36 33.16
N GLN A 170 37.29 -19.91 34.36
CA GLN A 170 38.22 -18.79 34.55
C GLN A 170 39.57 -19.06 33.86
N GLN A 171 40.02 -20.32 33.93
CA GLN A 171 41.22 -20.76 33.22
C GLN A 171 41.10 -20.46 31.72
N ASP A 172 39.94 -20.73 31.14
CA ASP A 172 39.70 -20.52 29.71
C ASP A 172 39.74 -19.05 29.31
N VAL A 173 39.40 -18.16 30.24
CA VAL A 173 39.35 -16.73 29.93
C VAL A 173 40.70 -16.04 30.01
N LEU A 174 41.66 -16.66 30.71
CA LEU A 174 43.04 -16.17 30.71
C LEU A 174 43.71 -16.45 29.37
N ARG A 175 43.34 -17.57 28.76
CA ARG A 175 44.00 -18.08 27.54
C ARG A 175 43.53 -17.41 26.25
N VAL A 176 42.38 -16.72 26.28
CA VAL A 176 41.86 -16.07 25.07
C VAL A 176 42.87 -15.06 24.54
N ARG A 177 42.88 -14.89 23.23
CA ARG A 177 43.80 -13.94 22.58
C ARG A 177 43.02 -12.75 22.02
N VAL A 178 42.92 -11.71 22.84
CA VAL A 178 42.30 -10.45 22.44
C VAL A 178 43.36 -9.36 22.53
N PRO A 179 43.85 -8.88 21.38
CA PRO A 179 44.99 -7.96 21.40
C PRO A 179 44.63 -6.55 21.87
N THR A 180 45.41 -6.01 22.82
CA THR A 180 45.13 -4.71 23.41
C THR A 180 45.64 -3.58 22.53
N THR A 181 44.94 -2.45 22.57
CA THR A 181 45.27 -1.29 21.77
C THR A 181 45.00 -0.01 22.57
N GLY A 182 45.91 0.96 22.45
CA GLY A 182 45.76 2.24 23.14
C GLY A 182 46.37 2.23 24.53
N ILE A 183 45.69 2.89 25.48
CA ILE A 183 46.14 3.00 26.87
C ILE A 183 44.95 2.99 27.83
N ILE A 184 44.79 1.92 28.60
CA ILE A 184 43.69 1.81 29.54
C ILE A 184 44.22 1.74 30.97
N GLU A 185 43.47 2.30 31.93
CA GLU A 185 43.93 2.41 33.32
C GLU A 185 43.04 1.63 34.30
N TYR A 186 43.45 0.42 34.66
CA TYR A 186 42.72 -0.41 35.64
C TYR A 186 43.26 -0.18 37.05
N PRO A 187 42.42 0.36 37.95
CA PRO A 187 42.86 0.52 39.33
C PRO A 187 42.47 -0.69 40.17
N PHE A 188 43.26 -0.98 41.19
CA PHE A 188 42.94 -2.05 42.14
C PHE A 188 43.21 -1.57 43.57
N ASP A 189 42.38 -2.01 44.50
CA ASP A 189 42.56 -1.71 45.92
C ASP A 189 43.23 -2.89 46.63
N LEU A 190 44.37 -2.63 47.25
CA LEU A 190 45.07 -3.63 48.06
C LEU A 190 45.05 -3.22 49.53
N GLN A 191 43.83 -3.02 50.04
CA GLN A 191 43.56 -2.65 51.44
C GLN A 191 44.24 -1.35 51.89
N SER A 192 45.57 -1.40 52.04
CA SER A 192 46.33 -0.26 52.58
C SER A 192 46.84 0.71 51.51
N VAL A 193 46.72 0.33 50.24
CA VAL A 193 47.19 1.19 49.15
C VAL A 193 46.52 0.82 47.82
N ILE A 194 46.25 1.83 46.99
CA ILE A 194 45.63 1.63 45.69
C ILE A 194 46.69 1.51 44.61
N PHE A 195 46.52 0.55 43.70
CA PHE A 195 47.43 0.38 42.57
C PHE A 195 46.72 0.74 41.27
N ARG A 196 47.13 1.84 40.67
CA ARG A 196 46.63 2.21 39.35
C ARG A 196 47.57 1.62 38.29
N MET A 197 47.10 0.59 37.59
CA MET A 197 47.93 -0.17 36.66
C MET A 197 47.57 0.08 35.19
N VAL A 198 48.47 0.76 34.48
CA VAL A 198 48.26 1.15 33.10
C VAL A 198 48.71 0.05 32.14
N ASP A 199 47.76 -0.53 31.42
CA ASP A 199 48.04 -1.51 30.36
C ASP A 199 48.13 -0.77 29.03
N VAL A 200 49.10 -1.16 28.19
CA VAL A 200 49.30 -0.52 26.90
C VAL A 200 49.48 -1.56 25.80
N GLY A 201 49.46 -1.10 24.56
CA GLY A 201 49.70 -1.97 23.40
C GLY A 201 51.18 -2.28 23.25
N GLY A 202 51.47 -3.45 22.67
CA GLY A 202 52.84 -3.96 22.62
C GLY A 202 53.56 -3.76 21.30
N GLN A 203 52.79 -3.67 20.20
CA GLN A 203 53.38 -3.58 18.86
C GLN A 203 53.90 -2.17 18.57
N ARG A 204 54.60 -2.03 17.45
CA ARG A 204 55.29 -0.77 17.10
C ARG A 204 54.37 0.44 16.92
N SER A 205 53.20 0.24 16.31
CA SER A 205 52.22 1.31 16.15
C SER A 205 51.78 1.88 17.49
N GLU A 206 51.70 1.00 18.49
CA GLU A 206 51.14 1.33 19.81
C GLU A 206 52.16 2.00 20.73
N ARG A 207 53.45 1.87 20.44
CA ARG A 207 54.51 2.43 21.29
C ARG A 207 54.62 3.94 21.18
N ARG A 208 54.31 4.47 20.00
CA ARG A 208 54.25 5.91 19.78
C ARG A 208 53.30 6.55 20.79
N LYS A 209 52.22 5.85 21.10
CA LYS A 209 51.19 6.33 22.02
C LYS A 209 51.71 6.44 23.46
N TRP A 210 52.44 5.43 23.91
CA TRP A 210 52.92 5.33 25.29
C TRP A 210 53.17 6.65 25.98
N ILE A 211 53.89 7.54 25.31
CA ILE A 211 54.30 8.83 25.89
C ILE A 211 53.24 9.49 26.75
N HIS A 212 51.98 9.36 26.36
CA HIS A 212 50.88 10.06 27.03
C HIS A 212 50.53 9.58 28.41
N CYS A 213 51.26 8.58 28.94
CA CYS A 213 51.00 8.11 30.31
C CYS A 213 52.26 7.94 31.17
N PHE A 214 53.35 8.64 30.82
CA PHE A 214 54.61 8.51 31.58
C PHE A 214 54.70 9.41 32.82
N GLU A 215 53.86 10.44 32.91
CA GLU A 215 53.94 11.40 34.02
C GLU A 215 53.49 10.77 35.35
N ASN A 216 54.23 11.06 36.42
CA ASN A 216 53.95 10.53 37.76
C ASN A 216 53.88 9.01 37.83
N VAL A 217 54.91 8.36 37.27
CA VAL A 217 55.03 6.89 37.30
C VAL A 217 55.86 6.46 38.51
N THR A 218 55.32 5.49 39.26
CA THR A 218 55.96 5.01 40.47
C THR A 218 56.90 3.84 40.18
N SER A 219 56.47 2.96 39.27
CA SER A 219 57.25 1.77 38.92
C SER A 219 56.93 1.31 37.50
N ILE A 220 57.81 0.47 36.96
CA ILE A 220 57.67 -0.05 35.61
C ILE A 220 57.80 -1.57 35.63
N MET A 221 56.66 -2.25 35.59
CA MET A 221 56.64 -3.70 35.47
C MET A 221 56.81 -4.06 34.00
N PHE A 222 58.07 -4.20 33.59
CA PHE A 222 58.37 -4.60 32.21
C PHE A 222 58.11 -6.10 32.06
N LEU A 223 57.63 -6.50 30.88
CA LEU A 223 57.26 -7.89 30.61
C LEU A 223 57.93 -8.45 29.33
N VAL A 224 58.73 -9.49 29.54
CA VAL A 224 59.38 -10.24 28.47
C VAL A 224 58.82 -11.65 28.45
N ALA A 225 58.73 -12.25 27.26
CA ALA A 225 58.31 -13.64 27.13
C ALA A 225 59.52 -14.52 26.84
N LEU A 226 59.79 -15.49 27.70
CA LEU A 226 60.99 -16.31 27.57
C LEU A 226 61.01 -17.08 26.25
N SER A 227 59.86 -17.60 25.84
CA SER A 227 59.76 -18.41 24.62
C SER A 227 59.84 -17.59 23.31
N GLU A 228 60.21 -16.31 23.41
CA GLU A 228 60.40 -15.45 22.25
C GLU A 228 61.72 -15.69 21.51
N TYR A 229 62.64 -16.43 22.13
CA TYR A 229 64.04 -16.47 21.66
C TYR A 229 64.28 -16.98 20.23
N ASP A 230 63.37 -17.80 19.70
CA ASP A 230 63.47 -18.27 18.31
C ASP A 230 62.47 -17.61 17.35
N GLN A 231 61.37 -17.07 17.89
CA GLN A 231 60.32 -16.47 17.06
C GLN A 231 60.71 -15.12 16.47
N VAL A 232 59.99 -14.73 15.42
CA VAL A 232 60.17 -13.43 14.78
C VAL A 232 58.94 -12.56 15.01
N LEU A 233 59.13 -11.24 14.96
CA LEU A 233 58.04 -10.29 15.15
C LEU A 233 56.96 -10.42 14.07
N VAL A 234 55.71 -10.28 14.48
CA VAL A 234 54.61 -10.24 13.53
C VAL A 234 54.65 -8.93 12.74
N GLU A 235 55.03 -7.84 13.42
CA GLU A 235 55.11 -6.51 12.80
C GLU A 235 56.25 -6.39 11.77
N SER A 236 57.33 -7.14 11.96
CA SER A 236 58.40 -7.24 10.98
C SER A 236 59.01 -8.64 11.00
N ASP A 237 58.69 -9.45 9.99
CA ASP A 237 59.11 -10.87 9.94
C ASP A 237 60.62 -11.07 9.75
N ASN A 238 61.40 -10.00 9.85
CA ASN A 238 62.82 -10.05 9.57
C ASN A 238 63.68 -9.92 10.83
N GLU A 239 63.08 -10.02 12.01
CA GLU A 239 63.78 -9.77 13.27
C GLU A 239 63.34 -10.66 14.42
N ASN A 240 64.27 -10.88 15.35
CA ASN A 240 64.03 -11.73 16.51
C ASN A 240 63.22 -11.01 17.58
N ARG A 241 62.27 -11.71 18.19
CA ARG A 241 61.40 -11.14 19.22
C ARG A 241 62.13 -10.82 20.53
N MET A 242 62.99 -11.74 20.95
CA MET A 242 63.77 -11.57 22.19
C MET A 242 64.70 -10.37 22.08
N GLU A 243 65.26 -10.13 20.89
CA GLU A 243 66.18 -9.00 20.68
C GLU A 243 65.47 -7.64 20.77
N GLU A 244 64.20 -7.60 20.39
CA GLU A 244 63.38 -6.39 20.57
C GLU A 244 63.18 -6.13 22.06
N SER A 245 62.65 -7.14 22.78
CA SER A 245 62.46 -7.04 24.23
C SER A 245 63.72 -6.53 24.91
N LYS A 246 64.85 -7.14 24.54
CA LYS A 246 66.14 -6.74 25.07
C LYS A 246 66.40 -5.25 24.88
N ALA A 247 66.15 -4.76 23.65
CA ALA A 247 66.43 -3.36 23.29
C ALA A 247 65.35 -2.40 23.78
N LEU A 248 64.10 -2.84 23.76
CA LEU A 248 62.98 -2.02 24.24
C LEU A 248 63.09 -1.79 25.75
N PHE A 249 63.71 -2.74 26.44
CA PHE A 249 64.00 -2.58 27.85
C PHE A 249 65.11 -1.54 28.03
N ARG A 250 66.23 -1.78 27.35
CA ARG A 250 67.36 -0.86 27.32
C ARG A 250 66.90 0.59 27.16
N THR A 251 65.96 0.81 26.25
CA THR A 251 65.44 2.14 25.97
C THR A 251 64.75 2.75 27.18
N ILE A 252 63.77 2.04 27.74
CA ILE A 252 62.97 2.60 28.84
C ILE A 252 63.79 2.83 30.11
N ILE A 253 64.88 2.09 30.30
CA ILE A 253 65.76 2.27 31.46
C ILE A 253 66.55 3.59 31.38
N THR A 254 66.88 4.01 30.16
CA THR A 254 67.61 5.25 29.92
C THR A 254 66.78 6.50 30.19
N TYR A 255 65.47 6.40 30.02
CA TYR A 255 64.57 7.56 30.00
C TYR A 255 64.66 8.44 31.26
N PRO A 256 64.72 9.78 31.08
CA PRO A 256 64.76 10.76 32.17
C PRO A 256 63.56 10.66 33.10
N TRP A 257 62.38 10.48 32.50
CA TRP A 257 61.14 10.28 33.24
C TRP A 257 61.33 9.46 34.47
N PHE A 258 61.85 8.25 34.29
CA PHE A 258 61.82 7.21 35.33
C PHE A 258 63.09 7.19 36.18
N GLN A 259 63.57 8.37 36.56
CA GLN A 259 64.78 8.48 37.36
C GLN A 259 64.62 7.80 38.74
N ASN A 260 63.66 8.29 39.53
CA ASN A 260 63.40 7.73 40.86
C ASN A 260 62.22 6.74 40.85
N SER A 261 62.17 5.92 39.80
CA SER A 261 61.15 4.90 39.68
C SER A 261 61.83 3.55 39.75
N SER A 262 61.23 2.62 40.48
CA SER A 262 61.73 1.25 40.57
C SER A 262 61.47 0.54 39.25
N VAL A 263 62.29 -0.46 38.94
CA VAL A 263 62.10 -1.28 37.74
C VAL A 263 61.97 -2.76 38.10
N ILE A 264 60.87 -3.36 37.65
CA ILE A 264 60.57 -4.76 37.93
C ILE A 264 60.48 -5.53 36.61
N LEU A 265 61.31 -6.55 36.45
CA LEU A 265 61.43 -7.31 35.21
C LEU A 265 60.77 -8.69 35.35
N PHE A 266 59.60 -8.85 34.75
CA PHE A 266 58.92 -10.16 34.73
C PHE A 266 59.34 -10.98 33.51
N LEU A 267 60.09 -12.06 33.75
CA LEU A 267 60.46 -12.99 32.67
C LEU A 267 59.36 -14.03 32.54
N ASN A 268 58.38 -13.74 31.69
CA ASN A 268 57.10 -14.46 31.63
C ASN A 268 57.10 -15.64 30.66
N LYS A 269 56.02 -16.43 30.69
CA LYS A 269 55.85 -17.62 29.86
C LYS A 269 56.97 -18.62 30.13
N LYS A 270 57.28 -18.78 31.41
CA LYS A 270 58.36 -19.64 31.86
C LYS A 270 58.08 -21.11 31.55
N ASP A 271 56.80 -21.50 31.57
CA ASP A 271 56.40 -22.88 31.28
C ASP A 271 56.76 -23.30 29.86
N LEU A 272 56.49 -22.40 28.91
CA LEU A 272 56.72 -22.66 27.50
C LEU A 272 58.20 -22.69 27.16
N LEU A 273 59.04 -22.14 28.03
CA LEU A 273 60.48 -22.23 27.86
C LEU A 273 60.99 -23.65 28.13
N GLU A 274 60.42 -24.32 29.13
CA GLU A 274 60.82 -25.71 29.43
C GLU A 274 60.40 -26.66 28.30
N GLU A 275 59.26 -26.37 27.67
CA GLU A 275 58.79 -27.13 26.51
C GLU A 275 59.68 -26.90 25.29
N LYS A 276 59.91 -25.63 24.97
CA LYS A 276 60.61 -25.27 23.73
C LYS A 276 62.12 -25.48 23.79
N ILE A 277 62.67 -25.66 24.99
CA ILE A 277 64.11 -25.87 25.16
C ILE A 277 64.55 -27.29 24.82
N MET A 278 63.68 -28.27 25.06
CA MET A 278 64.00 -29.68 24.81
C MET A 278 64.05 -30.08 23.32
N TYR A 279 63.81 -29.14 22.40
CA TYR A 279 64.08 -29.38 20.97
C TYR A 279 64.75 -28.18 20.25
N SER A 280 64.25 -26.96 20.47
CA SER A 280 64.91 -25.75 19.97
C SER A 280 65.98 -25.28 20.95
N HIS A 281 67.19 -25.02 20.47
CA HIS A 281 68.31 -24.70 21.35
C HIS A 281 68.53 -23.22 21.51
N LEU A 282 68.95 -22.81 22.70
CA LEU A 282 69.26 -21.40 22.97
C LEU A 282 70.63 -21.03 22.39
N VAL A 283 71.49 -22.03 22.24
CA VAL A 283 72.83 -21.82 21.67
C VAL A 283 72.72 -21.37 20.20
N ASP A 284 71.65 -21.78 19.53
CA ASP A 284 71.40 -21.41 18.14
C ASP A 284 71.20 -19.91 17.94
N TYR A 285 70.28 -19.32 18.71
CA TYR A 285 69.82 -17.94 18.46
C TYR A 285 70.58 -16.88 19.27
N PHE A 286 71.17 -17.29 20.39
CA PHE A 286 72.03 -16.40 21.18
C PHE A 286 73.38 -17.09 21.43
N PRO A 287 74.29 -17.00 20.43
CA PRO A 287 75.57 -17.73 20.39
C PRO A 287 76.36 -17.79 21.70
N GLU A 288 76.53 -16.64 22.35
CA GLU A 288 77.43 -16.56 23.52
C GLU A 288 76.82 -17.13 24.81
N TYR A 289 76.21 -18.31 24.70
CA TYR A 289 75.63 -19.02 25.84
C TYR A 289 76.50 -20.24 26.15
N ASP A 290 77.26 -20.15 27.24
CA ASP A 290 78.21 -21.20 27.61
C ASP A 290 77.58 -22.36 28.38
N GLY A 291 76.33 -22.20 28.79
CA GLY A 291 75.63 -23.22 29.58
C GLY A 291 75.20 -24.43 28.76
N PRO A 292 74.73 -25.48 29.43
CA PRO A 292 74.29 -26.71 28.77
C PRO A 292 73.13 -26.52 27.78
N GLN A 293 73.00 -27.45 26.83
CA GLN A 293 71.91 -27.43 25.88
C GLN A 293 70.69 -28.12 26.50
N ARG A 294 69.51 -27.79 25.98
CA ARG A 294 68.25 -28.37 26.47
C ARG A 294 68.05 -28.12 27.97
N ASP A 295 68.42 -26.91 28.40
CA ASP A 295 68.51 -26.56 29.82
C ASP A 295 67.31 -25.73 30.26
N ALA A 296 66.51 -26.28 31.17
CA ALA A 296 65.42 -25.54 31.80
C ALA A 296 65.98 -24.41 32.66
N GLN A 297 66.93 -24.76 33.54
CA GLN A 297 67.47 -23.84 34.54
C GLN A 297 68.36 -22.73 33.93
N ALA A 298 69.61 -23.07 33.61
CA ALA A 298 70.62 -22.08 33.20
C ALA A 298 70.26 -21.27 31.95
N ALA A 299 69.42 -21.82 31.08
CA ALA A 299 68.90 -21.10 29.92
C ALA A 299 68.01 -19.96 30.38
N ARG A 300 67.28 -20.19 31.47
CA ARG A 300 66.50 -19.14 32.12
C ARG A 300 67.44 -18.10 32.71
N GLU A 301 68.50 -18.58 33.38
CA GLU A 301 69.45 -17.71 34.09
C GLU A 301 70.31 -16.87 33.15
N PHE A 302 70.65 -17.40 31.98
CA PHE A 302 71.40 -16.65 30.98
C PHE A 302 70.57 -15.48 30.47
N ILE A 303 69.27 -15.70 30.31
CA ILE A 303 68.36 -14.65 29.87
C ILE A 303 68.24 -13.56 30.93
N LEU A 304 67.99 -13.97 32.17
CA LEU A 304 67.88 -13.03 33.30
C LEU A 304 69.07 -12.05 33.33
N LYS A 305 70.28 -12.59 33.34
CA LYS A 305 71.48 -11.77 33.44
C LYS A 305 71.71 -10.95 32.17
N MET A 306 71.18 -11.43 31.04
CA MET A 306 71.31 -10.70 29.77
C MET A 306 70.61 -9.34 29.86
N PHE A 307 69.49 -9.30 30.58
CA PHE A 307 68.73 -8.06 30.77
C PHE A 307 69.27 -7.21 31.92
N VAL A 308 69.67 -7.87 33.01
CA VAL A 308 70.16 -7.16 34.21
C VAL A 308 71.57 -6.58 33.99
N ASP A 309 72.28 -7.05 32.97
CA ASP A 309 73.61 -6.52 32.63
C ASP A 309 73.53 -5.32 31.66
N LEU A 310 72.44 -5.23 30.90
CA LEU A 310 72.13 -3.99 30.17
C LEU A 310 71.54 -2.97 31.15
N ASN A 311 72.40 -2.45 32.02
CA ASN A 311 72.02 -1.50 33.06
C ASN A 311 73.03 -0.35 33.08
N PRO A 312 72.65 0.82 32.53
CA PRO A 312 73.55 1.98 32.53
C PRO A 312 73.68 2.62 33.91
N ASP A 313 72.58 2.63 34.67
CA ASP A 313 72.60 3.09 36.06
C ASP A 313 73.21 1.99 36.93
N SER A 314 74.43 2.21 37.42
CA SER A 314 75.13 1.22 38.27
C SER A 314 74.53 1.11 39.67
N ASP A 315 73.57 1.98 39.99
CA ASP A 315 72.92 1.97 41.30
C ASP A 315 71.47 1.49 41.29
N LYS A 316 70.81 1.49 40.12
CA LYS A 316 69.44 0.99 40.02
C LYS A 316 69.40 -0.53 40.15
N ILE A 317 68.90 -1.00 41.30
CA ILE A 317 68.74 -2.42 41.57
C ILE A 317 67.44 -2.92 40.92
N ILE A 318 67.58 -3.74 39.87
CA ILE A 318 66.44 -4.26 39.10
C ILE A 318 65.86 -5.54 39.73
N TYR A 319 64.66 -5.42 40.32
CA TYR A 319 64.02 -6.55 41.00
C TYR A 319 63.31 -7.45 39.99
N SER A 320 63.76 -8.71 39.85
CA SER A 320 63.27 -9.61 38.79
C SER A 320 62.68 -10.92 39.31
N HIS A 321 61.54 -11.30 38.74
CA HIS A 321 60.89 -12.60 39.01
C HIS A 321 60.52 -13.27 37.71
N PHE A 322 60.80 -14.57 37.62
CA PHE A 322 60.26 -15.40 36.54
C PHE A 322 58.78 -15.61 36.87
N THR A 323 57.93 -15.64 35.85
CA THR A 323 56.48 -15.78 36.10
C THR A 323 55.79 -16.66 35.09
N CYS A 324 54.58 -17.07 35.45
CA CYS A 324 53.66 -17.75 34.53
C CYS A 324 52.31 -17.03 34.62
N ALA A 325 51.93 -16.33 33.55
CA ALA A 325 50.79 -15.41 33.57
C ALA A 325 49.43 -16.08 33.50
N THR A 326 49.38 -17.34 33.07
CA THR A 326 48.12 -18.10 33.01
C THR A 326 47.80 -18.83 34.32
N ASP A 327 48.81 -18.97 35.19
CA ASP A 327 48.64 -19.57 36.51
C ASP A 327 48.25 -18.48 37.51
N THR A 328 47.07 -18.63 38.12
CA THR A 328 46.59 -17.67 39.12
C THR A 328 47.42 -17.69 40.40
N GLU A 329 47.90 -18.88 40.75
CA GLU A 329 48.57 -19.09 42.04
C GLU A 329 50.06 -18.78 42.00
N ASN A 330 50.62 -18.64 40.81
CA ASN A 330 51.99 -18.18 40.67
C ASN A 330 52.05 -16.68 40.89
N ILE A 331 51.03 -15.97 40.40
CA ILE A 331 50.99 -14.52 40.46
C ILE A 331 50.75 -14.00 41.89
N ARG A 332 49.98 -14.72 42.68
CA ARG A 332 49.78 -14.33 44.08
C ARG A 332 51.10 -14.31 44.84
N PHE A 333 51.92 -15.35 44.63
CA PHE A 333 53.24 -15.45 45.24
C PHE A 333 54.12 -14.30 44.76
N VAL A 334 54.26 -14.18 43.44
CA VAL A 334 55.10 -13.15 42.83
C VAL A 334 54.63 -11.73 43.16
N PHE A 335 53.32 -11.50 43.13
CA PHE A 335 52.78 -10.17 43.38
C PHE A 335 52.79 -9.78 44.85
N ALA A 336 52.77 -10.78 45.74
CA ALA A 336 52.91 -10.53 47.17
C ALA A 336 54.26 -9.88 47.47
N ALA A 337 55.31 -10.41 46.86
CA ALA A 337 56.67 -9.88 47.03
C ALA A 337 56.84 -8.55 46.31
N VAL A 338 56.36 -8.48 45.08
CA VAL A 338 56.39 -7.23 44.31
C VAL A 338 55.61 -6.14 45.05
N LYS A 339 54.51 -6.52 45.69
CA LYS A 339 53.74 -5.60 46.53
C LYS A 339 54.60 -5.01 47.65
N ASP A 340 55.44 -5.85 48.26
CA ASP A 340 56.32 -5.41 49.35
C ASP A 340 57.50 -4.58 48.85
N THR A 341 58.20 -5.11 47.85
CA THR A 341 59.34 -4.43 47.25
C THR A 341 58.97 -2.99 46.90
N ILE A 342 57.78 -2.80 46.32
CA ILE A 342 57.27 -1.48 45.97
C ILE A 342 56.99 -0.63 47.20
N LEU A 343 56.14 -1.13 48.10
CA LEU A 343 55.72 -0.38 49.28
C LEU A 343 56.85 0.06 50.19
N GLN A 344 57.88 -0.78 50.31
CA GLN A 344 59.02 -0.48 51.17
C GLN A 344 60.02 0.49 50.53
N LEU A 345 59.89 0.70 49.22
CA LEU A 345 60.77 1.63 48.50
C LEU A 345 60.17 3.04 48.41
N ASN A 346 58.84 3.16 48.54
CA ASN A 346 58.15 4.46 48.45
C ASN A 346 57.83 5.07 49.81
N LEU A 347 57.32 4.24 50.72
CA LEU A 347 56.91 4.70 52.07
C LEU A 347 58.10 5.07 52.97
N LYS A 348 59.30 4.58 52.64
CA LYS A 348 60.53 4.92 53.35
C LYS A 348 61.68 5.17 52.38
N LEU B 12 24.37 -9.89 9.74
CA LEU B 12 23.57 -8.82 9.10
C LEU B 12 23.67 -7.50 9.91
N GLN B 13 24.72 -6.71 9.66
CA GLN B 13 24.86 -5.36 10.23
C GLN B 13 24.31 -4.33 9.25
N LEU B 14 25.07 -4.05 8.20
CA LEU B 14 24.71 -3.09 7.17
C LEU B 14 24.67 -3.81 5.84
N GLU B 15 23.53 -3.71 5.14
CA GLU B 15 23.37 -4.39 3.86
C GLU B 15 23.11 -3.38 2.75
N PRO B 16 23.67 -3.63 1.55
CA PRO B 16 23.35 -2.83 0.38
C PRO B 16 21.84 -2.77 0.15
N PRO B 17 21.34 -1.59 -0.22
CA PRO B 17 19.91 -1.41 -0.38
C PRO B 17 19.38 -2.15 -1.61
N THR B 18 18.98 -3.41 -1.43
CA THR B 18 18.42 -4.20 -2.52
C THR B 18 16.94 -3.85 -2.72
N VAL B 19 16.56 -3.63 -3.98
CA VAL B 19 15.19 -3.33 -4.35
C VAL B 19 14.54 -4.59 -4.90
N VAL B 20 13.59 -5.15 -4.15
CA VAL B 20 12.97 -6.43 -4.50
C VAL B 20 12.15 -6.37 -5.78
N GLU B 21 11.60 -7.51 -6.20
CA GLU B 21 10.97 -7.66 -7.51
C GLU B 21 9.87 -6.64 -7.82
N THR B 22 8.92 -6.49 -6.90
CA THR B 22 7.72 -5.67 -7.17
C THR B 22 8.05 -4.21 -7.48
N LEU B 23 9.02 -3.68 -6.75
CA LEU B 23 9.41 -2.27 -6.89
C LEU B 23 10.11 -2.02 -8.23
N ARG B 24 10.85 -3.00 -8.72
CA ARG B 24 11.55 -2.86 -10.00
C ARG B 24 10.58 -2.53 -11.13
N ARG B 25 9.73 -3.50 -11.47
CA ARG B 25 8.75 -3.34 -12.56
C ARG B 25 7.60 -2.43 -12.18
N GLY B 26 7.23 -2.45 -10.91
CA GLY B 26 6.31 -1.47 -10.36
C GLY B 26 4.84 -1.80 -10.53
N SER B 27 4.07 -1.57 -9.48
CA SER B 27 2.63 -1.82 -9.49
C SER B 27 1.88 -0.58 -9.98
N LYS B 28 0.55 -0.60 -9.93
CA LYS B 28 -0.28 0.51 -10.38
C LYS B 28 -0.84 1.28 -9.20
N PHE B 29 -0.89 2.60 -9.31
CA PHE B 29 -1.34 3.49 -8.24
C PHE B 29 -2.22 4.61 -8.79
N ILE B 30 -2.76 5.43 -7.89
CA ILE B 30 -3.47 6.65 -8.26
C ILE B 30 -2.94 7.83 -7.45
N LYS B 31 -2.14 8.69 -8.10
CA LYS B 31 -1.68 9.93 -7.47
C LYS B 31 -2.82 10.92 -7.39
N TRP B 32 -2.95 11.62 -6.27
CA TRP B 32 -4.01 12.60 -6.10
C TRP B 32 -3.54 13.81 -5.34
N ASP B 33 -4.01 14.98 -5.78
CA ASP B 33 -3.66 16.26 -5.18
C ASP B 33 -4.93 17.00 -4.75
N GLU B 34 -4.83 17.80 -3.69
CA GLU B 34 -5.98 18.55 -3.17
C GLU B 34 -6.14 19.92 -3.84
N GLU B 35 -5.10 20.74 -3.79
CA GLU B 35 -5.18 22.13 -4.27
C GLU B 35 -5.37 22.27 -5.78
N THR B 36 -4.98 21.24 -6.54
CA THR B 36 -5.18 21.21 -7.99
C THR B 36 -6.25 20.18 -8.41
N SER B 37 -6.85 19.50 -7.42
CA SER B 37 -7.94 18.54 -7.67
C SER B 37 -7.61 17.51 -8.75
N SER B 38 -6.42 16.92 -8.63
CA SER B 38 -5.93 15.93 -9.60
C SER B 38 -6.22 14.51 -9.12
N ARG B 39 -6.43 13.60 -10.06
CA ARG B 39 -6.68 12.19 -9.77
C ARG B 39 -6.15 11.33 -10.94
N ASN B 40 -4.83 11.19 -11.02
CA ASN B 40 -4.19 10.53 -12.16
C ASN B 40 -3.66 9.13 -11.84
N LEU B 41 -3.80 8.21 -12.79
CA LEU B 41 -3.17 6.89 -12.70
C LEU B 41 -1.67 7.05 -12.89
N VAL B 42 -0.90 6.22 -12.22
CA VAL B 42 0.56 6.24 -12.32
C VAL B 42 1.14 4.85 -12.05
N THR B 43 2.10 4.44 -12.88
CA THR B 43 2.84 3.20 -12.65
C THR B 43 4.11 3.54 -11.87
N LEU B 44 4.04 3.31 -10.56
CA LEU B 44 5.11 3.71 -9.64
C LEU B 44 6.28 2.75 -9.79
N ARG B 45 7.49 3.28 -9.96
CA ARG B 45 8.69 2.46 -10.21
C ARG B 45 9.94 2.99 -9.51
N VAL B 46 10.73 2.06 -8.97
CA VAL B 46 12.07 2.36 -8.40
C VAL B 46 13.12 1.63 -9.22
N ASP B 47 14.17 2.35 -9.63
CA ASP B 47 15.21 1.76 -10.47
C ASP B 47 16.06 0.74 -9.69
N PRO B 48 16.71 -0.20 -10.40
CA PRO B 48 17.51 -1.28 -9.79
C PRO B 48 18.48 -0.87 -8.69
N ASN B 49 19.27 0.18 -8.91
CA ASN B 49 20.31 0.59 -7.95
C ASN B 49 19.81 1.38 -6.73
N GLY B 50 18.53 1.75 -6.73
CA GLY B 50 17.91 2.40 -5.59
C GLY B 50 18.23 3.88 -5.49
N PHE B 51 18.12 4.56 -6.61
CA PHE B 51 18.39 6.01 -6.68
C PHE B 51 17.10 6.82 -6.64
N PHE B 52 16.21 6.56 -7.59
CA PHE B 52 15.04 7.40 -7.81
C PHE B 52 13.72 6.64 -7.82
N LEU B 53 12.65 7.37 -7.52
CA LEU B 53 11.28 6.90 -7.65
C LEU B 53 10.62 7.74 -8.74
N TYR B 54 10.23 7.11 -9.84
CA TYR B 54 9.74 7.83 -11.02
C TYR B 54 8.40 7.30 -11.52
N TRP B 55 7.76 8.10 -12.35
CA TRP B 55 6.50 7.69 -13.00
C TRP B 55 6.22 8.54 -14.22
N THR B 56 5.31 8.07 -15.07
CA THR B 56 4.88 8.83 -16.23
C THR B 56 3.88 9.88 -15.76
N GLY B 57 4.23 11.16 -15.96
CA GLY B 57 3.39 12.26 -15.52
C GLY B 57 2.21 12.50 -16.44
N PRO B 58 1.28 13.38 -16.02
CA PRO B 58 0.09 13.73 -16.84
C PRO B 58 0.44 14.43 -18.15
N ASN B 59 1.56 15.13 -18.16
CA ASN B 59 2.05 15.85 -19.35
C ASN B 59 2.80 14.95 -20.32
N MET B 60 2.94 13.67 -19.95
CA MET B 60 3.84 12.73 -20.61
C MET B 60 5.30 13.04 -20.26
N GLU B 61 5.48 13.68 -19.10
CA GLU B 61 6.81 14.01 -18.59
C GLU B 61 7.20 12.95 -17.56
N VAL B 62 8.50 12.65 -17.47
CA VAL B 62 8.99 11.70 -16.48
C VAL B 62 9.37 12.43 -15.19
N ASP B 63 8.45 12.44 -14.22
CA ASP B 63 8.65 13.12 -12.94
C ASP B 63 9.31 12.17 -11.94
N THR B 64 10.56 12.46 -11.61
CA THR B 64 11.37 11.63 -10.73
C THR B 64 11.45 12.22 -9.32
N LEU B 65 11.56 11.34 -8.32
CA LEU B 65 11.70 11.74 -6.92
C LEU B 65 12.96 11.13 -6.33
N ASP B 66 13.77 11.96 -5.69
CA ASP B 66 14.99 11.51 -5.06
C ASP B 66 14.67 10.68 -3.82
N ILE B 67 15.17 9.44 -3.78
CA ILE B 67 14.92 8.52 -2.66
C ILE B 67 15.59 8.99 -1.37
N SER B 68 16.77 9.58 -1.49
CA SER B 68 17.52 10.07 -0.33
C SER B 68 16.88 11.28 0.36
N SER B 69 15.86 11.86 -0.28
CA SER B 69 15.08 12.96 0.29
C SER B 69 13.76 12.49 0.93
N ILE B 70 13.48 11.19 0.88
CA ILE B 70 12.32 10.64 1.58
C ILE B 70 12.58 10.71 3.08
N ARG B 71 11.66 11.36 3.79
CA ARG B 71 11.74 11.50 5.25
C ARG B 71 10.97 10.40 5.96
N ASP B 72 9.79 10.07 5.43
CA ASP B 72 8.98 8.96 5.95
C ASP B 72 7.92 8.52 4.95
N THR B 73 7.54 7.25 5.03
CA THR B 73 6.44 6.71 4.24
C THR B 73 5.37 6.13 5.15
N ARG B 74 4.17 6.72 5.10
CA ARG B 74 3.07 6.35 5.98
C ARG B 74 2.05 5.48 5.26
N THR B 75 1.60 4.43 5.95
CA THR B 75 0.66 3.47 5.38
C THR B 75 -0.53 3.27 6.30
N GLY B 76 -1.71 3.14 5.69
CA GLY B 76 -2.92 2.80 6.44
C GLY B 76 -3.58 3.99 7.14
N ARG B 77 -4.04 3.73 8.37
CA ARG B 77 -4.65 4.76 9.19
C ARG B 77 -3.70 5.93 9.44
N TYR B 78 -2.42 5.62 9.59
CA TYR B 78 -1.38 6.64 9.76
C TYR B 78 -1.14 7.49 8.51
N ALA B 79 -1.55 6.96 7.35
CA ALA B 79 -1.42 7.70 6.10
C ALA B 79 -2.31 8.93 6.10
N ARG B 80 -1.95 9.91 5.28
CA ARG B 80 -2.73 11.13 5.14
C ARG B 80 -4.02 10.87 4.37
N LEU B 81 -5.12 11.41 4.88
CA LEU B 81 -6.44 11.28 4.25
C LEU B 81 -6.87 12.64 3.65
N PRO B 82 -7.67 12.60 2.58
CA PRO B 82 -8.13 13.84 1.91
C PRO B 82 -9.14 14.62 2.75
N LYS B 83 -9.08 15.95 2.68
CA LYS B 83 -9.96 16.82 3.48
C LYS B 83 -10.93 17.68 2.65
N ASP B 84 -10.97 17.46 1.33
CA ASP B 84 -12.02 18.04 0.49
C ASP B 84 -13.16 17.03 0.37
N PRO B 85 -14.42 17.50 0.44
CA PRO B 85 -15.56 16.57 0.33
C PRO B 85 -15.60 15.80 -0.99
N LYS B 86 -15.46 16.53 -2.11
CA LYS B 86 -15.59 15.93 -3.43
C LYS B 86 -14.45 14.97 -3.77
N ILE B 87 -13.26 15.23 -3.24
CA ILE B 87 -12.12 14.34 -3.41
C ILE B 87 -12.35 13.03 -2.66
N ARG B 88 -12.94 13.12 -1.47
CA ARG B 88 -13.28 11.94 -0.68
C ARG B 88 -14.19 10.97 -1.43
N GLU B 89 -15.25 11.51 -2.03
CA GLU B 89 -16.26 10.70 -2.73
C GLU B 89 -15.74 10.05 -4.01
N VAL B 90 -14.84 10.74 -4.72
CA VAL B 90 -14.29 10.23 -5.99
C VAL B 90 -13.29 9.10 -5.76
N LEU B 91 -12.75 9.00 -4.54
CA LEU B 91 -11.92 7.86 -4.15
C LEU B 91 -12.77 6.73 -3.58
N GLY B 92 -13.93 7.07 -3.03
CA GLY B 92 -14.92 6.09 -2.56
C GLY B 92 -15.00 5.96 -1.05
N PHE B 93 -14.78 7.06 -0.34
CA PHE B 93 -14.84 7.08 1.13
C PHE B 93 -16.28 7.13 1.64
N GLY B 94 -17.19 7.65 0.82
CA GLY B 94 -18.62 7.53 1.08
C GLY B 94 -19.20 6.31 0.38
N GLY B 95 -18.36 5.27 0.20
CA GLY B 95 -18.74 4.07 -0.54
C GLY B 95 -19.03 2.89 0.40
N PRO B 96 -18.86 1.65 -0.11
CA PRO B 96 -19.16 0.44 0.67
C PRO B 96 -18.01 -0.09 1.54
N ASP B 97 -16.84 -0.34 0.93
CA ASP B 97 -15.75 -1.08 1.59
C ASP B 97 -15.05 -0.31 2.74
N ALA B 98 -14.69 -1.05 3.78
CA ALA B 98 -13.78 -0.54 4.83
C ALA B 98 -12.35 -0.96 4.50
N ARG B 99 -12.07 -1.07 3.20
CA ARG B 99 -10.81 -1.57 2.67
C ARG B 99 -9.91 -0.42 2.19
N LEU B 100 -10.50 0.75 1.96
CA LEU B 100 -9.80 1.84 1.27
C LEU B 100 -8.62 2.43 2.05
N GLU B 101 -8.51 2.12 3.34
CA GLU B 101 -7.32 2.50 4.12
C GLU B 101 -6.12 1.56 3.87
N GLU B 102 -6.39 0.31 3.51
CA GLU B 102 -5.35 -0.69 3.28
C GLU B 102 -4.55 -0.44 2.00
N LYS B 103 -5.02 0.48 1.17
CA LYS B 103 -4.37 0.84 -0.09
C LYS B 103 -3.79 2.27 -0.09
N LEU B 104 -4.00 3.03 0.98
CA LEU B 104 -3.47 4.39 1.06
C LEU B 104 -1.98 4.41 1.43
N MET B 105 -1.22 5.25 0.72
CA MET B 105 0.19 5.45 1.02
C MET B 105 0.56 6.92 0.84
N THR B 106 1.20 7.50 1.86
CA THR B 106 1.66 8.88 1.84
C THR B 106 3.18 8.90 1.92
N VAL B 107 3.83 9.50 0.93
CA VAL B 107 5.28 9.60 0.90
C VAL B 107 5.71 11.03 1.15
N VAL B 108 6.22 11.29 2.35
CA VAL B 108 6.70 12.61 2.73
C VAL B 108 8.12 12.80 2.22
N SER B 109 8.38 13.96 1.62
CA SER B 109 9.68 14.26 1.07
C SER B 109 10.04 15.72 1.33
N GLY B 110 11.34 16.00 1.36
CA GLY B 110 11.83 17.37 1.54
C GLY B 110 13.29 17.40 1.95
N PRO B 111 13.91 18.59 1.88
CA PRO B 111 15.30 18.75 2.33
C PRO B 111 15.42 18.93 3.84
N ASP B 112 14.58 19.79 4.41
CA ASP B 112 14.55 20.06 5.84
C ASP B 112 13.17 19.70 6.40
N PRO B 113 13.01 19.66 7.74
CA PRO B 113 11.74 19.24 8.33
C PRO B 113 10.63 20.30 8.31
N VAL B 114 11.00 21.56 8.16
CA VAL B 114 10.02 22.64 8.04
C VAL B 114 9.36 22.57 6.65
N ASN B 115 10.16 22.69 5.60
CA ASN B 115 9.68 22.60 4.22
C ASN B 115 9.62 21.16 3.72
N THR B 116 8.41 20.60 3.68
CA THR B 116 8.20 19.23 3.21
C THR B 116 6.91 19.08 2.43
N VAL B 117 7.03 18.78 1.14
CA VAL B 117 5.86 18.51 0.31
C VAL B 117 5.43 17.05 0.51
N PHE B 118 4.12 16.82 0.44
CA PHE B 118 3.55 15.48 0.63
C PHE B 118 3.07 14.95 -0.72
N LEU B 119 3.50 13.73 -1.05
CA LEU B 119 2.99 13.03 -2.22
C LEU B 119 2.08 11.91 -1.74
N ASN B 120 0.80 12.00 -2.10
CA ASN B 120 -0.20 11.02 -1.70
C ASN B 120 -0.53 10.05 -2.82
N PHE B 121 -0.74 8.79 -2.47
CA PHE B 121 -1.00 7.73 -3.45
C PHE B 121 -2.12 6.81 -2.97
N MET B 122 -2.74 6.12 -3.93
CA MET B 122 -3.74 5.10 -3.65
C MET B 122 -3.50 3.92 -4.59
N ALA B 123 -3.46 2.72 -4.02
CA ALA B 123 -3.14 1.51 -4.78
C ALA B 123 -4.35 0.97 -5.56
N VAL B 124 -4.07 0.00 -6.42
CA VAL B 124 -5.09 -0.69 -7.19
C VAL B 124 -5.47 -2.02 -6.55
N GLN B 125 -4.46 -2.81 -6.21
CA GLN B 125 -4.66 -4.16 -5.68
C GLN B 125 -4.61 -4.18 -4.16
N ASP B 126 -5.23 -5.21 -3.58
CA ASP B 126 -5.31 -5.36 -2.14
C ASP B 126 -3.92 -5.68 -1.58
N ASP B 127 -3.46 -4.84 -0.66
CA ASP B 127 -2.16 -5.03 0.00
C ASP B 127 -0.92 -4.74 -0.85
N THR B 128 -1.08 -4.24 -2.07
CA THR B 128 0.06 -3.76 -2.84
C THR B 128 0.63 -2.53 -2.16
N ALA B 129 -0.25 -1.70 -1.60
CA ALA B 129 0.16 -0.47 -0.93
C ALA B 129 0.95 -0.71 0.34
N LYS B 130 0.65 -1.78 1.05
CA LYS B 130 1.31 -2.08 2.32
C LYS B 130 2.79 -2.41 2.14
N VAL B 131 3.07 -3.44 1.33
CA VAL B 131 4.43 -3.92 1.12
C VAL B 131 5.33 -2.80 0.56
N TRP B 132 4.77 -1.94 -0.27
CA TRP B 132 5.52 -0.81 -0.86
C TRP B 132 6.04 0.15 0.16
N SER B 133 5.17 0.61 1.05
CA SER B 133 5.54 1.59 2.08
C SER B 133 6.81 1.20 2.82
N GLU B 134 6.77 0.01 3.42
CA GLU B 134 7.85 -0.45 4.30
C GLU B 134 9.15 -0.78 3.55
N GLU B 135 9.03 -1.24 2.30
CA GLU B 135 10.21 -1.53 1.47
C GLU B 135 10.85 -0.24 0.95
N LEU B 136 10.01 0.71 0.53
CA LEU B 136 10.50 2.02 0.09
C LEU B 136 11.12 2.79 1.26
N PHE B 137 10.67 2.50 2.48
CA PHE B 137 11.19 3.12 3.70
C PHE B 137 12.63 2.71 3.99
N LYS B 138 12.92 1.42 3.81
CA LYS B 138 14.25 0.87 4.09
C LYS B 138 15.30 1.38 3.10
N LEU B 139 14.85 1.75 1.90
CA LEU B 139 15.72 2.40 0.92
C LEU B 139 16.10 3.81 1.36
N ALA B 140 15.09 4.60 1.75
CA ALA B 140 15.28 6.00 2.09
C ALA B 140 16.16 6.24 3.31
N MET B 141 16.19 5.26 4.21
CA MET B 141 16.92 5.38 5.48
C MET B 141 18.09 4.39 5.62
N ASN B 142 18.54 3.78 4.52
CA ASN B 142 19.70 2.88 4.57
C ASN B 142 20.99 3.67 4.72
N ILE B 143 21.93 3.12 5.48
CA ILE B 143 23.16 3.82 5.82
C ILE B 143 24.14 3.82 4.67
N LEU B 144 24.46 2.63 4.15
CA LEU B 144 25.37 2.51 3.02
C LEU B 144 24.92 3.38 1.84
N ALA B 145 23.61 3.39 1.60
CA ALA B 145 23.02 4.19 0.52
C ALA B 145 23.40 5.66 0.63
N GLN B 146 23.30 6.21 1.83
CA GLN B 146 23.59 7.62 2.09
C GLN B 146 25.09 7.93 2.14
N ASN B 147 25.87 7.06 2.78
CA ASN B 147 27.30 7.28 2.95
C ASN B 147 28.13 6.68 1.81
N ALA B 148 27.51 6.40 0.67
CA ALA B 148 28.12 5.64 -0.41
C ALA B 148 29.27 6.37 -1.11
N SER B 149 29.92 5.65 -2.01
CA SER B 149 31.13 6.11 -2.69
C SER B 149 30.90 7.27 -3.66
N ARG B 150 32.00 7.81 -4.19
CA ARG B 150 31.95 8.84 -5.22
C ARG B 150 31.52 8.25 -6.56
N ASN B 151 32.02 7.05 -6.86
CA ASN B 151 31.57 6.29 -8.02
C ASN B 151 30.05 6.22 -8.07
N THR B 152 29.48 5.71 -6.99
CA THR B 152 28.03 5.53 -6.89
C THR B 152 27.26 6.84 -7.12
N PHE B 153 27.74 7.92 -6.53
CA PHE B 153 27.07 9.23 -6.63
C PHE B 153 27.04 9.78 -8.05
N LEU B 154 28.02 9.42 -8.86
CA LEU B 154 28.02 9.83 -10.27
C LEU B 154 26.97 9.03 -11.05
N ARG B 155 26.92 7.72 -10.81
CA ARG B 155 25.91 6.86 -11.42
C ARG B 155 24.50 7.38 -11.17
N LYS B 156 24.29 7.95 -9.98
CA LYS B 156 23.03 8.62 -9.65
C LYS B 156 22.77 9.73 -10.66
N ALA B 157 23.79 10.55 -10.92
CA ALA B 157 23.71 11.61 -11.91
C ALA B 157 23.36 11.06 -13.30
N TYR B 158 23.96 9.92 -13.65
CA TYR B 158 23.67 9.25 -14.91
C TYR B 158 22.23 8.73 -14.96
N THR B 159 21.79 8.12 -13.86
CA THR B 159 20.43 7.57 -13.77
C THR B 159 19.36 8.64 -13.94
N LYS B 160 19.63 9.85 -13.46
CA LYS B 160 18.70 10.97 -13.60
C LYS B 160 18.51 11.37 -15.08
N LEU B 161 19.61 11.55 -15.81
CA LEU B 161 19.55 11.93 -17.22
C LEU B 161 18.84 10.90 -18.06
N LYS B 162 19.08 9.62 -17.78
CA LYS B 162 18.40 8.53 -18.48
C LYS B 162 16.89 8.48 -18.19
N LEU B 163 16.50 8.88 -16.98
CA LEU B 163 15.09 8.82 -16.58
C LEU B 163 14.25 9.97 -17.17
N GLN B 164 14.72 11.20 -17.00
CA GLN B 164 13.98 12.38 -17.45
C GLN B 164 13.99 12.51 -18.98
N VAL B 165 13.16 11.69 -19.62
CA VAL B 165 13.06 11.67 -21.09
C VAL B 165 11.85 12.46 -21.59
N ASN B 166 11.96 12.97 -22.81
CA ASN B 166 10.91 13.81 -23.42
C ASN B 166 9.84 13.00 -24.16
N GLN B 167 8.88 13.69 -24.80
CA GLN B 167 7.76 13.04 -25.50
C GLN B 167 8.16 11.90 -26.44
N ASP B 168 9.28 12.08 -27.15
CA ASP B 168 9.75 11.09 -28.13
C ASP B 168 10.59 9.96 -27.50
N GLY B 169 10.74 9.98 -26.18
CA GLY B 169 11.47 8.93 -25.46
C GLY B 169 12.97 9.05 -25.60
N ARG B 170 13.47 10.28 -25.45
CA ARG B 170 14.89 10.58 -25.64
C ARG B 170 15.43 11.50 -24.56
N ILE B 171 16.76 11.53 -24.45
CA ILE B 171 17.46 12.40 -23.51
C ILE B 171 17.75 13.73 -24.18
N PRO B 172 17.07 14.82 -23.76
CA PRO B 172 17.26 16.10 -24.46
C PRO B 172 18.63 16.71 -24.16
N VAL B 173 19.13 17.52 -25.09
CA VAL B 173 20.45 18.12 -24.97
C VAL B 173 20.53 19.05 -23.76
N LYS B 174 19.55 19.95 -23.65
CA LYS B 174 19.54 20.97 -22.60
C LYS B 174 19.50 20.40 -21.17
N ASN B 175 18.93 19.20 -21.04
CA ASN B 175 18.91 18.47 -19.76
C ASN B 175 20.31 18.43 -19.12
N ILE B 176 21.32 18.10 -19.95
CA ILE B 176 22.71 18.03 -19.52
C ILE B 176 23.31 19.41 -19.31
N LEU B 177 23.07 20.32 -20.26
CA LEU B 177 23.57 21.70 -20.17
C LEU B 177 23.12 22.43 -18.89
N LYS B 178 21.98 22.02 -18.33
CA LYS B 178 21.43 22.67 -17.16
C LYS B 178 21.80 21.93 -15.87
N MET B 179 22.21 20.67 -15.98
CA MET B 179 22.72 19.92 -14.82
C MET B 179 24.13 20.38 -14.46
N PHE B 180 25.03 20.32 -15.44
CA PHE B 180 26.39 20.87 -15.31
C PHE B 180 26.44 22.28 -15.90
N SER B 181 25.49 23.14 -15.52
CA SER B 181 25.40 24.49 -16.09
C SER B 181 26.57 25.38 -15.67
N ALA B 182 27.64 24.77 -15.15
CA ALA B 182 28.92 25.45 -14.95
C ALA B 182 29.71 25.62 -16.27
N ASP B 183 29.17 25.09 -17.38
CA ASP B 183 29.67 25.45 -18.72
C ASP B 183 28.70 25.07 -19.84
N LYS B 184 28.78 25.78 -20.98
CA LYS B 184 27.97 25.48 -22.18
C LYS B 184 28.81 25.14 -23.40
N LYS B 185 29.79 25.98 -23.70
CA LYS B 185 30.62 25.83 -24.90
C LYS B 185 31.42 24.53 -24.92
N ARG B 186 32.03 24.20 -23.78
CA ARG B 186 32.81 22.96 -23.63
C ARG B 186 31.93 21.73 -23.87
N VAL B 187 30.79 21.69 -23.19
CA VAL B 187 29.90 20.53 -23.18
C VAL B 187 29.49 20.08 -24.58
N GLU B 188 29.35 21.04 -25.50
CA GLU B 188 28.98 20.74 -26.88
C GLU B 188 30.11 20.02 -27.64
N THR B 189 31.36 20.44 -27.37
CA THR B 189 32.53 19.79 -27.96
C THR B 189 32.76 18.40 -27.37
N ALA B 190 32.37 18.23 -26.11
CA ALA B 190 32.56 16.95 -25.40
C ALA B 190 31.64 15.85 -25.91
N LEU B 191 30.37 16.19 -26.16
CA LEU B 191 29.40 15.23 -26.70
C LEU B 191 29.71 14.86 -28.15
N GLU B 192 30.19 15.84 -28.92
CA GLU B 192 30.63 15.59 -30.30
C GLU B 192 31.88 14.71 -30.34
N SER B 193 32.71 14.81 -29.30
CA SER B 193 33.89 13.96 -29.17
C SER B 193 33.47 12.51 -28.92
N CYS B 194 32.34 12.31 -28.25
CA CYS B 194 31.82 10.97 -28.00
C CYS B 194 31.18 10.33 -29.23
N GLY B 195 30.71 11.15 -30.18
CA GLY B 195 30.13 10.64 -31.43
C GLY B 195 28.64 10.38 -31.36
N LEU B 196 28.00 10.88 -30.30
CA LEU B 196 26.55 10.78 -30.14
C LEU B 196 25.90 12.00 -30.76
N LYS B 197 25.28 11.82 -31.92
CA LYS B 197 24.71 12.94 -32.67
C LYS B 197 23.56 13.64 -31.93
N PHE B 198 23.85 14.83 -31.39
CA PHE B 198 22.86 15.70 -30.75
C PHE B 198 22.49 16.86 -31.68
N ASN B 199 23.07 16.85 -32.88
CA ASN B 199 23.06 17.99 -33.78
C ASN B 199 21.68 18.26 -34.39
N ARG B 200 20.94 17.20 -34.69
CA ARG B 200 19.72 17.29 -35.50
C ARG B 200 18.52 17.85 -34.73
N SER B 201 18.00 17.07 -33.77
CA SER B 201 16.82 17.46 -33.00
C SER B 201 17.15 17.64 -31.52
N GLU B 202 18.42 17.92 -31.24
CA GLU B 202 18.90 18.14 -29.88
C GLU B 202 18.40 17.11 -28.88
N SER B 203 18.40 15.83 -29.25
CA SER B 203 18.05 14.78 -28.29
C SER B 203 18.71 13.45 -28.60
N ILE B 204 19.44 12.92 -27.63
CA ILE B 204 20.13 11.65 -27.77
C ILE B 204 19.22 10.51 -27.34
N ARG B 205 19.29 9.39 -28.06
CA ARG B 205 18.51 8.20 -27.73
C ARG B 205 19.11 7.50 -26.50
N PRO B 206 18.28 6.75 -25.75
CA PRO B 206 18.78 6.05 -24.57
C PRO B 206 19.65 4.83 -24.90
N ASP B 207 19.60 4.38 -26.16
CA ASP B 207 20.38 3.20 -26.59
C ASP B 207 21.87 3.51 -26.59
N GLU B 208 22.25 4.56 -27.30
CA GLU B 208 23.66 4.98 -27.41
C GLU B 208 24.07 5.92 -26.28
N PHE B 209 23.56 5.69 -25.08
CA PHE B 209 23.91 6.48 -23.91
C PHE B 209 24.09 5.57 -22.70
N SER B 210 24.96 4.58 -22.86
CA SER B 210 25.24 3.62 -21.80
C SER B 210 26.12 4.24 -20.73
N LEU B 211 26.29 3.52 -19.63
CA LEU B 211 27.10 3.98 -18.50
C LEU B 211 28.50 4.35 -18.95
N GLU B 212 29.07 3.56 -19.85
CA GLU B 212 30.43 3.77 -20.35
C GLU B 212 30.55 5.03 -21.21
N ILE B 213 29.49 5.35 -21.94
CA ILE B 213 29.49 6.55 -22.78
C ILE B 213 29.45 7.79 -21.91
N PHE B 214 28.69 7.73 -20.81
CA PHE B 214 28.65 8.80 -19.83
C PHE B 214 30.01 8.97 -19.12
N GLU B 215 30.73 7.87 -18.96
CA GLU B 215 32.07 7.91 -18.37
C GLU B 215 33.05 8.70 -19.24
N ARG B 216 33.20 8.27 -20.49
CA ARG B 216 34.10 8.94 -21.44
C ARG B 216 33.72 10.39 -21.68
N PHE B 217 32.44 10.70 -21.53
CA PHE B 217 31.94 12.07 -21.65
C PHE B 217 32.60 12.99 -20.62
N LEU B 218 32.57 12.59 -19.35
CA LEU B 218 33.14 13.41 -18.27
C LEU B 218 34.66 13.43 -18.29
N ASN B 219 35.29 12.31 -18.64
CA ASN B 219 36.74 12.26 -18.80
C ASN B 219 37.25 13.25 -19.84
N LYS B 220 36.46 13.47 -20.88
CA LYS B 220 36.80 14.44 -21.92
C LYS B 220 36.38 15.85 -21.53
N LEU B 221 35.21 15.97 -20.91
CA LEU B 221 34.67 17.27 -20.51
C LEU B 221 35.38 17.84 -19.28
N CYS B 222 35.51 17.01 -18.24
CA CYS B 222 36.17 17.39 -16.99
C CYS B 222 37.66 16.98 -16.98
N LEU B 223 38.54 17.95 -17.23
CA LEU B 223 39.98 17.72 -17.20
C LEU B 223 40.47 17.78 -15.76
N ARG B 224 41.29 16.80 -15.38
CA ARG B 224 41.72 16.63 -14.00
C ARG B 224 43.25 16.69 -13.88
N PRO B 225 43.81 17.89 -13.68
CA PRO B 225 45.27 18.04 -13.55
C PRO B 225 45.81 17.61 -12.19
N ASP B 226 45.00 17.77 -11.15
CA ASP B 226 45.36 17.38 -9.78
C ASP B 226 45.70 15.89 -9.64
N ILE B 227 44.91 15.04 -10.30
CA ILE B 227 45.14 13.59 -10.25
C ILE B 227 46.49 13.22 -10.88
N ASP B 228 46.93 14.02 -11.85
CA ASP B 228 48.19 13.79 -12.55
C ASP B 228 49.41 14.12 -11.68
N LYS B 229 49.33 15.22 -10.92
CA LYS B 229 50.36 15.56 -9.94
C LYS B 229 50.50 14.43 -8.91
N ILE B 230 49.37 13.91 -8.46
CA ILE B 230 49.34 12.82 -7.48
C ILE B 230 49.91 11.52 -8.06
N LEU B 231 49.76 11.31 -9.36
CA LEU B 231 50.42 10.19 -10.05
C LEU B 231 51.94 10.38 -10.06
N LEU B 232 52.38 11.59 -10.42
CA LEU B 232 53.82 11.90 -10.46
C LEU B 232 54.52 11.65 -9.11
N GLU B 233 53.79 11.83 -8.02
CA GLU B 233 54.32 11.61 -6.67
C GLU B 233 54.73 10.16 -6.43
N ILE B 234 53.80 9.24 -6.60
CA ILE B 234 53.96 7.85 -6.15
C ILE B 234 54.88 7.02 -7.05
N GLY B 235 56.04 7.57 -7.39
CA GLY B 235 57.01 6.89 -8.24
C GLY B 235 56.59 6.73 -9.69
N ALA B 236 55.53 7.42 -10.10
CA ALA B 236 55.05 7.37 -11.49
C ALA B 236 55.65 8.52 -12.29
N LYS B 237 56.98 8.55 -12.34
CA LYS B 237 57.72 9.53 -13.11
C LYS B 237 57.77 9.06 -14.57
N GLY B 238 57.85 7.73 -14.75
CA GLY B 238 57.44 7.08 -15.99
C GLY B 238 55.92 7.11 -15.99
N LYS B 239 55.37 8.15 -16.60
CA LYS B 239 54.01 8.66 -16.31
C LYS B 239 52.78 7.72 -16.45
N PRO B 240 52.65 7.00 -17.60
CA PRO B 240 51.39 6.35 -18.00
C PRO B 240 50.67 5.51 -16.93
N TYR B 241 51.39 4.56 -16.33
CA TYR B 241 50.79 3.52 -15.50
C TYR B 241 51.37 3.48 -14.09
N LEU B 242 50.82 2.59 -13.26
CA LEU B 242 51.36 2.26 -11.96
C LEU B 242 51.47 0.75 -11.82
N THR B 243 52.62 0.29 -11.34
CA THR B 243 52.82 -1.13 -11.08
C THR B 243 52.02 -1.55 -9.85
N LEU B 244 51.87 -2.85 -9.65
CA LEU B 244 51.16 -3.39 -8.50
C LEU B 244 51.85 -3.03 -7.17
N GLU B 245 53.18 -2.93 -7.19
CA GLU B 245 53.95 -2.58 -6.00
C GLU B 245 53.81 -1.10 -5.65
N GLN B 246 53.90 -0.24 -6.66
CA GLN B 246 53.71 1.19 -6.45
C GLN B 246 52.35 1.47 -5.83
N LEU B 247 51.33 0.75 -6.30
CA LEU B 247 49.96 0.91 -5.80
C LEU B 247 49.82 0.40 -4.36
N MET B 248 50.37 -0.79 -4.11
CA MET B 248 50.31 -1.41 -2.78
C MET B 248 51.03 -0.56 -1.74
N ASP B 249 52.24 -0.11 -2.06
CA ASP B 249 53.04 0.72 -1.17
C ASP B 249 52.39 2.08 -0.92
N PHE B 250 51.81 2.66 -1.97
CA PHE B 250 51.07 3.92 -1.87
C PHE B 250 49.93 3.84 -0.85
N ILE B 251 49.23 2.70 -0.82
CA ILE B 251 48.13 2.48 0.12
C ILE B 251 48.61 2.26 1.55
N ASN B 252 49.74 1.60 1.70
CA ASN B 252 50.29 1.28 3.03
C ASN B 252 51.09 2.39 3.68
N GLN B 253 51.40 3.43 2.92
CA GLN B 253 52.13 4.59 3.42
C GLN B 253 51.24 5.82 3.59
N LYS B 254 50.32 6.02 2.64
CA LYS B 254 49.46 7.21 2.64
C LYS B 254 48.04 6.89 3.10
N GLN B 255 47.40 5.91 2.46
CA GLN B 255 45.96 5.68 2.62
C GLN B 255 45.58 5.02 3.94
N ARG B 256 46.54 4.41 4.63
CA ARG B 256 46.29 3.82 5.95
C ARG B 256 46.14 4.90 7.01
N ASP B 257 45.67 4.50 8.18
CA ASP B 257 45.54 5.39 9.34
C ASP B 257 46.54 4.94 10.41
N PRO B 258 47.65 5.67 10.56
CA PRO B 258 48.78 5.21 11.37
C PRO B 258 48.47 5.01 12.86
N ARG B 259 47.33 5.54 13.29
CA ARG B 259 46.90 5.40 14.67
C ARG B 259 46.51 3.96 15.01
N LEU B 260 45.90 3.26 14.04
CA LEU B 260 45.42 1.90 14.24
C LEU B 260 46.54 0.86 14.37
N ASN B 261 46.24 -0.22 15.08
CA ASN B 261 47.20 -1.29 15.31
C ASN B 261 47.51 -2.04 14.01
N GLU B 262 48.70 -2.63 13.94
CA GLU B 262 49.15 -3.37 12.76
C GLU B 262 48.59 -4.79 12.70
N VAL B 263 48.35 -5.41 13.87
CA VAL B 263 47.82 -6.77 13.94
C VAL B 263 46.30 -6.82 13.75
N LEU B 264 45.60 -5.84 14.33
CA LEU B 264 44.13 -5.76 14.19
C LEU B 264 43.72 -5.30 12.79
N TYR B 265 44.37 -4.25 12.30
CA TYR B 265 44.13 -3.75 10.96
C TYR B 265 45.41 -3.95 10.13
N PRO B 266 45.49 -5.07 9.40
CA PRO B 266 46.72 -5.36 8.69
C PRO B 266 46.84 -4.56 7.40
N PRO B 267 48.09 -4.37 6.91
CA PRO B 267 48.32 -3.66 5.65
C PRO B 267 47.85 -4.46 4.43
N LEU B 268 47.89 -3.83 3.26
CA LEU B 268 47.38 -4.44 2.03
C LEU B 268 48.36 -5.46 1.46
N ARG B 269 47.94 -6.72 1.36
CA ARG B 269 48.76 -7.78 0.75
C ARG B 269 48.79 -7.64 -0.79
N PRO B 270 49.75 -8.30 -1.45
CA PRO B 270 49.84 -8.22 -2.91
C PRO B 270 48.70 -8.95 -3.63
N SER B 271 48.26 -10.07 -3.07
CA SER B 271 47.14 -10.84 -3.63
C SER B 271 45.80 -10.09 -3.56
N GLN B 272 45.69 -9.19 -2.58
CA GLN B 272 44.51 -8.32 -2.44
C GLN B 272 44.57 -7.16 -3.43
N ALA B 273 45.73 -6.53 -3.54
CA ALA B 273 45.95 -5.42 -4.47
C ALA B 273 45.61 -5.79 -5.91
N ARG B 274 45.77 -7.07 -6.25
CA ARG B 274 45.38 -7.59 -7.57
C ARG B 274 43.89 -7.42 -7.83
N LEU B 275 43.06 -7.79 -6.86
CA LEU B 275 41.61 -7.72 -7.01
C LEU B 275 41.10 -6.29 -7.24
N LEU B 276 41.83 -5.29 -6.75
CA LEU B 276 41.49 -3.88 -6.99
C LEU B 276 41.63 -3.53 -8.47
N ILE B 277 42.76 -3.89 -9.06
CA ILE B 277 43.00 -3.63 -10.49
C ILE B 277 41.89 -4.24 -11.34
N GLU B 278 41.56 -5.49 -11.04
CA GLU B 278 40.52 -6.24 -11.77
C GLU B 278 39.17 -5.55 -11.75
N LYS B 279 38.81 -5.00 -10.60
CA LYS B 279 37.50 -4.37 -10.41
C LYS B 279 37.43 -2.98 -11.03
N TYR B 280 38.57 -2.28 -11.12
CA TYR B 280 38.60 -0.86 -11.49
C TYR B 280 39.13 -0.55 -12.89
N GLU B 281 40.16 -1.26 -13.33
CA GLU B 281 40.77 -1.00 -14.65
C GLU B 281 39.93 -1.61 -15.78
N PRO B 282 39.44 -0.77 -16.72
CA PRO B 282 38.64 -1.28 -17.85
C PRO B 282 39.46 -1.95 -18.94
N ASN B 283 40.61 -1.37 -19.28
CA ASN B 283 41.49 -1.96 -20.29
C ASN B 283 42.04 -3.30 -19.85
N GLN B 284 41.75 -4.35 -20.64
CA GLN B 284 42.39 -5.65 -20.45
C GLN B 284 43.83 -5.61 -20.95
N GLN B 285 44.16 -4.57 -21.72
CA GLN B 285 45.55 -4.29 -22.12
C GLN B 285 46.47 -4.08 -20.91
N PHE B 286 45.91 -3.51 -19.84
CA PHE B 286 46.65 -3.20 -18.62
C PHE B 286 46.33 -4.16 -17.47
N LEU B 287 45.11 -4.67 -17.42
CA LEU B 287 44.70 -5.67 -16.42
C LEU B 287 45.43 -7.00 -16.60
N GLU B 288 45.74 -7.32 -17.85
CA GLU B 288 46.51 -8.52 -18.18
C GLU B 288 47.96 -8.40 -17.71
N ARG B 289 48.46 -7.17 -17.60
CA ARG B 289 49.86 -6.91 -17.23
C ARG B 289 50.08 -6.56 -15.74
N ASP B 290 49.04 -6.70 -14.91
CA ASP B 290 49.09 -6.33 -13.49
C ASP B 290 49.41 -4.84 -13.28
N GLN B 291 48.80 -4.00 -14.10
CA GLN B 291 49.02 -2.55 -14.03
C GLN B 291 47.69 -1.83 -13.98
N MET B 292 47.74 -0.58 -13.51
CA MET B 292 46.55 0.27 -13.40
C MET B 292 46.81 1.62 -14.06
N SER B 293 45.97 2.01 -15.01
CA SER B 293 46.13 3.26 -15.75
C SER B 293 45.68 4.45 -14.93
N MET B 294 45.85 5.65 -15.49
CA MET B 294 45.30 6.87 -14.92
C MET B 294 43.78 6.76 -14.81
N GLU B 295 43.15 6.21 -15.84
CA GLU B 295 41.69 6.09 -15.90
C GLU B 295 41.14 5.20 -14.77
N GLY B 296 41.85 4.11 -14.47
CA GLY B 296 41.47 3.20 -13.40
C GLY B 296 41.79 3.73 -12.01
N PHE B 297 42.84 4.54 -11.91
CA PHE B 297 43.24 5.16 -10.65
C PHE B 297 42.21 6.22 -10.21
N SER B 298 41.77 7.05 -11.16
CA SER B 298 40.72 8.03 -10.92
C SER B 298 39.49 7.40 -10.29
N ARG B 299 39.20 6.16 -10.69
CA ARG B 299 38.10 5.38 -10.12
C ARG B 299 38.41 4.88 -8.73
N TYR B 300 39.60 4.29 -8.53
CA TYR B 300 39.95 3.77 -7.21
C TYR B 300 39.83 4.87 -6.15
N LEU B 301 40.36 6.05 -6.47
CA LEU B 301 40.24 7.21 -5.57
C LEU B 301 38.80 7.40 -5.09
N GLY B 302 37.85 7.30 -6.02
CA GLY B 302 36.43 7.45 -5.69
C GLY B 302 35.68 6.15 -5.50
N GLY B 303 36.42 5.07 -5.27
CA GLY B 303 35.84 3.74 -5.17
C GLY B 303 35.15 3.48 -3.85
N GLU B 304 34.79 2.22 -3.64
CA GLU B 304 34.05 1.78 -2.45
C GLU B 304 34.97 1.55 -1.24
N GLU B 305 36.24 1.24 -1.50
CA GLU B 305 37.20 0.97 -0.42
C GLU B 305 37.82 2.26 0.08
N ASN B 306 38.19 3.14 -0.84
CA ASN B 306 38.85 4.39 -0.49
C ASN B 306 37.87 5.53 -0.16
N GLY B 307 37.05 5.31 0.86
CA GLY B 307 36.20 6.36 1.42
C GLY B 307 36.96 7.12 2.48
N ILE B 308 36.40 8.24 2.93
CA ILE B 308 37.04 9.04 3.97
C ILE B 308 36.84 8.39 5.34
N LEU B 309 35.65 7.88 5.59
CA LEU B 309 35.31 7.25 6.86
C LEU B 309 35.33 5.73 6.74
N PRO B 310 35.59 5.03 7.85
CA PRO B 310 35.44 3.60 7.88
C PRO B 310 33.99 3.22 8.20
N LEU B 311 33.60 2.00 7.89
CA LEU B 311 32.23 1.55 8.15
C LEU B 311 31.93 1.50 9.64
N GLU B 312 32.90 1.07 10.44
CA GLU B 312 32.74 0.95 11.90
C GLU B 312 32.25 2.24 12.56
N ALA B 313 32.55 3.39 11.96
CA ALA B 313 32.10 4.69 12.46
C ALA B 313 30.58 4.87 12.30
N LEU B 314 30.08 4.61 11.10
CA LEU B 314 28.67 4.84 10.76
C LEU B 314 27.74 3.82 11.41
N ASP B 315 28.24 2.62 11.65
CA ASP B 315 27.46 1.53 12.21
C ASP B 315 27.17 1.75 13.69
N LEU B 316 26.03 1.22 14.15
CA LEU B 316 25.68 1.22 15.56
C LEU B 316 26.56 0.21 16.30
N SER B 317 27.83 0.58 16.48
CA SER B 317 28.84 -0.31 17.04
C SER B 317 29.46 0.18 18.36
N THR B 318 28.87 1.22 18.94
CA THR B 318 29.28 1.71 20.26
C THR B 318 28.54 0.94 21.34
N ASP B 319 29.20 0.72 22.48
CA ASP B 319 28.61 0.01 23.62
C ASP B 319 27.34 0.73 24.08
N MET B 320 26.28 -0.04 24.35
CA MET B 320 25.00 0.52 24.77
C MET B 320 24.56 0.00 26.15
N THR B 321 25.53 -0.47 26.94
CA THR B 321 25.26 -1.06 28.25
C THR B 321 25.68 -0.19 29.44
N GLN B 322 26.33 0.94 29.15
CA GLN B 322 26.75 1.89 30.20
C GLN B 322 25.54 2.66 30.74
N PRO B 323 25.70 3.37 31.88
CA PRO B 323 24.57 4.12 32.42
C PRO B 323 24.07 5.20 31.47
N LEU B 324 22.78 5.48 31.53
CA LEU B 324 22.15 6.44 30.63
C LEU B 324 22.93 7.75 30.59
N SER B 325 23.40 8.19 31.75
CA SER B 325 24.10 9.47 31.91
C SER B 325 25.45 9.57 31.17
N ALA B 326 26.02 8.43 30.81
CA ALA B 326 27.32 8.37 30.13
C ALA B 326 27.25 8.59 28.61
N TYR B 327 26.06 8.95 28.11
CA TYR B 327 25.87 9.17 26.68
C TYR B 327 25.40 10.59 26.41
N PHE B 328 25.84 11.16 25.29
CA PHE B 328 25.20 12.35 24.76
C PHE B 328 23.91 11.92 24.11
N ILE B 329 22.88 12.76 24.20
CA ILE B 329 21.56 12.42 23.68
C ILE B 329 21.04 13.54 22.79
N ASN B 330 20.50 13.17 21.63
CA ASN B 330 19.95 14.14 20.69
C ASN B 330 18.63 14.64 21.20
N SER B 331 18.49 15.96 21.30
CA SER B 331 17.42 16.58 22.07
C SER B 331 16.86 17.82 21.39
N SER B 332 15.57 18.08 21.60
CA SER B 332 14.87 19.22 20.99
C SER B 332 14.27 20.16 22.03
N HIS B 333 14.17 21.44 21.66
CA HIS B 333 13.51 22.47 22.48
C HIS B 333 12.32 23.03 21.78
N ASN B 334 11.21 23.16 22.51
CA ASN B 334 9.93 23.64 21.98
C ASN B 334 9.68 23.02 20.60
N THR B 335 9.56 21.70 20.60
CA THR B 335 9.51 20.93 19.36
C THR B 335 8.21 21.15 18.60
N TYR B 336 7.14 21.50 19.31
CA TYR B 336 5.86 21.84 18.69
C TYR B 336 5.94 23.00 17.69
N LEU B 337 6.78 23.99 18.00
CA LEU B 337 6.95 25.16 17.12
C LEU B 337 7.65 24.81 15.81
N THR B 338 7.27 25.50 14.74
CA THR B 338 7.83 25.26 13.40
C THR B 338 8.40 26.54 12.76
N ALA B 339 8.33 27.65 13.48
CA ALA B 339 8.76 28.95 12.96
C ALA B 339 9.41 29.75 14.08
N GLY B 340 9.13 31.06 14.13
CA GLY B 340 9.60 31.90 15.21
C GLY B 340 8.94 31.53 16.53
N GLN B 341 9.62 31.83 17.63
CA GLN B 341 9.14 31.47 18.98
C GLN B 341 7.91 32.26 19.40
N LEU B 342 7.69 33.42 18.79
CA LEU B 342 6.55 34.26 19.15
C LEU B 342 5.31 33.96 18.29
N ALA B 343 5.06 34.76 17.24
CA ALA B 343 3.78 34.72 16.52
C ALA B 343 3.60 33.59 15.49
N GLY B 344 4.64 32.77 15.28
CA GLY B 344 4.56 31.66 14.31
C GLY B 344 3.59 30.57 14.72
N THR B 345 3.40 29.59 13.83
CA THR B 345 2.45 28.50 14.08
C THR B 345 3.11 27.23 14.65
N SER B 346 2.30 26.40 15.31
CA SER B 346 2.73 25.09 15.82
C SER B 346 2.14 23.99 14.96
N SER B 347 2.64 22.76 15.11
CA SER B 347 2.23 21.65 14.26
C SER B 347 2.49 20.28 14.87
N VAL B 348 1.51 19.38 14.75
CA VAL B 348 1.65 17.98 15.13
C VAL B 348 2.75 17.31 14.30
N GLU B 349 2.88 17.73 13.05
CA GLU B 349 3.81 17.12 12.10
C GLU B 349 5.27 17.26 12.51
N MET B 350 5.60 18.35 13.19
CA MET B 350 6.99 18.59 13.59
C MET B 350 7.49 17.54 14.58
N TYR B 351 6.58 17.00 15.39
CA TYR B 351 6.93 15.93 16.34
C TYR B 351 7.30 14.63 15.62
N ARG B 352 6.56 14.32 14.56
CA ARG B 352 6.88 13.16 13.73
C ARG B 352 8.25 13.34 13.07
N GLN B 353 8.45 14.50 12.44
CA GLN B 353 9.71 14.83 11.77
C GLN B 353 10.90 14.85 12.73
N ALA B 354 10.67 15.38 13.94
CA ALA B 354 11.70 15.44 14.98
C ALA B 354 12.24 14.05 15.33
N LEU B 355 11.35 13.11 15.61
CA LEU B 355 11.74 11.74 15.97
C LEU B 355 12.31 10.96 14.77
N LEU B 356 11.92 11.37 13.56
CA LEU B 356 12.45 10.75 12.33
C LEU B 356 13.90 11.16 12.06
N TRP B 357 14.30 12.31 12.60
CA TRP B 357 15.68 12.83 12.49
C TRP B 357 16.66 11.92 13.19
N GLY B 358 16.23 11.37 14.32
CA GLY B 358 17.13 10.69 15.26
C GLY B 358 17.02 11.28 16.66
N CYS B 359 16.20 12.31 16.82
CA CYS B 359 15.96 12.94 18.12
C CYS B 359 15.29 11.97 19.10
N ARG B 360 15.72 12.04 20.36
CA ARG B 360 15.20 11.16 21.41
C ARG B 360 14.52 11.91 22.57
N CYS B 361 14.82 13.20 22.74
CA CYS B 361 14.15 14.03 23.74
C CYS B 361 13.36 15.15 23.07
N VAL B 362 12.05 15.17 23.32
CA VAL B 362 11.17 16.17 22.74
C VAL B 362 10.35 16.84 23.83
N GLU B 363 10.17 18.16 23.72
CA GLU B 363 9.46 18.93 24.75
C GLU B 363 7.97 19.03 24.45
N LEU B 364 7.16 19.03 25.51
CA LEU B 364 5.70 19.18 25.44
C LEU B 364 5.18 20.20 26.46
N ASP B 365 4.93 21.42 26.02
CA ASP B 365 4.30 22.45 26.86
C ASP B 365 2.77 22.32 26.81
N VAL B 366 2.21 21.45 27.66
CA VAL B 366 0.75 21.23 27.68
C VAL B 366 0.05 22.29 28.54
N TRP B 367 -1.24 22.48 28.29
CA TRP B 367 -2.02 23.52 28.95
C TRP B 367 -3.42 23.06 29.26
N LYS B 368 -4.13 23.88 30.04
CA LYS B 368 -5.55 23.65 30.36
C LYS B 368 -6.41 23.62 29.10
N GLY B 369 -7.65 23.14 29.24
CA GLY B 369 -8.58 23.07 28.11
C GLY B 369 -9.44 24.31 27.98
N ARG B 370 -10.59 24.16 27.33
CA ARG B 370 -11.58 25.23 27.27
C ARG B 370 -12.82 24.79 28.05
N PRO B 371 -13.65 25.75 28.49
CA PRO B 371 -14.91 25.41 29.18
C PRO B 371 -15.92 24.55 28.40
N PRO B 372 -16.18 24.86 27.10
CA PRO B 372 -17.14 24.01 26.36
C PRO B 372 -16.76 22.52 26.30
N GLU B 373 -15.61 22.20 25.74
CA GLU B 373 -15.11 20.82 25.74
C GLU B 373 -14.18 20.66 26.94
N GLU B 374 -13.18 19.78 26.84
CA GLU B 374 -12.15 19.66 27.87
C GLU B 374 -10.96 18.87 27.32
N GLU B 375 -10.25 19.48 26.37
CA GLU B 375 -9.08 18.88 25.74
C GLU B 375 -7.84 19.72 26.02
N PRO B 376 -6.87 19.17 26.77
CA PRO B 376 -5.58 19.83 26.87
C PRO B 376 -4.91 19.96 25.51
N PHE B 377 -4.25 21.09 25.27
CA PHE B 377 -3.58 21.37 23.99
C PHE B 377 -2.16 21.88 24.21
N ILE B 378 -1.36 21.87 23.15
CA ILE B 378 0.05 22.26 23.24
C ILE B 378 0.31 23.56 22.48
N THR B 379 1.08 24.45 23.10
CA THR B 379 1.46 25.73 22.53
C THR B 379 2.45 26.46 23.42
N HIS B 380 3.10 27.49 22.89
CA HIS B 380 4.02 28.31 23.66
C HIS B 380 3.25 29.30 24.49
N GLY B 381 3.58 29.37 25.77
CA GLY B 381 2.84 30.19 26.75
C GLY B 381 2.37 31.53 26.23
N PHE B 382 1.04 31.65 26.08
CA PHE B 382 0.40 32.80 25.44
C PHE B 382 1.32 33.76 24.68
N THR B 383 1.42 33.54 23.38
CA THR B 383 2.33 34.28 22.53
C THR B 383 1.92 34.18 21.05
N MET B 384 0.63 34.34 20.77
CA MET B 384 0.10 34.32 19.39
C MET B 384 0.54 33.11 18.56
N THR B 385 0.64 31.95 19.18
CA THR B 385 1.00 30.71 18.49
C THR B 385 -0.24 29.84 18.28
N THR B 386 -0.29 29.12 17.16
CA THR B 386 -1.40 28.19 16.90
C THR B 386 -1.40 27.08 17.94
N GLU B 387 -2.58 26.54 18.22
CA GLU B 387 -2.78 25.63 19.35
C GLU B 387 -3.19 24.21 18.91
N VAL B 388 -2.21 23.36 18.65
CA VAL B 388 -2.48 21.97 18.29
C VAL B 388 -2.85 21.17 19.54
N PRO B 389 -3.75 20.17 19.41
CA PRO B 389 -4.22 19.41 20.57
C PRO B 389 -3.24 18.35 21.06
N LEU B 390 -3.43 17.88 22.29
CA LEU B 390 -2.50 16.96 22.93
C LEU B 390 -2.60 15.54 22.38
N ARG B 391 -3.84 15.07 22.22
CA ARG B 391 -4.11 13.71 21.75
C ARG B 391 -3.42 13.42 20.41
N ASP B 392 -3.53 14.35 19.45
CA ASP B 392 -2.92 14.19 18.12
C ASP B 392 -1.39 14.11 18.18
N VAL B 393 -0.80 14.84 19.12
CA VAL B 393 0.65 14.84 19.31
C VAL B 393 1.13 13.50 19.87
N LEU B 394 0.50 13.06 20.96
CA LEU B 394 0.83 11.77 21.58
C LEU B 394 0.69 10.59 20.62
N GLU B 395 -0.31 10.65 19.75
CA GLU B 395 -0.54 9.60 18.73
C GLU B 395 0.54 9.58 17.66
N ALA B 396 1.02 10.78 17.30
CA ALA B 396 2.09 10.91 16.31
C ALA B 396 3.44 10.45 16.88
N ILE B 397 3.67 10.75 18.16
CA ILE B 397 4.86 10.26 18.86
C ILE B 397 4.81 8.74 18.94
N ALA B 398 3.64 8.21 19.25
CA ALA B 398 3.42 6.77 19.32
C ALA B 398 3.66 6.06 18.00
N GLU B 399 3.55 6.79 16.90
CA GLU B 399 3.85 6.22 15.59
C GLU B 399 5.35 6.14 15.33
N THR B 400 6.00 7.30 15.24
CA THR B 400 7.33 7.40 14.66
C THR B 400 8.47 7.40 15.68
N ALA B 401 8.16 7.13 16.95
CA ALA B 401 9.17 7.13 18.02
C ALA B 401 10.29 6.12 17.76
N PHE B 402 9.93 4.93 17.28
CA PHE B 402 10.88 3.84 17.10
C PHE B 402 11.00 3.38 15.64
N LYS B 403 11.07 4.34 14.72
CA LYS B 403 11.28 4.05 13.31
C LYS B 403 12.74 4.25 12.92
N THR B 404 13.28 5.42 13.26
CA THR B 404 14.68 5.74 12.95
C THR B 404 15.64 5.02 13.89
N SER B 405 15.28 4.94 15.17
CA SER B 405 16.11 4.34 16.22
C SER B 405 15.24 3.59 17.24
N PRO B 406 15.59 2.34 17.55
CA PRO B 406 14.91 1.57 18.60
C PRO B 406 15.59 1.72 19.97
N TYR B 407 15.64 2.95 20.46
CA TYR B 407 16.26 3.25 21.76
C TYR B 407 15.42 4.29 22.49
N PRO B 408 15.49 4.31 23.83
CA PRO B 408 14.50 5.03 24.67
C PRO B 408 14.28 6.50 24.28
N VAL B 409 13.04 6.97 24.46
CA VAL B 409 12.66 8.36 24.17
C VAL B 409 12.19 9.07 25.44
N ILE B 410 12.47 10.36 25.51
CA ILE B 410 12.14 11.16 26.69
C ILE B 410 11.10 12.24 26.36
N LEU B 411 9.92 12.10 26.95
CA LEU B 411 8.87 13.10 26.81
C LEU B 411 9.00 14.14 27.91
N SER B 412 9.57 15.30 27.57
CA SER B 412 9.84 16.37 28.54
C SER B 412 8.60 17.21 28.82
N PHE B 413 7.77 16.77 29.76
CA PHE B 413 6.51 17.44 30.11
C PHE B 413 6.70 18.74 30.87
N GLU B 414 6.42 19.86 30.20
CA GLU B 414 6.41 21.17 30.83
C GLU B 414 4.95 21.48 31.19
N ASN B 415 4.55 21.05 32.38
CA ASN B 415 3.15 21.02 32.77
C ASN B 415 2.60 22.37 33.22
N HIS B 416 1.49 22.81 32.61
CA HIS B 416 0.72 23.97 33.08
C HIS B 416 -0.73 23.65 33.32
N VAL B 417 -1.08 22.36 33.27
CA VAL B 417 -2.46 21.93 33.45
C VAL B 417 -2.85 22.01 34.92
N ASP B 418 -3.81 22.89 35.22
CA ASP B 418 -4.13 23.25 36.61
C ASP B 418 -5.48 22.70 37.08
N SER B 419 -5.75 21.44 36.77
CA SER B 419 -6.93 20.74 37.29
C SER B 419 -6.73 19.23 37.26
N ALA B 420 -6.97 18.59 38.40
CA ALA B 420 -6.90 17.12 38.47
C ALA B 420 -7.83 16.46 37.47
N LYS B 421 -8.90 17.16 37.09
CA LYS B 421 -9.82 16.71 36.05
C LYS B 421 -9.06 16.41 34.76
N GLN B 422 -8.45 17.45 34.16
CA GLN B 422 -7.79 17.31 32.87
C GLN B 422 -6.36 16.76 32.99
N GLN B 423 -5.77 16.87 34.19
CA GLN B 423 -4.45 16.30 34.43
C GLN B 423 -4.51 14.78 34.56
N ALA B 424 -5.64 14.27 35.05
CA ALA B 424 -5.90 12.84 35.07
C ALA B 424 -6.14 12.32 33.65
N LYS B 425 -6.77 13.16 32.82
CA LYS B 425 -7.10 12.81 31.44
C LYS B 425 -5.85 12.56 30.60
N MET B 426 -4.81 13.34 30.82
CA MET B 426 -3.53 13.14 30.13
C MET B 426 -2.77 11.93 30.68
N ALA B 427 -3.06 11.55 31.92
CA ALA B 427 -2.55 10.30 32.49
C ALA B 427 -3.13 9.09 31.76
N GLU B 428 -4.40 9.19 31.37
CA GLU B 428 -5.06 8.15 30.59
C GLU B 428 -4.54 8.10 29.17
N TYR B 429 -4.47 9.27 28.53
CA TYR B 429 -3.99 9.41 27.14
C TYR B 429 -2.64 8.73 26.92
N CYS B 430 -1.75 8.84 27.90
CA CYS B 430 -0.43 8.21 27.81
C CYS B 430 -0.54 6.70 27.80
N ARG B 431 -1.27 6.16 28.78
CA ARG B 431 -1.46 4.71 28.89
C ARG B 431 -2.35 4.14 27.79
N SER B 432 -3.29 4.95 27.31
CA SER B 432 -4.18 4.53 26.22
C SER B 432 -3.42 4.45 24.88
N ILE B 433 -2.63 5.48 24.59
CA ILE B 433 -1.91 5.58 23.31
C ILE B 433 -0.66 4.69 23.25
N PHE B 434 0.29 4.96 24.15
CA PHE B 434 1.59 4.26 24.13
C PHE B 434 1.44 2.80 24.56
N GLY B 435 0.70 2.58 25.64
CA GLY B 435 0.46 1.23 26.15
C GLY B 435 1.70 0.65 26.82
N ASP B 436 2.19 -0.46 26.28
CA ASP B 436 3.34 -1.16 26.86
C ASP B 436 4.62 -0.31 26.80
N ALA B 437 4.73 0.51 25.76
CA ALA B 437 5.92 1.34 25.57
C ALA B 437 6.18 2.28 26.76
N LEU B 438 5.11 2.78 27.38
CA LEU B 438 5.23 3.66 28.53
C LEU B 438 5.79 2.92 29.74
N LEU B 439 6.79 3.52 30.38
CA LEU B 439 7.49 2.90 31.51
C LEU B 439 6.83 3.30 32.82
N ILE B 440 5.74 2.61 33.16
CA ILE B 440 4.90 2.97 34.30
C ILE B 440 5.57 2.71 35.65
N GLU B 441 6.36 1.64 35.73
CA GLU B 441 7.04 1.25 36.97
C GLU B 441 8.52 1.00 36.70
N PRO B 442 9.35 1.00 37.76
CA PRO B 442 10.79 0.73 37.61
C PRO B 442 11.12 -0.71 37.24
N LEU B 443 12.32 -0.91 36.70
CA LEU B 443 12.83 -2.25 36.40
C LEU B 443 13.30 -2.91 37.69
N ASP B 444 13.21 -4.24 37.74
CA ASP B 444 13.58 -4.98 38.94
C ASP B 444 15.10 -5.05 39.19
N LYS B 445 15.88 -4.82 38.14
CA LYS B 445 17.34 -4.82 38.25
C LYS B 445 17.82 -3.51 38.91
N TYR B 446 17.43 -2.38 38.34
CA TYR B 446 17.76 -1.07 38.90
C TYR B 446 16.55 -0.47 39.60
N PRO B 447 16.52 -0.49 40.94
CA PRO B 447 15.46 0.24 41.64
C PRO B 447 15.73 1.74 41.70
N LEU B 448 14.85 2.46 42.40
CA LEU B 448 14.99 3.89 42.59
C LEU B 448 15.55 4.18 44.00
N ALA B 449 16.79 3.74 44.24
CA ALA B 449 17.45 3.96 45.52
C ALA B 449 18.57 5.00 45.40
N PRO B 450 19.09 5.50 46.53
CA PRO B 450 20.30 6.31 46.48
C PRO B 450 21.52 5.42 46.16
N GLY B 451 22.37 5.86 45.24
CA GLY B 451 23.55 5.09 44.85
C GLY B 451 23.32 4.12 43.69
N VAL B 452 22.07 3.76 43.44
CA VAL B 452 21.70 2.89 42.31
C VAL B 452 21.80 3.66 40.99
N PRO B 453 22.68 3.22 40.08
CA PRO B 453 22.93 3.98 38.85
C PRO B 453 21.75 3.91 37.89
N LEU B 454 21.74 4.79 36.90
CA LEU B 454 20.70 4.78 35.89
C LEU B 454 20.85 3.53 35.02
N PRO B 455 19.73 2.97 34.55
CA PRO B 455 19.82 1.87 33.59
C PRO B 455 20.40 2.33 32.25
N SER B 456 20.88 1.37 31.47
CA SER B 456 21.48 1.66 30.16
C SER B 456 20.41 2.01 29.13
N PRO B 457 20.83 2.54 27.97
CA PRO B 457 19.88 2.70 26.87
C PRO B 457 19.30 1.37 26.42
N GLN B 458 20.11 0.33 26.46
CA GLN B 458 19.68 -1.01 26.06
C GLN B 458 18.67 -1.60 27.03
N ASP B 459 18.76 -1.18 28.29
CA ASP B 459 17.83 -1.64 29.32
C ASP B 459 16.43 -1.02 29.15
N LEU B 460 16.34 0.05 28.36
CA LEU B 460 15.08 0.73 28.08
C LEU B 460 14.76 0.77 26.57
N MET B 461 15.17 -0.26 25.85
CA MET B 461 14.93 -0.31 24.40
C MET B 461 13.43 -0.23 24.14
N GLY B 462 13.03 0.68 23.26
CA GLY B 462 11.64 0.80 22.85
C GLY B 462 10.70 1.18 23.98
N ARG B 463 11.20 1.92 24.96
CA ARG B 463 10.38 2.40 26.07
C ARG B 463 10.35 3.93 26.05
N ILE B 464 9.30 4.50 26.66
CA ILE B 464 9.17 5.94 26.77
C ILE B 464 9.09 6.33 28.23
N LEU B 465 9.82 7.37 28.61
CA LEU B 465 9.88 7.81 29.99
C LEU B 465 9.31 9.21 30.10
N VAL B 466 8.44 9.41 31.08
CA VAL B 466 7.84 10.73 31.31
C VAL B 466 8.75 11.54 32.23
N LYS B 467 8.69 12.86 32.08
CA LYS B 467 9.57 13.79 32.79
C LYS B 467 8.78 14.94 33.38
N ASN B 468 8.12 14.67 34.50
CA ASN B 468 7.29 15.66 35.20
C ASN B 468 7.57 15.61 36.70
N LYS B 469 7.18 16.66 37.42
CA LYS B 469 7.38 16.73 38.88
C LYS B 469 6.69 15.57 39.58
N LYS B 470 7.20 15.21 40.76
CA LYS B 470 6.71 14.03 41.48
C LYS B 470 6.41 14.39 42.95
N ARG B 471 7.05 13.70 43.91
CA ARG B 471 6.92 14.00 45.34
C ARG B 471 8.19 13.65 46.11
N PRO B 574 6.28 33.28 35.07
CA PRO B 574 6.87 34.10 34.02
C PRO B 574 8.27 34.61 34.40
N THR B 575 9.30 34.25 33.62
CA THR B 575 10.68 34.75 33.82
C THR B 575 11.22 35.33 32.51
N THR B 576 12.11 36.32 32.64
CA THR B 576 12.51 37.15 31.50
C THR B 576 13.20 36.31 30.45
N ASP B 577 14.16 35.50 30.89
CA ASP B 577 14.96 34.68 29.97
C ASP B 577 14.86 33.16 30.20
N GLU B 578 14.15 32.74 31.25
CA GLU B 578 13.91 31.31 31.50
C GLU B 578 12.59 30.84 30.92
N GLY B 579 11.76 31.80 30.51
CA GLY B 579 10.54 31.52 29.73
C GLY B 579 9.34 31.06 30.55
N THR B 580 8.54 30.19 29.93
CA THR B 580 7.38 29.59 30.60
C THR B 580 7.78 28.37 31.44
N ALA B 581 9.06 28.00 31.39
CA ALA B 581 9.60 26.88 32.16
C ALA B 581 9.81 27.26 33.63
N SER B 582 9.82 28.55 33.93
CA SER B 582 9.98 29.03 35.29
C SER B 582 8.78 28.72 36.16
N SER B 583 7.61 29.20 35.76
CA SER B 583 6.37 29.03 36.54
C SER B 583 5.58 27.77 36.11
N GLU B 584 6.19 26.61 36.34
CA GLU B 584 5.55 25.32 36.06
C GLU B 584 4.62 24.94 37.19
N VAL B 585 3.44 24.40 36.86
CA VAL B 585 2.43 24.06 37.87
C VAL B 585 2.81 22.81 38.68
N ASN B 586 2.21 22.71 39.86
CA ASN B 586 2.46 21.58 40.77
C ASN B 586 1.81 20.31 40.24
N ALA B 587 2.61 19.26 40.14
CA ALA B 587 2.13 17.97 39.63
C ALA B 587 1.15 17.34 40.61
N THR B 588 0.22 16.55 40.08
CA THR B 588 -0.79 15.88 40.88
C THR B 588 -0.48 14.37 40.97
N GLU B 589 -1.28 13.66 41.77
CA GLU B 589 -1.06 12.25 42.08
C GLU B 589 -1.23 11.27 40.89
N GLU B 590 -1.85 11.73 39.81
CA GLU B 590 -2.04 10.91 38.61
C GLU B 590 -0.79 10.92 37.74
N MET B 591 -0.33 12.12 37.38
CA MET B 591 0.82 12.27 36.49
C MET B 591 2.13 11.78 37.12
N SER B 592 2.26 11.94 38.43
CA SER B 592 3.50 11.58 39.12
C SER B 592 3.80 10.07 39.11
N THR B 593 2.78 9.23 38.88
CA THR B 593 2.96 7.77 38.83
C THR B 593 3.87 7.32 37.69
N LEU B 594 3.73 7.96 36.53
CA LEU B 594 4.50 7.62 35.35
C LEU B 594 5.98 8.02 35.47
N VAL B 595 6.26 9.01 36.30
CA VAL B 595 7.62 9.49 36.53
C VAL B 595 8.39 8.55 37.45
N ASN B 596 9.68 8.41 37.19
CA ASN B 596 10.51 7.46 37.93
C ASN B 596 12.01 7.73 37.77
N TYR B 597 12.57 7.38 36.60
CA TYR B 597 14.03 7.44 36.39
C TYR B 597 14.53 8.83 35.96
N ILE B 598 13.63 9.67 35.45
CA ILE B 598 13.98 11.04 35.07
C ILE B 598 13.13 12.02 35.88
N GLU B 599 13.59 12.30 37.10
CA GLU B 599 12.86 13.18 38.01
C GLU B 599 13.44 14.59 38.00
N PRO B 600 12.70 15.56 37.43
CA PRO B 600 13.18 16.95 37.45
C PRO B 600 12.97 17.60 38.82
N VAL B 601 14.05 18.12 39.40
CA VAL B 601 13.98 18.85 40.66
C VAL B 601 14.73 20.16 40.55
N LYS B 602 14.44 21.08 41.45
CA LYS B 602 15.10 22.38 41.46
C LYS B 602 16.54 22.21 41.93
N PHE B 603 17.48 22.84 41.23
CA PHE B 603 18.90 22.70 41.52
C PHE B 603 19.34 23.68 42.59
N LYS B 604 20.10 23.20 43.58
CA LYS B 604 20.63 24.05 44.66
C LYS B 604 22.11 24.36 44.45
N SER B 605 22.94 23.32 44.47
CA SER B 605 24.38 23.44 44.31
C SER B 605 24.97 22.05 44.08
N PHE B 606 26.16 21.98 43.49
CA PHE B 606 26.70 20.70 43.05
C PHE B 606 27.01 19.75 44.20
N GLU B 607 27.55 20.26 45.29
CA GLU B 607 27.80 19.41 46.44
C GLU B 607 26.49 18.84 46.98
N ALA B 608 25.51 19.70 47.17
CA ALA B 608 24.22 19.30 47.74
C ALA B 608 23.54 18.19 46.93
N ALA B 609 23.37 18.43 45.63
CA ALA B 609 22.71 17.46 44.73
C ALA B 609 23.59 16.24 44.41
N ARG B 610 24.90 16.35 44.65
CA ARG B 610 25.84 15.28 44.36
C ARG B 610 26.08 14.39 45.59
N LYS B 611 26.16 15.01 46.77
CA LYS B 611 26.33 14.24 48.01
C LYS B 611 25.02 13.58 48.46
N ARG B 612 23.89 14.01 47.88
CA ARG B 612 22.61 13.36 48.11
C ARG B 612 22.60 11.93 47.53
N ASN B 613 23.38 11.74 46.46
CA ASN B 613 23.69 10.42 45.93
C ASN B 613 22.53 9.70 45.23
N LYS B 614 21.50 10.44 44.86
CA LYS B 614 20.42 9.90 44.02
C LYS B 614 20.77 10.15 42.57
N CYS B 615 20.63 9.12 41.73
CA CYS B 615 21.06 9.19 40.33
C CYS B 615 19.93 9.54 39.38
N PHE B 616 18.75 8.96 39.64
CA PHE B 616 17.53 9.25 38.85
C PHE B 616 17.14 10.73 38.84
N GLU B 617 17.42 11.42 39.96
CA GLU B 617 17.21 12.86 40.06
C GLU B 617 18.04 13.60 39.00
N MET B 618 17.46 14.67 38.46
CA MET B 618 18.13 15.50 37.46
C MET B 618 17.55 16.91 37.46
N SER B 619 18.36 17.89 37.09
CA SER B 619 17.92 19.28 37.02
C SER B 619 18.14 19.86 35.62
N SER B 620 17.19 20.68 35.18
CA SER B 620 17.29 21.37 33.90
C SER B 620 17.98 22.70 34.10
N PHE B 621 18.72 23.15 33.08
CA PHE B 621 19.42 24.42 33.12
C PHE B 621 19.09 25.26 31.89
N VAL B 622 18.74 26.52 32.10
CA VAL B 622 18.61 27.48 31.02
C VAL B 622 20.01 27.85 30.55
N GLU B 623 20.14 28.23 29.28
CA GLU B 623 21.45 28.51 28.67
C GLU B 623 22.37 29.40 29.51
N THR B 624 21.84 30.51 30.01
CA THR B 624 22.63 31.52 30.73
C THR B 624 23.06 31.07 32.13
N LYS B 625 22.14 30.46 32.86
CA LYS B 625 22.47 29.93 34.18
C LYS B 625 23.44 28.75 34.08
N ALA B 626 23.25 27.92 33.05
CA ALA B 626 24.15 26.81 32.76
C ALA B 626 25.54 27.30 32.35
N MET B 627 25.59 28.43 31.64
CA MET B 627 26.84 29.01 31.18
C MET B 627 27.74 29.44 32.34
N GLU B 628 27.16 30.07 33.35
CA GLU B 628 27.93 30.52 34.52
C GLU B 628 28.54 29.34 35.26
N GLN B 629 27.77 28.27 35.43
CA GLN B 629 28.26 27.06 36.08
C GLN B 629 29.42 26.44 35.32
N LEU B 630 29.42 26.61 34.00
CA LEU B 630 30.56 26.18 33.18
C LEU B 630 31.83 26.95 33.55
N THR B 631 31.71 28.27 33.70
CA THR B 631 32.86 29.12 34.02
C THR B 631 33.27 29.08 35.49
N LYS B 632 32.27 29.09 36.39
CA LYS B 632 32.52 29.18 37.83
C LYS B 632 32.98 27.87 38.49
N SER B 633 32.52 26.75 37.95
CA SER B 633 32.81 25.45 38.55
C SER B 633 32.66 24.32 37.52
N PRO B 634 33.67 24.12 36.66
CA PRO B 634 33.58 23.21 35.53
C PRO B 634 33.85 21.75 35.86
N MET B 635 34.89 21.49 36.66
CA MET B 635 35.22 20.13 37.05
C MET B 635 34.11 19.54 37.90
N GLU B 636 33.47 20.40 38.70
CA GLU B 636 32.30 20.04 39.50
C GLU B 636 31.09 19.64 38.65
N PHE B 637 31.00 20.23 37.46
CA PHE B 637 29.92 19.92 36.50
C PHE B 637 30.13 18.53 35.94
N VAL B 638 31.33 18.27 35.41
CA VAL B 638 31.64 16.96 34.84
C VAL B 638 31.30 15.86 35.85
N GLU B 639 31.79 15.99 37.08
CA GLU B 639 31.59 14.96 38.12
C GLU B 639 30.15 14.83 38.63
N TYR B 640 29.29 15.78 38.28
CA TYR B 640 27.85 15.62 38.48
C TYR B 640 27.25 14.83 37.32
N ASN B 641 27.68 15.15 36.11
CA ASN B 641 27.18 14.49 34.90
C ASN B 641 27.58 13.03 34.76
N LYS B 642 28.67 12.65 35.43
CA LYS B 642 29.07 11.25 35.45
C LYS B 642 27.95 10.39 36.02
N GLN B 643 27.40 10.81 37.16
CA GLN B 643 26.37 10.06 37.88
C GLN B 643 24.97 10.36 37.36
N GLN B 644 24.63 11.65 37.32
CA GLN B 644 23.25 12.11 37.11
C GLN B 644 23.08 12.78 35.75
N LEU B 645 21.84 13.13 35.42
CA LEU B 645 21.51 13.77 34.14
C LEU B 645 21.40 15.29 34.26
N SER B 646 21.40 15.97 33.11
CA SER B 646 21.30 17.43 33.06
C SER B 646 20.80 17.89 31.69
N ARG B 647 19.69 18.64 31.68
CA ARG B 647 19.14 19.19 30.43
C ARG B 647 19.54 20.64 30.27
N ILE B 648 19.73 21.06 29.02
CA ILE B 648 20.07 22.45 28.72
C ILE B 648 19.22 23.00 27.59
N TYR B 649 18.33 23.92 27.92
CA TYR B 649 17.48 24.56 26.92
C TYR B 649 17.91 26.00 26.66
N PRO B 650 17.66 26.51 25.44
CA PRO B 650 18.03 27.88 25.06
C PRO B 650 17.19 28.97 25.75
N LYS B 651 17.81 30.12 25.98
CA LYS B 651 17.16 31.21 26.70
C LYS B 651 16.00 31.83 25.93
N GLY B 652 15.21 32.65 26.61
CA GLY B 652 14.03 33.29 26.04
C GLY B 652 14.34 34.50 25.19
N THR B 653 15.58 34.99 25.25
CA THR B 653 16.04 36.07 24.38
C THR B 653 15.95 35.66 22.90
N ARG B 654 16.18 34.38 22.63
CA ARG B 654 16.19 33.85 21.27
C ARG B 654 14.76 33.69 20.73
N VAL B 655 14.15 34.82 20.38
CA VAL B 655 12.76 34.86 19.93
C VAL B 655 12.56 34.48 18.46
N ASP B 656 13.66 34.32 17.73
CA ASP B 656 13.60 33.86 16.34
C ASP B 656 14.17 32.44 16.20
N SER B 657 13.96 31.63 17.25
CA SER B 657 14.32 30.21 17.25
C SER B 657 15.79 29.95 16.90
N SER B 658 16.66 30.89 17.25
CA SER B 658 18.09 30.76 16.99
C SER B 658 18.73 29.77 17.97
N ASN B 659 19.88 29.20 17.59
CA ASN B 659 20.56 28.19 18.39
C ASN B 659 21.93 28.59 18.92
N TYR B 660 22.20 28.19 20.16
CA TYR B 660 23.52 28.33 20.78
C TYR B 660 24.38 27.14 20.38
N MET B 661 25.69 27.29 20.54
CA MET B 661 26.61 26.20 20.24
C MET B 661 26.54 25.13 21.34
N PRO B 662 26.07 23.91 20.99
CA PRO B 662 25.91 22.85 21.99
C PRO B 662 27.23 22.21 22.45
N GLN B 663 28.27 22.34 21.64
CA GLN B 663 29.61 21.83 22.01
C GLN B 663 30.05 22.39 23.36
N LEU B 664 29.69 23.65 23.64
CA LEU B 664 29.96 24.29 24.94
C LEU B 664 29.70 23.34 26.08
N PHE B 665 28.49 22.80 26.11
CA PHE B 665 28.00 22.05 27.25
C PHE B 665 28.28 20.55 27.15
N TRP B 666 28.49 20.04 25.94
CA TRP B 666 28.98 18.67 25.77
C TRP B 666 30.35 18.50 26.39
N ASN B 667 31.17 19.56 26.34
CA ASN B 667 32.51 19.55 26.92
C ASN B 667 32.54 19.19 28.41
N VAL B 668 31.48 19.57 29.14
CA VAL B 668 31.37 19.25 30.57
C VAL B 668 30.41 18.09 30.87
N GLY B 669 29.99 17.37 29.83
CA GLY B 669 29.30 16.09 29.98
C GLY B 669 27.79 16.14 30.06
N CYS B 670 27.19 17.24 29.58
CA CYS B 670 25.74 17.37 29.55
C CYS B 670 25.15 16.47 28.49
N GLN B 671 24.07 15.76 28.83
CA GLN B 671 23.51 14.73 27.95
C GLN B 671 22.51 15.36 26.99
N LEU B 672 21.47 15.95 27.55
CA LEU B 672 20.37 16.51 26.79
C LEU B 672 20.64 17.98 26.51
N VAL B 673 21.44 18.25 25.48
CA VAL B 673 21.71 19.63 25.04
C VAL B 673 20.69 20.01 23.97
N ALA B 674 19.58 20.57 24.43
CA ALA B 674 18.43 20.81 23.56
C ALA B 674 18.68 21.91 22.54
N LEU B 675 17.94 21.86 21.44
CA LEU B 675 18.07 22.83 20.35
C LEU B 675 16.72 23.08 19.66
N ASN B 676 16.68 24.14 18.86
CA ASN B 676 15.52 24.44 18.02
C ASN B 676 15.67 23.75 16.67
N PHE B 677 14.93 22.67 16.47
CA PHE B 677 14.97 21.92 15.22
C PHE B 677 14.42 22.74 14.05
N GLN B 678 13.70 23.81 14.38
CA GLN B 678 13.11 24.70 13.37
C GLN B 678 14.19 25.28 12.47
N THR B 679 15.22 25.87 13.07
CA THR B 679 16.32 26.50 12.33
C THR B 679 17.50 25.55 12.16
N LEU B 680 18.18 25.67 11.01
CA LEU B 680 19.38 24.88 10.72
C LEU B 680 20.60 25.78 10.53
N ASP B 681 21.03 26.42 11.61
CA ASP B 681 22.24 27.24 11.62
C ASP B 681 23.46 26.39 12.01
N VAL B 682 24.63 27.02 12.09
CA VAL B 682 25.89 26.29 12.33
C VAL B 682 25.76 25.27 13.46
N ALA B 683 25.11 25.69 14.55
CA ALA B 683 24.91 24.84 15.72
C ALA B 683 24.12 23.60 15.38
N MET B 684 22.94 23.79 14.81
CA MET B 684 22.08 22.66 14.44
C MET B 684 22.68 21.83 13.30
N GLN B 685 23.45 22.48 12.42
CA GLN B 685 24.19 21.77 11.36
C GLN B 685 25.10 20.71 11.95
N LEU B 686 25.71 21.02 13.10
CA LEU B 686 26.61 20.10 13.80
C LEU B 686 25.85 19.00 14.54
N ASN B 687 24.87 19.39 15.37
CA ASN B 687 24.01 18.43 16.07
C ASN B 687 23.48 17.38 15.10
N ALA B 688 23.06 17.83 13.92
CA ALA B 688 22.58 16.95 12.87
C ALA B 688 23.63 15.92 12.45
N GLY B 689 24.81 16.42 12.12
CA GLY B 689 25.87 15.59 11.52
C GLY B 689 26.64 14.68 12.46
N VAL B 690 26.61 14.97 13.76
CA VAL B 690 27.33 14.14 14.76
C VAL B 690 26.50 12.94 15.22
N PHE B 691 25.18 13.10 15.25
CA PHE B 691 24.28 12.01 15.64
C PHE B 691 23.97 11.06 14.48
N GLU B 692 24.43 11.40 13.29
CA GLU B 692 24.44 10.47 12.15
C GLU B 692 25.19 9.19 12.50
N TYR B 693 26.24 9.34 13.32
CA TYR B 693 27.09 8.22 13.68
C TYR B 693 26.45 7.38 14.78
N ASN B 694 27.03 6.21 15.00
CA ASN B 694 26.43 5.19 15.85
C ASN B 694 25.07 4.82 15.31
N GLY B 695 25.00 4.61 14.00
CA GLY B 695 23.80 4.14 13.31
C GLY B 695 22.54 4.96 13.55
N ARG B 696 22.67 6.28 13.48
CA ARG B 696 21.51 7.19 13.54
C ARG B 696 20.72 7.06 14.84
N SER B 697 21.33 6.48 15.87
CA SER B 697 20.61 6.09 17.09
C SER B 697 20.30 7.26 18.01
N GLY B 698 21.07 8.34 17.88
CA GLY B 698 20.89 9.51 18.74
C GLY B 698 21.49 9.32 20.12
N TYR B 699 22.35 8.32 20.25
CA TYR B 699 23.04 8.02 21.52
C TYR B 699 24.53 7.80 21.27
N LEU B 700 25.33 8.80 21.63
CA LEU B 700 26.78 8.77 21.41
C LEU B 700 27.50 8.68 22.75
N LEU B 701 28.31 7.65 22.91
CA LEU B 701 28.92 7.32 24.20
C LEU B 701 30.08 8.26 24.50
N LYS B 702 30.05 8.88 25.67
CA LYS B 702 31.06 9.88 26.06
C LYS B 702 32.48 9.30 26.07
N PRO B 703 33.50 10.18 25.99
CA PRO B 703 34.87 9.70 26.09
C PRO B 703 35.17 9.22 27.50
N GLU B 704 36.04 8.21 27.59
CA GLU B 704 36.34 7.49 28.85
C GLU B 704 36.28 8.38 30.10
N PHE B 705 37.12 9.41 30.14
CA PHE B 705 37.35 10.19 31.36
C PHE B 705 36.16 11.05 31.78
N MET B 706 35.29 11.41 30.83
CA MET B 706 34.11 12.24 31.13
C MET B 706 32.99 11.45 31.81
N ARG B 707 33.13 10.14 31.87
CA ARG B 707 32.14 9.28 32.51
C ARG B 707 32.76 8.25 33.45
N ARG B 708 33.99 8.48 33.88
CA ARG B 708 34.64 7.58 34.83
C ARG B 708 34.74 8.24 36.19
N PRO B 709 34.37 7.50 37.25
CA PRO B 709 34.36 8.05 38.61
C PRO B 709 35.75 8.40 39.17
N ASP B 710 36.72 7.52 38.96
CA ASP B 710 38.08 7.71 39.51
C ASP B 710 38.87 8.82 38.82
N LYS B 711 38.71 8.92 37.49
CA LYS B 711 39.39 9.94 36.70
C LYS B 711 38.70 11.28 36.87
N SER B 712 39.46 12.34 36.68
CA SER B 712 38.92 13.69 36.68
C SER B 712 39.88 14.62 35.95
N PHE B 713 39.35 15.31 34.94
CA PHE B 713 40.17 16.21 34.14
C PHE B 713 39.46 17.56 33.96
N ASP B 714 40.27 18.58 33.68
CA ASP B 714 39.80 19.96 33.48
C ASP B 714 39.48 20.16 31.99
N PRO B 715 38.22 20.50 31.66
CA PRO B 715 37.84 20.79 30.27
C PRO B 715 38.63 21.93 29.59
N PHE B 716 39.32 22.74 30.38
CA PHE B 716 40.04 23.90 29.86
C PHE B 716 41.54 23.68 29.68
N THR B 717 42.06 22.51 30.09
CA THR B 717 43.51 22.26 30.06
C THR B 717 44.09 22.68 28.72
N GLU B 718 45.19 23.43 28.79
CA GLU B 718 45.89 23.90 27.60
C GLU B 718 47.04 22.97 27.24
N VAL B 719 47.22 21.89 28.01
CA VAL B 719 48.28 20.90 27.76
C VAL B 719 47.69 19.49 27.76
N ILE B 720 48.37 18.58 27.08
CA ILE B 720 47.96 17.17 27.01
C ILE B 720 47.60 16.62 28.37
N VAL B 721 46.61 15.73 28.41
CA VAL B 721 46.22 15.10 29.65
C VAL B 721 46.93 13.74 29.77
N ASP B 722 47.22 13.32 31.00
CA ASP B 722 47.78 11.99 31.25
C ASP B 722 46.72 10.92 30.95
N GLY B 723 47.13 9.86 30.26
CA GLY B 723 46.22 8.77 29.92
C GLY B 723 45.55 8.94 28.56
N ILE B 724 45.09 10.16 28.27
CA ILE B 724 44.41 10.44 27.01
C ILE B 724 45.38 10.57 25.82
N VAL B 725 45.21 9.68 24.84
CA VAL B 725 46.06 9.66 23.64
C VAL B 725 45.65 10.79 22.70
N ALA B 726 46.34 11.92 22.80
CA ALA B 726 46.06 13.08 21.96
C ALA B 726 46.56 12.86 20.53
N ASN B 727 45.89 13.49 19.56
CA ASN B 727 46.22 13.32 18.14
C ASN B 727 46.64 14.63 17.47
N ALA B 728 47.17 14.52 16.26
CA ALA B 728 47.57 15.69 15.47
C ALA B 728 47.07 15.53 14.04
N LEU B 729 46.39 16.57 13.54
CA LEU B 729 45.67 16.49 12.27
C LEU B 729 46.11 17.59 11.31
N ARG B 730 46.29 17.22 10.05
CA ARG B 730 46.60 18.15 8.96
C ARG B 730 45.60 17.94 7.84
N VAL B 731 44.98 19.02 7.37
CA VAL B 731 44.00 18.94 6.29
C VAL B 731 44.41 19.86 5.13
N LYS B 732 44.73 19.26 3.98
CA LYS B 732 45.03 20.03 2.78
C LYS B 732 43.89 19.86 1.78
N VAL B 733 43.26 20.97 1.40
CA VAL B 733 42.23 20.96 0.37
C VAL B 733 42.92 20.94 -0.98
N ILE B 734 42.56 19.98 -1.82
CA ILE B 734 43.21 19.79 -3.13
C ILE B 734 42.39 20.35 -4.29
N SER B 735 41.16 19.86 -4.46
CA SER B 735 40.28 20.30 -5.55
C SER B 735 38.82 19.95 -5.30
N GLY B 736 37.96 20.31 -6.25
CA GLY B 736 36.53 20.01 -6.18
C GLY B 736 35.92 19.77 -7.55
N GLN B 737 34.73 19.15 -7.57
CA GLN B 737 34.02 18.88 -8.81
C GLN B 737 32.52 19.14 -8.70
N PHE B 738 31.96 19.78 -9.72
CA PHE B 738 30.50 19.93 -9.88
C PHE B 738 29.83 20.66 -8.71
N LEU B 739 30.40 21.81 -8.34
CA LEU B 739 29.98 22.50 -7.12
C LEU B 739 28.87 23.53 -7.33
N SER B 740 28.35 23.68 -8.56
CA SER B 740 27.33 24.68 -8.82
C SER B 740 26.57 24.50 -10.14
N ASP B 741 25.35 25.05 -10.17
CA ASP B 741 24.53 25.12 -11.37
C ASP B 741 24.82 26.41 -12.16
N ARG B 742 26.02 26.95 -12.00
CA ARG B 742 26.37 28.24 -12.59
C ARG B 742 27.86 28.56 -12.35
N LYS B 743 28.46 29.25 -13.32
CA LYS B 743 29.84 29.71 -13.18
C LYS B 743 29.91 30.74 -12.06
N VAL B 744 30.65 30.41 -11.02
CA VAL B 744 30.84 31.29 -9.88
C VAL B 744 32.00 30.77 -9.05
N GLY B 745 32.68 31.66 -8.33
CA GLY B 745 33.77 31.27 -7.46
C GLY B 745 33.29 30.50 -6.24
N ILE B 746 34.11 29.56 -5.78
CA ILE B 746 33.84 28.81 -4.56
C ILE B 746 35.01 28.95 -3.60
N TYR B 747 34.71 28.97 -2.31
CA TYR B 747 35.75 28.88 -1.27
C TYR B 747 35.36 27.87 -0.19
N VAL B 748 36.37 27.25 0.42
CA VAL B 748 36.16 26.18 1.40
C VAL B 748 36.60 26.61 2.79
N GLU B 749 35.80 26.25 3.79
CA GLU B 749 36.16 26.44 5.21
C GLU B 749 36.51 25.09 5.85
N VAL B 750 37.43 25.12 6.80
CA VAL B 750 37.79 23.93 7.56
C VAL B 750 37.88 24.30 9.03
N ASP B 751 36.96 23.76 9.83
CA ASP B 751 36.85 24.11 11.25
C ASP B 751 36.87 22.85 12.12
N MET B 752 37.32 23.01 13.37
CA MET B 752 37.27 21.94 14.35
C MET B 752 36.49 22.37 15.59
N PHE B 753 35.59 21.49 16.03
CA PHE B 753 34.81 21.72 17.25
C PHE B 753 35.12 20.61 18.26
N GLY B 754 35.67 21.00 19.40
CA GLY B 754 35.96 20.06 20.49
C GLY B 754 36.02 20.82 21.81
N LEU B 755 36.98 20.47 22.66
CA LEU B 755 37.26 21.28 23.83
C LEU B 755 37.74 22.66 23.37
N PRO B 756 37.62 23.69 24.21
CA PRO B 756 38.10 25.02 23.82
C PRO B 756 39.56 24.99 23.35
N VAL B 757 40.40 24.28 24.09
CA VAL B 757 41.80 24.07 23.72
C VAL B 757 41.98 23.56 22.28
N ASP B 758 41.09 22.67 21.85
CA ASP B 758 41.13 22.12 20.49
C ASP B 758 40.46 23.03 19.46
N THR B 759 39.40 23.73 19.87
CA THR B 759 38.52 24.44 18.94
C THR B 759 39.19 25.57 18.16
N ARG B 760 39.28 25.36 16.85
CA ARG B 760 39.63 26.41 15.90
C ARG B 760 38.61 26.38 14.77
N ARG B 761 38.21 27.57 14.32
CA ARG B 761 37.26 27.68 13.23
C ARG B 761 37.63 28.87 12.33
N LYS B 762 38.93 29.04 12.13
CA LYS B 762 39.45 30.19 11.41
C LYS B 762 39.84 29.88 9.96
N TYR B 763 40.30 28.65 9.70
CA TYR B 763 40.89 28.32 8.41
C TYR B 763 39.91 28.45 7.24
N ARG B 764 40.41 28.94 6.11
CA ARG B 764 39.59 29.17 4.93
C ARG B 764 40.48 29.25 3.69
N THR B 765 40.06 28.58 2.61
CA THR B 765 40.77 28.66 1.34
C THR B 765 40.47 29.98 0.64
N ARG B 766 41.17 30.24 -0.45
CA ARG B 766 40.87 31.40 -1.31
C ARG B 766 39.61 31.12 -2.11
N THR B 767 39.02 32.19 -2.65
CA THR B 767 37.97 32.04 -3.65
C THR B 767 38.59 31.44 -4.89
N SER B 768 37.90 30.48 -5.51
CA SER B 768 38.47 29.77 -6.66
C SER B 768 38.69 30.70 -7.84
N GLN B 769 39.56 30.27 -8.75
CA GLN B 769 39.87 31.03 -9.99
C GLN B 769 38.61 31.66 -10.61
N GLY B 770 37.50 30.93 -10.54
CA GLY B 770 36.25 31.30 -11.17
C GLY B 770 35.44 30.06 -11.52
N ASN B 771 36.14 28.99 -11.87
CA ASN B 771 35.52 27.73 -12.28
C ASN B 771 34.83 27.00 -11.15
N SER B 772 33.52 26.84 -11.27
CA SER B 772 32.72 26.01 -10.37
C SER B 772 32.52 24.60 -10.93
N PHE B 773 33.33 24.23 -11.92
CA PHE B 773 33.21 22.95 -12.58
C PHE B 773 34.26 21.98 -12.04
N ASN B 774 35.52 22.40 -12.10
CA ASN B 774 36.64 21.57 -11.68
C ASN B 774 37.80 22.39 -11.12
N PRO B 775 37.52 23.25 -10.11
CA PRO B 775 38.58 24.10 -9.57
C PRO B 775 39.60 23.31 -8.77
N VAL B 776 40.85 23.77 -8.79
CA VAL B 776 41.95 23.16 -8.04
C VAL B 776 42.61 24.20 -7.13
N TRP B 777 42.74 23.89 -5.85
CA TRP B 777 43.42 24.76 -4.88
C TRP B 777 44.75 24.18 -4.49
N ASP B 778 45.83 24.89 -4.80
CA ASP B 778 47.14 24.58 -4.25
C ASP B 778 47.34 25.51 -3.06
N GLU B 779 47.11 24.98 -1.86
CA GLU B 779 47.21 25.80 -0.65
C GLU B 779 47.88 25.07 0.49
N GLU B 780 48.56 25.83 1.35
CA GLU B 780 49.19 25.29 2.55
C GLU B 780 48.19 24.48 3.36
N PRO B 781 48.63 23.33 3.91
CA PRO B 781 47.72 22.52 4.70
C PRO B 781 47.26 23.24 5.96
N PHE B 782 46.01 23.02 6.35
CA PHE B 782 45.45 23.60 7.57
C PHE B 782 45.77 22.69 8.74
N ASP B 783 46.70 23.14 9.58
CA ASP B 783 47.25 22.30 10.64
C ASP B 783 46.48 22.39 11.95
N PHE B 784 46.24 21.24 12.54
CA PHE B 784 45.74 21.12 13.90
C PHE B 784 46.75 20.28 14.67
N PRO B 785 47.84 20.91 15.12
CA PRO B 785 49.03 20.21 15.57
C PRO B 785 48.80 19.50 16.89
N LYS B 786 47.86 20.00 17.69
CA LYS B 786 47.62 19.52 19.02
C LYS B 786 46.12 19.43 19.25
N VAL B 787 45.60 18.21 19.21
CA VAL B 787 44.23 17.92 19.59
C VAL B 787 44.28 17.10 20.87
N VAL B 788 44.01 17.75 22.00
CA VAL B 788 44.15 17.13 23.31
C VAL B 788 43.18 15.98 23.52
N LEU B 789 41.89 16.23 23.27
CA LEU B 789 40.87 15.21 23.38
C LEU B 789 40.21 14.97 22.03
N PRO B 790 40.68 13.94 21.29
CA PRO B 790 40.20 13.67 19.94
C PRO B 790 38.83 12.98 19.91
N THR B 791 38.61 12.09 20.86
CA THR B 791 37.36 11.36 20.99
C THR B 791 36.12 12.29 21.06
N LEU B 792 36.30 13.51 21.58
CA LEU B 792 35.22 14.49 21.66
C LEU B 792 35.19 15.44 20.45
N ALA B 793 36.35 15.71 19.86
CA ALA B 793 36.49 16.71 18.81
C ALA B 793 35.94 16.24 17.47
N SER B 794 35.56 17.21 16.62
CA SER B 794 34.96 16.93 15.30
C SER B 794 35.41 17.92 14.23
N LEU B 795 35.97 17.40 13.13
CA LEU B 795 36.33 18.23 11.97
C LEU B 795 35.08 18.64 11.21
N ARG B 796 35.19 19.70 10.41
CA ARG B 796 34.05 20.21 9.65
C ARG B 796 34.47 20.97 8.39
N ILE B 797 34.39 20.28 7.25
CA ILE B 797 34.63 20.90 5.94
C ILE B 797 33.31 21.46 5.42
N ALA B 798 33.36 22.68 4.88
CA ALA B 798 32.16 23.32 4.32
C ALA B 798 32.53 24.19 3.13
N ALA B 799 31.75 24.08 2.06
CA ALA B 799 31.99 24.83 0.82
C ALA B 799 30.95 25.94 0.62
N PHE B 800 31.42 27.11 0.20
CA PHE B 800 30.57 28.27 -0.01
C PHE B 800 30.89 28.92 -1.36
N GLU B 801 29.92 29.61 -1.93
CA GLU B 801 30.14 30.45 -3.11
C GLU B 801 30.70 31.81 -2.67
N GLU B 802 30.96 32.68 -3.64
CA GLU B 802 31.32 34.05 -3.34
C GLU B 802 30.11 34.76 -2.72
N GLY B 803 30.37 35.62 -1.74
CA GLY B 803 29.29 36.32 -1.06
C GLY B 803 28.44 35.41 -0.18
N GLY B 804 29.07 34.38 0.39
CA GLY B 804 28.48 33.58 1.46
C GLY B 804 27.36 32.59 1.13
N LYS B 805 27.03 32.40 -0.15
CA LYS B 805 25.96 31.46 -0.52
C LYS B 805 26.40 30.04 -0.24
N PHE B 806 25.59 29.32 0.53
CA PHE B 806 25.93 27.96 0.96
C PHE B 806 25.87 26.99 -0.22
N VAL B 807 26.76 26.00 -0.22
CA VAL B 807 26.79 24.94 -1.25
C VAL B 807 26.62 23.56 -0.64
N GLY B 808 27.47 23.22 0.33
CA GLY B 808 27.40 21.90 0.96
C GLY B 808 28.52 21.65 1.97
N HIS B 809 28.15 21.13 3.14
CA HIS B 809 29.11 20.87 4.21
C HIS B 809 29.12 19.41 4.58
N ARG B 810 30.07 19.04 5.42
CA ARG B 810 30.20 17.67 5.93
C ARG B 810 30.83 17.72 7.32
N ILE B 811 30.25 16.99 8.27
CA ILE B 811 30.86 16.86 9.59
C ILE B 811 31.52 15.50 9.71
N LEU B 812 32.80 15.50 10.10
CA LEU B 812 33.60 14.30 10.28
C LEU B 812 34.19 14.24 11.67
N PRO B 813 34.14 13.07 12.33
CA PRO B 813 34.77 12.91 13.64
C PRO B 813 36.28 12.76 13.54
N VAL B 814 36.99 13.43 14.44
CA VAL B 814 38.46 13.45 14.44
C VAL B 814 39.03 12.08 14.78
N SER B 815 38.27 11.30 15.54
CA SER B 815 38.68 9.99 15.98
C SER B 815 38.86 9.01 14.82
N ALA B 816 37.87 8.95 13.94
CA ALA B 816 37.78 7.89 12.92
C ALA B 816 38.37 8.27 11.55
N ILE B 817 38.45 9.56 11.27
CA ILE B 817 38.89 10.06 9.95
C ILE B 817 40.21 9.41 9.48
N ARG B 818 40.17 8.82 8.29
CA ARG B 818 41.34 8.16 7.71
C ARG B 818 42.33 9.17 7.15
N SER B 819 43.57 8.74 7.01
CA SER B 819 44.62 9.59 6.42
C SER B 819 44.78 9.22 4.95
N GLY B 820 45.14 10.22 4.14
CA GLY B 820 45.40 9.99 2.71
C GLY B 820 44.50 10.78 1.77
N TYR B 821 44.63 10.51 0.47
CA TYR B 821 43.83 11.19 -0.54
C TYR B 821 42.43 10.59 -0.62
N HIS B 822 41.41 11.41 -0.33
CA HIS B 822 40.02 10.95 -0.32
C HIS B 822 39.09 11.97 -0.89
N TYR B 823 37.96 11.52 -1.39
CA TYR B 823 36.86 12.40 -1.75
C TYR B 823 35.94 12.54 -0.54
N VAL B 824 35.30 13.71 -0.45
CA VAL B 824 34.39 14.02 0.66
C VAL B 824 33.03 14.43 0.10
N CYS B 825 32.11 13.48 0.04
CA CYS B 825 30.78 13.74 -0.54
C CYS B 825 29.98 14.71 0.30
N LEU B 826 29.71 15.89 -0.24
CA LEU B 826 29.07 16.98 0.52
C LEU B 826 27.59 16.74 0.76
N ARG B 827 27.05 17.45 1.76
CA ARG B 827 25.65 17.33 2.17
C ARG B 827 25.00 18.71 2.23
N ASN B 828 23.68 18.73 2.20
CA ASN B 828 22.91 19.95 2.48
C ASN B 828 22.92 20.23 3.98
N GLU B 829 22.16 21.24 4.42
CA GLU B 829 22.19 21.67 5.81
C GLU B 829 21.66 20.60 6.77
N ALA B 830 20.65 19.84 6.34
CA ALA B 830 20.09 18.75 7.14
C ALA B 830 20.78 17.41 6.84
N ASN B 831 22.11 17.44 6.67
CA ASN B 831 22.94 16.27 6.39
C ASN B 831 22.32 15.21 5.44
N GLN B 832 21.60 15.66 4.41
CA GLN B 832 21.12 14.79 3.33
C GLN B 832 22.14 14.81 2.20
N PRO B 833 22.40 13.64 1.57
CA PRO B 833 23.48 13.56 0.59
C PRO B 833 23.20 14.33 -0.71
N LEU B 834 24.04 15.32 -1.00
CA LEU B 834 23.98 16.02 -2.28
C LEU B 834 24.67 15.19 -3.35
N CYS B 835 24.09 15.18 -4.54
CA CYS B 835 24.50 14.26 -5.60
C CYS B 835 25.86 14.62 -6.23
N LEU B 836 25.90 15.75 -6.95
CA LEU B 836 27.07 16.12 -7.76
C LEU B 836 28.25 16.67 -6.96
N PRO B 837 28.03 17.68 -6.09
CA PRO B 837 29.16 18.32 -5.42
C PRO B 837 29.99 17.41 -4.52
N ALA B 838 31.31 17.53 -4.63
CA ALA B 838 32.25 16.76 -3.80
C ALA B 838 33.66 17.34 -3.90
N LEU B 839 34.35 17.37 -2.77
CA LEU B 839 35.73 17.88 -2.71
C LEU B 839 36.73 16.72 -2.70
N LEU B 840 37.94 17.02 -3.14
CA LEU B 840 39.08 16.12 -2.98
C LEU B 840 40.01 16.73 -1.94
N ILE B 841 40.29 15.98 -0.87
CA ILE B 841 41.15 16.46 0.21
C ILE B 841 42.17 15.41 0.65
N TYR B 842 43.27 15.89 1.22
CA TYR B 842 44.32 15.05 1.75
C TYR B 842 44.37 15.24 3.25
N THR B 843 44.57 14.15 3.98
CA THR B 843 44.51 14.16 5.45
C THR B 843 45.69 13.43 6.09
N GLU B 844 46.05 13.85 7.30
CA GLU B 844 47.11 13.21 8.09
C GLU B 844 46.78 13.23 9.59
N ALA B 845 45.97 12.27 10.01
CA ALA B 845 45.66 12.11 11.41
C ALA B 845 46.69 11.18 12.04
N SER B 846 47.47 11.69 12.99
CA SER B 846 48.53 10.90 13.64
C SER B 846 48.56 11.11 15.15
N ASP B 847 49.18 10.15 15.86
CA ASP B 847 49.31 10.20 17.31
C ASP B 847 50.30 11.30 17.71
N TYR B 848 49.90 12.14 18.65
CA TYR B 848 50.70 13.32 19.00
C TYR B 848 51.97 12.98 19.77
N ILE B 849 53.10 13.37 19.19
CA ILE B 849 54.38 13.34 19.87
C ILE B 849 54.77 14.80 20.12
N PRO B 850 55.08 15.16 21.39
CA PRO B 850 55.59 16.50 21.67
C PRO B 850 56.89 16.82 20.92
N ASP B 851 57.13 18.10 20.66
CA ASP B 851 58.33 18.54 19.93
C ASP B 851 59.62 18.12 20.64
N ASP B 852 59.62 18.17 21.96
CA ASP B 852 60.81 17.84 22.75
C ASP B 852 61.14 16.36 22.80
N HIS B 853 60.14 15.51 22.58
CA HIS B 853 60.31 14.08 22.77
C HIS B 853 60.22 13.32 21.47
N GLN B 854 60.68 13.93 20.38
CA GLN B 854 60.64 13.28 19.07
C GLN B 854 61.56 12.08 19.03
N ASP B 855 62.84 12.31 19.29
CA ASP B 855 63.83 11.25 19.26
C ASP B 855 63.54 10.16 20.30
N TYR B 856 63.01 10.55 21.45
CA TYR B 856 62.60 9.58 22.47
C TYR B 856 61.52 8.65 21.91
N ALA B 857 60.50 9.23 21.29
CA ALA B 857 59.41 8.44 20.71
C ALA B 857 59.88 7.54 19.59
N GLU B 858 60.95 7.95 18.90
CA GLU B 858 61.51 7.17 17.80
C GLU B 858 62.13 5.87 18.27
N ALA B 859 62.95 5.94 19.32
CA ALA B 859 63.61 4.78 19.90
C ALA B 859 62.62 3.66 20.20
N LEU B 860 61.51 4.02 20.84
CA LEU B 860 60.47 3.05 21.20
C LEU B 860 59.93 2.30 20.00
N ILE B 861 59.74 3.01 18.88
CA ILE B 861 59.15 2.42 17.67
C ILE B 861 60.08 1.40 16.99
N ASN B 862 61.39 1.54 17.20
CA ASN B 862 62.35 0.60 16.64
C ASN B 862 63.65 0.56 17.46
N PRO B 863 63.63 -0.09 18.63
CA PRO B 863 64.80 -0.12 19.51
C PRO B 863 65.93 -1.01 19.03
N ILE B 864 65.71 -1.83 18.02
CA ILE B 864 66.78 -2.66 17.48
C ILE B 864 67.82 -1.76 16.85
N LYS B 865 67.37 -0.70 16.17
CA LYS B 865 68.30 0.24 15.54
C LYS B 865 68.89 1.24 16.55
N HIS B 866 68.06 1.76 17.46
CA HIS B 866 68.54 2.74 18.45
C HIS B 866 69.59 2.18 19.37
N VAL B 867 69.35 0.98 19.89
CA VAL B 867 70.34 0.28 20.71
C VAL B 867 71.65 0.13 19.95
N SER B 868 71.55 -0.47 18.77
CA SER B 868 72.72 -0.75 17.94
C SER B 868 73.51 0.49 17.55
N LEU B 869 72.88 1.42 16.85
CA LEU B 869 73.57 2.57 16.26
C LEU B 869 74.19 3.51 17.30
N MET B 870 73.69 3.46 18.54
CA MET B 870 74.26 4.26 19.64
C MET B 870 75.26 3.45 20.48
N ASP B 871 74.97 2.17 20.65
CA ASP B 871 75.92 1.25 21.29
C ASP B 871 77.20 1.19 20.46
N GLN B 872 77.04 1.03 19.15
CA GLN B 872 78.17 0.98 18.22
C GLN B 872 79.11 2.16 18.44
N ARG B 873 78.52 3.34 18.65
CA ARG B 873 79.31 4.55 18.93
C ARG B 873 80.15 4.37 20.18
N ALA B 874 79.51 4.00 21.29
CA ALA B 874 80.21 3.81 22.57
C ALA B 874 81.28 2.72 22.50
N ARG B 875 81.12 1.77 21.58
CA ARG B 875 82.13 0.74 21.36
C ARG B 875 83.32 1.31 20.62
N GLN B 876 83.09 1.90 19.45
CA GLN B 876 84.17 2.45 18.60
C GLN B 876 84.83 3.70 19.19
N LEU B 877 84.24 4.26 20.25
CA LEU B 877 84.82 5.37 21.00
C LEU B 877 85.76 4.87 22.11
N ALA B 878 85.73 3.57 22.40
CA ALA B 878 86.43 2.99 23.56
C ALA B 878 87.95 3.01 23.44
N ALA B 879 88.45 2.72 22.24
CA ALA B 879 89.90 2.72 21.97
C ALA B 879 90.54 4.09 22.17
N LEU B 880 89.72 5.14 22.12
CA LEU B 880 90.17 6.52 22.35
C LEU B 880 90.37 6.83 23.83
N ILE B 881 89.58 6.21 24.70
CA ILE B 881 89.70 6.42 26.15
C ILE B 881 90.52 5.32 26.82
N GLY B 882 89.98 4.09 26.80
CA GLY B 882 90.58 2.97 27.52
C GLY B 882 91.83 2.44 26.83
N ASP C 29 -61.72 -21.57 -58.79
CA ASP C 29 -60.78 -22.11 -59.83
C ASP C 29 -61.55 -22.70 -61.01
N ALA C 30 -62.76 -22.18 -61.25
CA ALA C 30 -63.69 -22.70 -62.27
C ALA C 30 -65.13 -22.26 -61.94
N ARG C 31 -65.48 -22.36 -60.66
CA ARG C 31 -66.83 -22.05 -60.17
C ARG C 31 -66.87 -20.67 -59.47
N ARG C 32 -68.05 -20.31 -58.96
CA ARG C 32 -68.25 -19.06 -58.22
C ARG C 32 -68.28 -19.33 -56.72
N GLU C 33 -68.31 -18.24 -55.96
CA GLU C 33 -68.41 -18.31 -54.50
C GLU C 33 -69.60 -17.47 -54.02
N LEU C 34 -70.11 -17.82 -52.84
CA LEU C 34 -71.25 -17.11 -52.23
C LEU C 34 -70.84 -16.53 -50.89
N LYS C 35 -71.18 -15.26 -50.63
CA LYS C 35 -70.83 -14.62 -49.36
C LYS C 35 -71.95 -14.75 -48.34
N LEU C 36 -71.66 -15.43 -47.22
CA LEU C 36 -72.60 -15.60 -46.11
C LEU C 36 -72.16 -14.80 -44.88
N LEU C 37 -73.08 -14.03 -44.30
CA LEU C 37 -72.80 -13.28 -43.08
C LEU C 37 -73.31 -14.04 -41.86
N LEU C 38 -72.47 -14.16 -40.83
CA LEU C 38 -72.87 -14.73 -39.55
C LEU C 38 -73.05 -13.60 -38.56
N LEU C 39 -74.30 -13.20 -38.34
CA LEU C 39 -74.64 -12.11 -37.44
C LEU C 39 -75.34 -12.62 -36.18
N GLY C 40 -75.36 -11.80 -35.14
CA GLY C 40 -75.99 -12.14 -33.85
C GLY C 40 -75.53 -11.27 -32.69
N THR C 41 -76.16 -11.45 -31.53
CA THR C 41 -75.82 -10.67 -30.34
C THR C 41 -74.55 -11.21 -29.69
N GLY C 42 -74.13 -10.57 -28.60
CA GLY C 42 -72.98 -11.04 -27.85
C GLY C 42 -73.15 -12.48 -27.37
N GLU C 43 -72.18 -13.32 -27.67
CA GLU C 43 -72.15 -14.71 -27.21
C GLU C 43 -73.34 -15.57 -27.67
N SER C 44 -73.70 -15.47 -28.94
CA SER C 44 -74.74 -16.34 -29.51
C SER C 44 -74.13 -17.58 -30.17
N GLY C 45 -72.80 -17.68 -30.15
CA GLY C 45 -72.09 -18.87 -30.63
C GLY C 45 -71.67 -18.80 -32.09
N LYS C 46 -71.23 -17.63 -32.52
CA LYS C 46 -70.92 -17.38 -33.93
C LYS C 46 -69.58 -17.94 -34.37
N SER C 47 -68.55 -17.72 -33.54
CA SER C 47 -67.21 -18.20 -33.83
C SER C 47 -67.12 -19.73 -33.70
N THR C 48 -67.77 -20.28 -32.67
CA THR C 48 -67.82 -21.73 -32.45
C THR C 48 -68.41 -22.45 -33.66
N PHE C 49 -69.27 -21.76 -34.38
CA PHE C 49 -69.86 -22.26 -35.62
C PHE C 49 -68.80 -22.39 -36.71
N ILE C 50 -68.01 -21.33 -36.90
CA ILE C 50 -66.94 -21.34 -37.91
C ILE C 50 -65.92 -22.41 -37.59
N LYS C 51 -65.58 -22.53 -36.30
CA LYS C 51 -64.68 -23.60 -35.86
C LYS C 51 -65.20 -24.96 -36.35
N GLN C 52 -66.52 -25.15 -36.31
CA GLN C 52 -67.14 -26.39 -36.80
C GLN C 52 -67.03 -26.52 -38.32
N MET C 53 -67.23 -25.41 -39.03
CA MET C 53 -67.10 -25.43 -40.48
C MET C 53 -65.66 -25.72 -40.90
N ARG C 54 -64.71 -25.39 -40.03
CA ARG C 54 -63.31 -25.68 -40.26
C ARG C 54 -63.01 -27.16 -39.98
N ILE C 55 -63.63 -27.70 -38.93
CA ILE C 55 -63.54 -29.12 -38.63
C ILE C 55 -64.02 -29.95 -39.83
N ILE C 56 -65.16 -29.57 -40.39
CA ILE C 56 -65.85 -30.35 -41.42
C ILE C 56 -65.29 -30.12 -42.83
N HIS C 57 -65.44 -28.90 -43.34
CA HIS C 57 -65.11 -28.59 -44.74
C HIS C 57 -63.87 -27.74 -44.89
N GLY C 58 -63.01 -27.73 -43.87
CA GLY C 58 -61.77 -26.96 -43.91
C GLY C 58 -60.57 -27.75 -43.40
N SER C 59 -59.55 -27.02 -42.96
CA SER C 59 -58.36 -27.63 -42.37
C SER C 59 -58.63 -28.04 -40.93
N GLY C 60 -58.69 -29.33 -40.67
CA GLY C 60 -58.92 -29.87 -39.33
C GLY C 60 -57.82 -29.49 -38.34
N TYR C 61 -58.08 -29.72 -37.06
CA TYR C 61 -57.20 -29.26 -36.00
C TYR C 61 -56.04 -30.21 -35.75
N SER C 62 -54.83 -29.74 -36.04
CA SER C 62 -53.61 -30.50 -35.82
C SER C 62 -53.14 -30.33 -34.38
N ASP C 63 -52.28 -31.26 -33.92
CA ASP C 63 -51.75 -31.23 -32.55
C ASP C 63 -50.97 -29.95 -32.24
N GLU C 64 -50.32 -29.39 -33.27
CA GLU C 64 -49.73 -28.06 -33.18
C GLU C 64 -50.82 -27.04 -32.89
N ASP C 65 -51.92 -27.12 -33.64
CA ASP C 65 -53.04 -26.18 -33.51
C ASP C 65 -53.78 -26.32 -32.19
N LYS C 66 -53.92 -27.55 -31.70
CA LYS C 66 -54.61 -27.81 -30.45
C LYS C 66 -53.84 -27.27 -29.24
N ARG C 67 -52.51 -27.27 -29.30
CA ARG C 67 -51.68 -26.71 -28.22
C ARG C 67 -51.57 -25.18 -28.29
N GLY C 68 -52.04 -24.57 -29.38
CA GLY C 68 -52.08 -23.11 -29.49
C GLY C 68 -53.11 -22.48 -28.56
N PHE C 69 -54.10 -23.30 -28.18
CA PHE C 69 -55.14 -22.90 -27.24
C PHE C 69 -54.83 -23.32 -25.79
N THR C 70 -53.85 -24.21 -25.62
CA THR C 70 -53.47 -24.71 -24.29
C THR C 70 -53.26 -23.59 -23.27
N LYS C 71 -52.96 -22.39 -23.76
CA LYS C 71 -52.72 -21.21 -22.91
C LYS C 71 -54.03 -20.51 -22.58
N LEU C 72 -54.96 -20.51 -23.53
CA LEU C 72 -56.26 -19.86 -23.37
C LEU C 72 -57.20 -20.70 -22.50
N VAL C 73 -57.06 -22.03 -22.55
CA VAL C 73 -57.84 -22.93 -21.68
C VAL C 73 -57.57 -22.63 -20.19
N TYR C 74 -56.32 -22.28 -19.87
CA TYR C 74 -55.97 -21.89 -18.51
C TYR C 74 -56.63 -20.56 -18.14
N GLN C 75 -56.52 -19.57 -19.03
CA GLN C 75 -57.09 -18.24 -18.78
C GLN C 75 -58.61 -18.28 -18.59
N ASN C 76 -59.28 -19.16 -19.32
CA ASN C 76 -60.73 -19.34 -19.17
C ASN C 76 -61.09 -19.73 -17.74
N ILE C 77 -60.25 -20.55 -17.12
CA ILE C 77 -60.50 -21.02 -15.75
C ILE C 77 -60.38 -19.87 -14.75
N PHE C 78 -59.33 -19.06 -14.90
CA PHE C 78 -59.08 -17.92 -14.00
C PHE C 78 -60.10 -16.79 -14.17
N THR C 79 -60.36 -16.43 -15.42
CA THR C 79 -61.37 -15.42 -15.72
C THR C 79 -62.70 -15.83 -15.09
N ALA C 80 -63.08 -17.09 -15.31
CA ALA C 80 -64.32 -17.64 -14.75
C ALA C 80 -64.30 -17.68 -13.23
N MET C 81 -63.16 -18.08 -12.65
CA MET C 81 -63.05 -18.16 -11.19
C MET C 81 -62.88 -16.80 -10.53
N GLN C 82 -62.25 -15.85 -11.22
CA GLN C 82 -62.15 -14.48 -10.71
C GLN C 82 -63.54 -13.85 -10.65
N ALA C 83 -64.32 -14.04 -11.71
CA ALA C 83 -65.70 -13.54 -11.78
C ALA C 83 -66.62 -14.23 -10.77
N MET C 84 -66.25 -15.44 -10.38
CA MET C 84 -66.99 -16.17 -9.35
C MET C 84 -66.76 -15.50 -8.01
N ILE C 85 -65.50 -15.29 -7.64
CA ILE C 85 -65.14 -14.83 -6.30
C ILE C 85 -65.65 -13.42 -6.01
N ARG C 86 -65.78 -12.58 -7.04
CA ARG C 86 -66.34 -11.24 -6.83
C ARG C 86 -67.84 -11.32 -6.55
N ALA C 87 -68.49 -12.35 -7.08
CA ALA C 87 -69.91 -12.57 -6.86
C ALA C 87 -70.21 -13.10 -5.45
N MET C 88 -69.19 -13.64 -4.78
CA MET C 88 -69.30 -14.01 -3.35
C MET C 88 -69.29 -12.76 -2.47
N ASP C 89 -68.78 -11.67 -3.03
CA ASP C 89 -68.73 -10.38 -2.36
C ASP C 89 -69.97 -9.55 -2.72
N THR C 90 -70.29 -9.51 -4.02
CA THR C 90 -71.46 -8.77 -4.51
C THR C 90 -72.73 -9.19 -3.78
N LEU C 91 -73.04 -10.49 -3.85
CA LEU C 91 -74.27 -11.02 -3.28
C LEU C 91 -74.17 -11.32 -1.78
N LYS C 92 -72.97 -11.15 -1.22
CA LYS C 92 -72.74 -11.38 0.21
C LYS C 92 -72.97 -12.85 0.59
N ILE C 93 -72.47 -13.75 -0.26
CA ILE C 93 -72.53 -15.20 -0.02
C ILE C 93 -71.33 -15.62 0.85
N PRO C 94 -71.59 -16.22 2.02
CA PRO C 94 -70.48 -16.61 2.88
C PRO C 94 -69.82 -17.91 2.40
N TYR C 95 -68.51 -18.03 2.64
CA TYR C 95 -67.77 -19.26 2.34
C TYR C 95 -68.05 -20.27 3.45
N LYS C 96 -68.23 -21.53 3.09
CA LYS C 96 -68.48 -22.56 4.10
C LYS C 96 -67.17 -22.90 4.81
N TYR C 97 -66.19 -23.36 4.05
CA TYR C 97 -64.86 -23.69 4.60
C TYR C 97 -63.99 -22.43 4.63
N GLU C 98 -63.25 -22.24 5.73
CA GLU C 98 -62.49 -20.98 5.95
C GLU C 98 -61.03 -21.04 5.49
N HIS C 99 -60.52 -22.24 5.24
CA HIS C 99 -59.21 -22.37 4.60
C HIS C 99 -59.32 -22.13 3.12
N ASN C 100 -60.53 -21.83 2.63
CA ASN C 100 -60.78 -21.32 1.28
C ASN C 100 -60.74 -19.81 1.18
N LYS C 101 -60.70 -19.11 2.31
CA LYS C 101 -60.56 -17.67 2.30
C LYS C 101 -59.14 -17.26 1.90
N ALA C 102 -58.14 -18.04 2.33
CA ALA C 102 -56.75 -17.79 1.95
C ALA C 102 -56.49 -18.08 0.47
N HIS C 103 -57.09 -19.16 -0.04
CA HIS C 103 -57.03 -19.51 -1.47
C HIS C 103 -57.75 -18.49 -2.32
N ALA C 104 -58.85 -17.94 -1.80
CA ALA C 104 -59.66 -16.94 -2.52
C ALA C 104 -58.93 -15.60 -2.68
N GLN C 105 -58.16 -15.21 -1.67
CA GLN C 105 -57.33 -14.00 -1.74
C GLN C 105 -56.20 -14.20 -2.74
N LEU C 106 -55.66 -15.40 -2.78
CA LEU C 106 -54.55 -15.74 -3.68
C LEU C 106 -54.97 -15.68 -5.15
N VAL C 107 -56.17 -16.19 -5.45
CA VAL C 107 -56.68 -16.28 -6.84
C VAL C 107 -57.10 -14.92 -7.39
N ARG C 108 -57.74 -14.10 -6.56
CA ARG C 108 -58.10 -12.73 -6.94
C ARG C 108 -56.91 -11.95 -7.45
N GLU C 109 -55.83 -12.00 -6.67
CA GLU C 109 -54.64 -11.16 -6.92
C GLU C 109 -53.75 -11.65 -8.06
N VAL C 110 -54.11 -12.78 -8.66
CA VAL C 110 -53.42 -13.24 -9.86
C VAL C 110 -53.85 -12.41 -11.05
N ASP C 111 -52.90 -12.09 -11.93
CA ASP C 111 -53.19 -11.44 -13.19
C ASP C 111 -53.80 -12.48 -14.15
N VAL C 112 -54.79 -12.08 -14.93
CA VAL C 112 -55.47 -12.98 -15.88
C VAL C 112 -54.77 -13.03 -17.23
N GLU C 113 -54.16 -11.91 -17.63
CA GLU C 113 -53.54 -11.77 -18.95
C GLU C 113 -52.23 -12.55 -19.07
N LYS C 114 -51.39 -12.47 -18.06
CA LYS C 114 -50.13 -13.22 -18.02
C LYS C 114 -50.28 -14.55 -17.28
N VAL C 115 -50.84 -15.55 -17.97
CA VAL C 115 -51.02 -16.88 -17.40
C VAL C 115 -50.71 -17.94 -18.45
N SER C 116 -49.47 -18.44 -18.44
CA SER C 116 -49.05 -19.51 -19.33
C SER C 116 -49.05 -20.86 -18.63
N ALA C 117 -48.59 -20.87 -17.37
CA ALA C 117 -48.44 -22.11 -16.61
C ALA C 117 -49.63 -22.37 -15.66
N PHE C 118 -49.72 -23.62 -15.20
CA PHE C 118 -50.77 -24.05 -14.28
C PHE C 118 -50.15 -25.09 -13.35
N GLU C 119 -49.86 -24.66 -12.12
CA GLU C 119 -48.95 -25.41 -11.21
C GLU C 119 -49.51 -25.58 -9.78
N ASN C 120 -48.73 -26.24 -8.93
CA ASN C 120 -49.10 -26.51 -7.53
C ASN C 120 -49.76 -25.35 -6.76
N PRO C 121 -49.16 -24.15 -6.79
CA PRO C 121 -49.72 -23.04 -6.01
C PRO C 121 -51.21 -22.76 -6.23
N TYR C 122 -51.67 -22.84 -7.46
CA TYR C 122 -53.02 -22.40 -7.82
C TYR C 122 -54.03 -23.52 -8.12
N VAL C 123 -53.56 -24.58 -8.78
CA VAL C 123 -54.43 -25.71 -9.14
C VAL C 123 -55.08 -26.35 -7.90
N ASP C 124 -54.28 -26.54 -6.85
CA ASP C 124 -54.76 -27.04 -5.57
C ASP C 124 -55.76 -26.08 -4.96
N ALA C 125 -55.52 -24.78 -5.15
CA ALA C 125 -56.38 -23.72 -4.64
C ALA C 125 -57.70 -23.60 -5.39
N ILE C 126 -57.66 -23.66 -6.73
CA ILE C 126 -58.87 -23.55 -7.54
C ILE C 126 -59.77 -24.79 -7.38
N LYS C 127 -59.17 -25.97 -7.46
CA LYS C 127 -59.85 -27.22 -7.07
C LYS C 127 -60.63 -26.94 -5.80
N SER C 128 -59.90 -26.54 -4.76
CA SER C 128 -60.47 -26.27 -3.44
C SER C 128 -61.67 -25.33 -3.52
N LEU C 129 -61.54 -24.25 -4.29
CA LEU C 129 -62.60 -23.25 -4.41
C LEU C 129 -63.86 -23.78 -5.09
N TRP C 130 -63.75 -24.83 -5.89
CA TRP C 130 -64.89 -25.36 -6.62
C TRP C 130 -65.76 -26.26 -5.79
N ASN C 131 -65.21 -26.84 -4.72
CA ASN C 131 -65.94 -27.76 -3.84
C ASN C 131 -66.65 -27.09 -2.67
N ASP C 132 -66.53 -25.77 -2.57
CA ASP C 132 -67.14 -25.00 -1.50
C ASP C 132 -68.63 -24.75 -1.80
N PRO C 133 -69.54 -25.13 -0.89
CA PRO C 133 -70.98 -24.91 -1.11
C PRO C 133 -71.33 -23.47 -1.46
N GLY C 134 -70.64 -22.51 -0.87
CA GLY C 134 -70.85 -21.10 -1.18
C GLY C 134 -70.61 -20.80 -2.64
N ILE C 135 -69.53 -21.37 -3.17
CA ILE C 135 -69.16 -21.17 -4.58
C ILE C 135 -70.13 -21.85 -5.54
N GLN C 136 -70.59 -23.07 -5.21
CA GLN C 136 -71.58 -23.75 -6.04
C GLN C 136 -72.91 -23.02 -6.02
N GLU C 137 -73.34 -22.56 -4.84
CA GLU C 137 -74.56 -21.76 -4.71
C GLU C 137 -74.49 -20.55 -5.65
N CYS C 138 -73.29 -20.01 -5.81
CA CYS C 138 -73.05 -18.90 -6.73
C CYS C 138 -73.24 -19.32 -8.19
N TYR C 139 -72.77 -20.51 -8.56
CA TYR C 139 -72.92 -21.00 -9.93
C TYR C 139 -74.39 -21.11 -10.32
N ASP C 140 -75.23 -21.48 -9.36
CA ASP C 140 -76.68 -21.56 -9.60
C ASP C 140 -77.27 -20.17 -9.84
N ARG C 141 -76.65 -19.15 -9.27
CA ARG C 141 -77.10 -17.79 -9.43
C ARG C 141 -76.28 -17.03 -10.49
N ARG C 142 -75.71 -17.74 -11.46
CA ARG C 142 -74.84 -17.11 -12.46
C ARG C 142 -75.60 -16.28 -13.50
N ARG C 143 -76.93 -16.39 -13.51
CA ARG C 143 -77.76 -15.53 -14.33
C ARG C 143 -77.80 -14.09 -13.81
N GLU C 144 -77.27 -13.85 -12.61
CA GLU C 144 -77.25 -12.53 -11.99
C GLU C 144 -76.03 -11.70 -12.41
N TYR C 145 -74.83 -12.31 -12.34
CA TYR C 145 -73.59 -11.68 -12.80
C TYR C 145 -73.21 -12.24 -14.17
N GLN C 146 -72.04 -11.86 -14.70
CA GLN C 146 -71.59 -12.38 -16.00
C GLN C 146 -70.58 -13.52 -15.81
N LEU C 147 -70.82 -14.64 -16.48
CA LEU C 147 -69.97 -15.83 -16.37
C LEU C 147 -70.20 -16.71 -17.58
N SER C 148 -69.15 -16.98 -18.36
CA SER C 148 -69.25 -17.77 -19.59
C SER C 148 -69.86 -19.17 -19.34
N ASP C 149 -70.45 -19.74 -20.39
CA ASP C 149 -71.19 -21.01 -20.28
C ASP C 149 -70.26 -22.21 -20.07
N SER C 150 -69.10 -22.17 -20.71
CA SER C 150 -68.15 -23.29 -20.66
C SER C 150 -67.49 -23.48 -19.29
N THR C 151 -67.70 -22.54 -18.38
CA THR C 151 -67.17 -22.64 -17.01
C THR C 151 -67.40 -24.03 -16.42
N LYS C 152 -68.64 -24.50 -16.49
CA LYS C 152 -69.00 -25.80 -15.89
C LYS C 152 -68.25 -26.96 -16.53
N TYR C 153 -68.05 -26.90 -17.85
CA TYR C 153 -67.32 -27.94 -18.57
C TYR C 153 -65.88 -28.05 -18.10
N TYR C 154 -65.22 -26.91 -17.96
CA TYR C 154 -63.79 -26.88 -17.62
C TYR C 154 -63.52 -27.27 -16.16
N LEU C 155 -64.17 -26.58 -15.23
CA LEU C 155 -63.90 -26.78 -13.81
C LEU C 155 -64.10 -28.23 -13.37
N ASN C 156 -65.04 -28.94 -14.00
CA ASN C 156 -65.28 -30.35 -13.70
C ASN C 156 -64.04 -31.22 -13.89
N ASP C 157 -63.31 -30.98 -14.97
CA ASP C 157 -62.10 -31.74 -15.28
C ASP C 157 -60.87 -30.83 -15.19
N LEU C 158 -60.67 -30.25 -14.01
CA LEU C 158 -59.46 -29.48 -13.72
C LEU C 158 -58.22 -30.39 -13.63
N ASP C 159 -58.42 -31.64 -13.20
CA ASP C 159 -57.31 -32.59 -13.05
C ASP C 159 -56.61 -32.84 -14.38
N ARG C 160 -57.40 -33.16 -15.40
CA ARG C 160 -56.88 -33.36 -16.76
C ARG C 160 -56.18 -32.11 -17.27
N VAL C 161 -56.71 -30.94 -16.92
CA VAL C 161 -56.08 -29.67 -17.28
C VAL C 161 -54.76 -29.47 -16.52
N ALA C 162 -54.74 -29.86 -15.25
CA ALA C 162 -53.56 -29.70 -14.38
C ALA C 162 -52.32 -30.39 -14.93
N ASP C 163 -52.53 -31.59 -15.47
CA ASP C 163 -51.48 -32.44 -16.02
C ASP C 163 -50.36 -31.65 -16.72
N PRO C 164 -49.08 -31.95 -16.38
CA PRO C 164 -47.94 -31.33 -17.06
C PRO C 164 -47.91 -31.45 -18.58
N SER C 165 -48.36 -32.58 -19.12
CA SER C 165 -48.40 -32.79 -20.58
C SER C 165 -49.84 -32.81 -21.13
N TYR C 166 -50.58 -31.74 -20.82
CA TYR C 166 -51.98 -31.60 -21.22
C TYR C 166 -52.10 -31.00 -22.62
N LEU C 167 -52.80 -31.71 -23.50
CA LEU C 167 -53.07 -31.26 -24.86
C LEU C 167 -54.56 -31.41 -25.16
N PRO C 168 -55.31 -30.27 -25.22
CA PRO C 168 -56.77 -30.29 -25.36
C PRO C 168 -57.28 -30.98 -26.65
N THR C 169 -58.29 -31.84 -26.50
CA THR C 169 -58.93 -32.49 -27.66
C THR C 169 -59.79 -31.49 -28.41
N GLN C 170 -60.22 -31.89 -29.61
CA GLN C 170 -61.02 -31.02 -30.48
C GLN C 170 -62.23 -30.45 -29.75
N GLN C 171 -62.86 -31.25 -28.90
CA GLN C 171 -63.99 -30.79 -28.09
C GLN C 171 -63.60 -29.58 -27.22
N ASP C 172 -62.45 -29.66 -26.56
CA ASP C 172 -61.99 -28.60 -25.66
C ASP C 172 -61.79 -27.26 -26.38
N VAL C 173 -61.42 -27.31 -27.67
CA VAL C 173 -61.18 -26.11 -28.45
C VAL C 173 -62.49 -25.46 -28.92
N LEU C 174 -63.55 -26.26 -29.03
CA LEU C 174 -64.87 -25.73 -29.34
C LEU C 174 -65.41 -24.90 -28.17
N ARG C 175 -65.00 -25.27 -26.96
CA ARG C 175 -65.53 -24.69 -25.73
C ARG C 175 -64.81 -23.43 -25.26
N VAL C 176 -63.61 -23.15 -25.79
CA VAL C 176 -62.85 -21.97 -25.33
C VAL C 176 -63.60 -20.69 -25.63
N ARG C 177 -63.49 -19.73 -24.72
CA ARG C 177 -64.15 -18.44 -24.88
C ARG C 177 -63.10 -17.39 -25.26
N VAL C 178 -62.96 -17.17 -26.57
CA VAL C 178 -62.11 -16.10 -27.09
C VAL C 178 -62.99 -15.17 -27.93
N PRO C 179 -63.24 -13.94 -27.44
CA PRO C 179 -64.24 -13.06 -28.05
C PRO C 179 -63.78 -12.41 -29.34
N THR C 180 -64.59 -12.50 -30.40
CA THR C 180 -64.22 -11.98 -31.71
C THR C 180 -64.36 -10.47 -31.77
N THR C 181 -63.56 -9.86 -32.63
CA THR C 181 -63.57 -8.42 -32.83
C THR C 181 -63.35 -8.11 -34.31
N GLY C 182 -64.07 -7.09 -34.81
CA GLY C 182 -63.87 -6.60 -36.17
C GLY C 182 -64.67 -7.35 -37.21
N ILE C 183 -64.01 -7.71 -38.30
CA ILE C 183 -64.63 -8.45 -39.40
C ILE C 183 -63.56 -9.33 -40.02
N ILE C 184 -63.78 -10.65 -40.01
CA ILE C 184 -62.83 -11.60 -40.60
C ILE C 184 -63.55 -12.55 -41.56
N GLU C 185 -62.93 -12.82 -42.72
CA GLU C 185 -63.55 -13.63 -43.77
C GLU C 185 -62.89 -15.00 -43.89
N TYR C 186 -63.57 -16.06 -43.43
CA TYR C 186 -63.10 -17.44 -43.60
C TYR C 186 -63.79 -18.10 -44.78
N PRO C 187 -63.02 -18.52 -45.81
CA PRO C 187 -63.63 -19.20 -46.93
C PRO C 187 -63.55 -20.71 -46.76
N PHE C 188 -64.52 -21.42 -47.33
CA PHE C 188 -64.52 -22.89 -47.33
C PHE C 188 -64.96 -23.42 -48.69
N ASP C 189 -64.29 -24.49 -49.14
CA ASP C 189 -64.64 -25.14 -50.39
C ASP C 189 -65.52 -26.35 -50.09
N LEU C 190 -66.72 -26.36 -50.68
CA LEU C 190 -67.63 -27.49 -50.56
C LEU C 190 -67.74 -28.22 -51.90
N GLN C 191 -66.58 -28.59 -52.45
CA GLN C 191 -66.48 -29.30 -53.72
C GLN C 191 -67.01 -28.50 -54.92
N SER C 192 -68.33 -28.40 -55.04
CA SER C 192 -68.95 -27.77 -56.21
C SER C 192 -69.13 -26.25 -56.09
N VAL C 193 -69.00 -25.72 -54.88
CA VAL C 193 -69.16 -24.29 -54.66
C VAL C 193 -68.37 -23.82 -53.44
N ILE C 194 -67.86 -22.60 -53.51
CA ILE C 194 -67.07 -22.00 -52.45
C ILE C 194 -67.96 -21.17 -51.55
N PHE C 195 -67.80 -21.33 -50.24
CA PHE C 195 -68.54 -20.55 -49.24
C PHE C 195 -67.60 -19.58 -48.52
N ARG C 196 -67.77 -18.29 -48.79
CA ARG C 196 -67.03 -17.24 -48.08
C ARG C 196 -67.86 -16.76 -46.90
N MET C 197 -67.44 -17.12 -45.69
CA MET C 197 -68.23 -16.84 -44.48
C MET C 197 -67.58 -15.76 -43.64
N VAL C 198 -68.30 -14.64 -43.48
CA VAL C 198 -67.80 -13.50 -42.70
C VAL C 198 -68.30 -13.59 -41.26
N ASP C 199 -67.35 -13.73 -40.32
CA ASP C 199 -67.64 -13.69 -38.89
C ASP C 199 -67.39 -12.28 -38.36
N VAL C 200 -68.28 -11.81 -37.49
CA VAL C 200 -68.20 -10.46 -36.93
C VAL C 200 -68.30 -10.50 -35.42
N GLY C 201 -68.06 -9.35 -34.78
CA GLY C 201 -68.28 -9.21 -33.36
C GLY C 201 -69.77 -9.08 -33.08
N GLY C 202 -70.18 -9.42 -31.85
CA GLY C 202 -71.59 -9.45 -31.47
C GLY C 202 -72.07 -8.36 -30.53
N GLN C 203 -71.13 -7.65 -29.90
CA GLN C 203 -71.49 -6.58 -28.95
C GLN C 203 -71.74 -5.26 -29.67
N ARG C 204 -72.31 -4.31 -28.94
CA ARG C 204 -72.77 -3.04 -29.50
C ARG C 204 -71.67 -2.23 -30.18
N SER C 205 -70.47 -2.24 -29.59
CA SER C 205 -69.33 -1.61 -30.21
C SER C 205 -69.05 -2.19 -31.61
N GLU C 206 -69.22 -3.50 -31.73
CA GLU C 206 -68.84 -4.22 -32.94
C GLU C 206 -69.86 -4.10 -34.06
N ARG C 207 -71.08 -3.69 -33.73
CA ARG C 207 -72.15 -3.59 -34.72
C ARG C 207 -71.99 -2.39 -35.65
N ARG C 208 -71.38 -1.32 -35.15
CA ARG C 208 -71.10 -0.14 -35.98
C ARG C 208 -70.25 -0.50 -37.18
N LYS C 209 -69.36 -1.47 -36.99
CA LYS C 209 -68.42 -1.89 -38.01
C LYS C 209 -69.09 -2.65 -39.15
N TRP C 210 -70.00 -3.56 -38.80
CA TRP C 210 -70.70 -4.46 -39.75
C TRP C 210 -70.90 -3.91 -41.13
N ILE C 211 -71.38 -2.67 -41.20
CA ILE C 211 -71.67 -1.97 -42.46
C ILE C 211 -70.67 -2.34 -43.56
N HIS C 212 -69.39 -2.30 -43.22
CA HIS C 212 -68.31 -2.50 -44.19
C HIS C 212 -68.20 -3.87 -44.83
N CYS C 213 -69.22 -4.72 -44.66
CA CYS C 213 -69.22 -6.03 -45.33
C CYS C 213 -70.61 -6.49 -45.82
N PHE C 214 -71.53 -5.55 -46.04
CA PHE C 214 -72.89 -5.91 -46.47
C PHE C 214 -73.04 -6.07 -47.99
N GLU C 215 -72.08 -5.56 -48.75
CA GLU C 215 -72.18 -5.58 -50.22
C GLU C 215 -72.04 -7.00 -50.80
N ASN C 216 -72.94 -7.34 -51.73
CA ASN C 216 -72.96 -8.66 -52.40
C ASN C 216 -73.14 -9.85 -51.45
N VAL C 217 -74.03 -9.70 -50.48
CA VAL C 217 -74.36 -10.77 -49.55
C VAL C 217 -75.39 -11.72 -50.18
N THR C 218 -75.13 -13.03 -50.10
CA THR C 218 -76.00 -14.04 -50.67
C THR C 218 -77.05 -14.53 -49.66
N SER C 219 -76.63 -14.70 -48.42
CA SER C 219 -77.52 -15.19 -47.36
C SER C 219 -77.06 -14.71 -45.99
N ILE C 220 -77.99 -14.68 -45.04
CA ILE C 220 -77.68 -14.27 -43.67
C ILE C 220 -78.05 -15.37 -42.69
N MET C 221 -77.02 -16.01 -42.15
CA MET C 221 -77.17 -16.98 -41.09
C MET C 221 -77.19 -16.26 -39.75
N PHE C 222 -78.37 -15.81 -39.33
CA PHE C 222 -78.52 -15.10 -38.06
C PHE C 222 -78.51 -16.09 -36.90
N LEU C 223 -77.77 -15.79 -35.84
CA LEU C 223 -77.62 -16.69 -34.69
C LEU C 223 -78.20 -16.15 -33.39
N VAL C 224 -79.16 -16.88 -32.83
CA VAL C 224 -79.73 -16.56 -31.53
C VAL C 224 -79.38 -17.68 -30.56
N ALA C 225 -79.15 -17.32 -29.30
CA ALA C 225 -78.95 -18.31 -28.24
C ALA C 225 -80.25 -18.50 -27.47
N LEU C 226 -80.70 -19.74 -27.34
CA LEU C 226 -81.98 -20.03 -26.68
C LEU C 226 -81.90 -19.80 -25.19
N SER C 227 -80.74 -20.06 -24.60
CA SER C 227 -80.53 -19.87 -23.16
C SER C 227 -80.26 -18.39 -22.77
N GLU C 228 -80.60 -17.47 -23.66
CA GLU C 228 -80.51 -16.02 -23.40
C GLU C 228 -81.73 -15.46 -22.65
N TYR C 229 -82.81 -16.23 -22.57
CA TYR C 229 -84.13 -15.69 -22.18
C TYR C 229 -84.24 -15.12 -20.76
N ASP C 230 -83.35 -15.52 -19.85
CA ASP C 230 -83.33 -14.94 -18.49
C ASP C 230 -82.11 -14.02 -18.22
N GLN C 231 -81.09 -14.09 -19.08
CA GLN C 231 -79.83 -13.38 -18.84
C GLN C 231 -79.83 -11.94 -19.35
N VAL C 232 -79.01 -11.11 -18.70
CA VAL C 232 -78.86 -9.70 -19.05
C VAL C 232 -77.59 -9.52 -19.88
N LEU C 233 -77.61 -8.55 -20.80
CA LEU C 233 -76.44 -8.25 -21.63
C LEU C 233 -75.23 -7.87 -20.80
N VAL C 234 -74.04 -8.18 -21.29
CA VAL C 234 -72.81 -7.74 -20.64
C VAL C 234 -72.57 -6.25 -20.88
N GLU C 235 -72.88 -5.79 -22.09
CA GLU C 235 -72.71 -4.38 -22.47
C GLU C 235 -73.65 -3.42 -21.72
N SER C 236 -74.84 -3.90 -21.34
CA SER C 236 -75.82 -3.10 -20.58
C SER C 236 -76.66 -3.98 -19.64
N ASP C 237 -76.29 -4.00 -18.35
CA ASP C 237 -76.92 -4.89 -17.35
C ASP C 237 -78.41 -4.62 -17.07
N ASN C 238 -79.01 -3.72 -17.85
CA ASN C 238 -80.36 -3.24 -17.60
C ASN C 238 -81.38 -3.85 -18.56
N GLU C 239 -80.97 -4.83 -19.36
CA GLU C 239 -81.81 -5.33 -20.46
C GLU C 239 -81.65 -6.83 -20.73
N ASN C 240 -82.71 -7.42 -21.27
CA ASN C 240 -82.77 -8.86 -21.55
C ASN C 240 -82.05 -9.22 -22.84
N ARG C 241 -81.27 -10.30 -22.81
CA ARG C 241 -80.49 -10.73 -23.98
C ARG C 241 -81.38 -11.19 -25.13
N MET C 242 -82.41 -11.97 -24.82
CA MET C 242 -83.31 -12.50 -25.84
C MET C 242 -84.03 -11.38 -26.57
N GLU C 243 -84.39 -10.32 -25.86
CA GLU C 243 -85.11 -9.20 -26.46
C GLU C 243 -84.25 -8.41 -27.44
N GLU C 244 -82.93 -8.43 -27.22
CA GLU C 244 -81.98 -7.81 -28.15
C GLU C 244 -81.90 -8.61 -29.44
N SER C 245 -81.67 -9.91 -29.32
CA SER C 245 -81.66 -10.81 -30.47
C SER C 245 -82.93 -10.61 -31.30
N LYS C 246 -84.06 -10.52 -30.61
CA LYS C 246 -85.37 -10.30 -31.23
C LYS C 246 -85.39 -9.00 -32.02
N ALA C 247 -84.87 -7.93 -31.42
CA ALA C 247 -84.88 -6.59 -32.03
C ALA C 247 -83.79 -6.44 -33.11
N LEU C 248 -82.62 -6.98 -32.85
CA LEU C 248 -81.52 -6.94 -33.81
C LEU C 248 -81.91 -7.67 -35.09
N PHE C 249 -82.65 -8.76 -34.94
CA PHE C 249 -83.15 -9.54 -36.07
C PHE C 249 -84.15 -8.71 -36.86
N ARG C 250 -85.18 -8.25 -36.16
CA ARG C 250 -86.17 -7.33 -36.71
C ARG C 250 -85.50 -6.24 -37.57
N THR C 251 -84.36 -5.74 -37.10
CA THR C 251 -83.61 -4.71 -37.83
C THR C 251 -83.00 -5.21 -39.14
N ILE C 252 -82.26 -6.31 -39.08
CA ILE C 252 -81.55 -6.83 -40.25
C ILE C 252 -82.48 -7.25 -41.40
N ILE C 253 -83.69 -7.70 -41.07
CA ILE C 253 -84.67 -8.11 -42.08
C ILE C 253 -85.24 -6.90 -42.85
N THR C 254 -85.32 -5.76 -42.18
CA THR C 254 -85.82 -4.52 -42.78
C THR C 254 -84.84 -3.89 -43.77
N TYR C 255 -83.55 -4.21 -43.62
CA TYR C 255 -82.51 -3.54 -44.38
C TYR C 255 -82.64 -3.71 -45.90
N PRO C 256 -82.57 -2.60 -46.66
CA PRO C 256 -82.66 -2.62 -48.12
C PRO C 256 -81.67 -3.57 -48.77
N TRP C 257 -80.42 -3.51 -48.31
CA TRP C 257 -79.36 -4.39 -48.78
C TRP C 257 -79.83 -5.77 -49.16
N PHE C 258 -80.48 -6.46 -48.22
CA PHE C 258 -80.69 -7.90 -48.31
C PHE C 258 -82.02 -8.28 -48.96
N GLN C 259 -82.44 -7.51 -49.95
CA GLN C 259 -83.74 -7.70 -50.61
C GLN C 259 -83.88 -9.11 -51.14
N ASN C 260 -82.97 -9.48 -52.05
CA ASN C 260 -82.97 -10.80 -52.64
C ASN C 260 -81.88 -11.67 -52.00
N SER C 261 -81.87 -11.68 -50.67
CA SER C 261 -80.99 -12.54 -49.90
C SER C 261 -81.84 -13.41 -48.97
N SER C 262 -81.55 -14.71 -48.96
CA SER C 262 -82.24 -15.63 -48.07
C SER C 262 -81.88 -15.31 -46.63
N VAL C 263 -82.75 -15.74 -45.71
CA VAL C 263 -82.51 -15.58 -44.29
C VAL C 263 -82.58 -16.95 -43.62
N ILE C 264 -81.56 -17.27 -42.83
CA ILE C 264 -81.48 -18.55 -42.13
C ILE C 264 -81.31 -18.33 -40.63
N LEU C 265 -82.28 -18.81 -39.86
CA LEU C 265 -82.33 -18.53 -38.43
C LEU C 265 -81.92 -19.75 -37.60
N PHE C 266 -80.69 -19.73 -37.10
CA PHE C 266 -80.22 -20.76 -36.17
C PHE C 266 -80.59 -20.38 -34.74
N LEU C 267 -81.44 -21.20 -34.12
CA LEU C 267 -81.72 -21.08 -32.70
C LEU C 267 -80.72 -21.98 -31.97
N ASN C 268 -79.61 -21.40 -31.54
CA ASN C 268 -78.46 -22.15 -31.03
C ASN C 268 -78.49 -22.36 -29.52
N LYS C 269 -77.56 -23.19 -29.03
CA LYS C 269 -77.47 -23.54 -27.60
C LYS C 269 -78.79 -24.16 -27.14
N LYS C 270 -79.24 -25.16 -27.90
CA LYS C 270 -80.50 -25.86 -27.63
C LYS C 270 -80.39 -26.83 -26.45
N ASP C 271 -79.18 -27.35 -26.22
CA ASP C 271 -78.92 -28.25 -25.11
C ASP C 271 -79.07 -27.55 -23.75
N LEU C 272 -78.53 -26.34 -23.64
CA LEU C 272 -78.63 -25.55 -22.41
C LEU C 272 -80.07 -25.13 -22.08
N LEU C 273 -80.92 -25.03 -23.11
CA LEU C 273 -82.34 -24.74 -22.91
C LEU C 273 -82.97 -25.84 -22.07
N GLU C 274 -82.67 -27.09 -22.40
CA GLU C 274 -83.23 -28.21 -21.66
C GLU C 274 -82.74 -28.27 -20.22
N GLU C 275 -81.55 -27.74 -19.96
CA GLU C 275 -81.07 -27.59 -18.59
C GLU C 275 -81.79 -26.48 -17.87
N LYS C 276 -81.76 -25.29 -18.45
CA LYS C 276 -82.23 -24.07 -17.78
C LYS C 276 -83.76 -24.04 -17.61
N ILE C 277 -84.48 -24.77 -18.45
CA ILE C 277 -85.95 -24.75 -18.43
C ILE C 277 -86.54 -25.49 -17.24
N MET C 278 -85.87 -26.53 -16.75
CA MET C 278 -86.41 -27.33 -15.65
C MET C 278 -86.34 -26.65 -14.27
N TYR C 279 -85.70 -25.49 -14.17
CA TYR C 279 -85.77 -24.67 -12.95
C TYR C 279 -86.16 -23.20 -13.20
N SER C 280 -85.58 -22.59 -14.23
CA SER C 280 -86.02 -21.25 -14.67
C SER C 280 -87.14 -21.40 -15.69
N HIS C 281 -88.19 -20.59 -15.56
CA HIS C 281 -89.38 -20.73 -16.40
C HIS C 281 -89.41 -19.75 -17.52
N LEU C 282 -90.01 -20.16 -18.64
CA LEU C 282 -90.18 -19.29 -19.79
C LEU C 282 -91.34 -18.31 -19.58
N VAL C 283 -92.33 -18.71 -18.79
CA VAL C 283 -93.50 -17.88 -18.53
C VAL C 283 -93.12 -16.59 -17.78
N ASP C 284 -92.10 -16.68 -16.92
CA ASP C 284 -91.61 -15.52 -16.16
C ASP C 284 -91.23 -14.36 -17.07
N TYR C 285 -90.29 -14.64 -17.98
CA TYR C 285 -89.60 -13.59 -18.73
C TYR C 285 -90.34 -13.20 -20.01
N PHE C 286 -91.03 -14.16 -20.61
CA PHE C 286 -91.91 -13.89 -21.75
C PHE C 286 -93.34 -14.27 -21.38
N PRO C 287 -94.06 -13.36 -20.71
CA PRO C 287 -95.41 -13.59 -20.20
C PRO C 287 -96.36 -14.35 -21.12
N GLU C 288 -96.47 -13.92 -22.38
CA GLU C 288 -97.50 -14.44 -23.31
C GLU C 288 -97.19 -15.84 -23.87
N TYR C 289 -96.74 -16.72 -22.99
CA TYR C 289 -96.40 -18.08 -23.35
C TYR C 289 -97.44 -19.02 -22.73
N ASP C 290 -98.36 -19.49 -23.57
CA ASP C 290 -99.48 -20.31 -23.11
C ASP C 290 -99.10 -21.76 -22.84
N GLY C 291 -97.94 -22.18 -23.34
CA GLY C 291 -97.52 -23.58 -23.25
C GLY C 291 -97.21 -24.04 -21.84
N PRO C 292 -96.94 -25.35 -21.68
CA PRO C 292 -96.59 -25.92 -20.37
C PRO C 292 -95.26 -25.40 -19.81
N GLN C 293 -95.16 -25.38 -18.48
CA GLN C 293 -93.92 -24.96 -17.79
C GLN C 293 -92.90 -26.08 -17.84
N ARG C 294 -91.63 -25.74 -17.64
CA ARG C 294 -90.55 -26.72 -17.65
C ARG C 294 -90.59 -27.58 -18.90
N ASP C 295 -90.78 -26.93 -20.04
CA ASP C 295 -91.01 -27.61 -21.31
C ASP C 295 -89.82 -27.50 -22.28
N ALA C 296 -89.23 -28.64 -22.60
CA ALA C 296 -88.13 -28.72 -23.56
C ALA C 296 -88.60 -28.40 -24.97
N GLN C 297 -89.74 -28.97 -25.35
CA GLN C 297 -90.27 -28.86 -26.71
C GLN C 297 -90.91 -27.50 -26.99
N ALA C 298 -92.09 -27.26 -26.44
CA ALA C 298 -92.92 -26.09 -26.79
C ALA C 298 -92.28 -24.75 -26.44
N ALA C 299 -91.44 -24.73 -25.41
CA ALA C 299 -90.68 -23.53 -25.08
C ALA C 299 -89.70 -23.19 -26.21
N ARG C 300 -89.20 -24.23 -26.87
CA ARG C 300 -88.35 -24.05 -28.06
C ARG C 300 -89.18 -23.54 -29.23
N GLU C 301 -90.39 -24.08 -29.37
CA GLU C 301 -91.29 -23.72 -30.48
C GLU C 301 -91.87 -22.32 -30.34
N PHE C 302 -92.14 -21.90 -29.10
CA PHE C 302 -92.64 -20.54 -28.84
C PHE C 302 -91.62 -19.49 -29.24
N ILE C 303 -90.36 -19.76 -28.93
CA ILE C 303 -89.26 -18.89 -29.35
C ILE C 303 -89.18 -18.83 -30.88
N LEU C 304 -89.16 -20.00 -31.52
CA LEU C 304 -89.10 -20.09 -32.98
C LEU C 304 -90.13 -19.16 -33.62
N LYS C 305 -91.40 -19.34 -33.26
CA LYS C 305 -92.49 -18.59 -33.90
C LYS C 305 -92.48 -17.12 -33.51
N MET C 306 -91.91 -16.81 -32.36
CA MET C 306 -91.78 -15.42 -31.93
C MET C 306 -90.95 -14.63 -32.96
N PHE C 307 -89.89 -15.26 -33.45
CA PHE C 307 -88.99 -14.63 -34.43
C PHE C 307 -89.57 -14.65 -35.84
N VAL C 308 -90.11 -15.79 -36.25
CA VAL C 308 -90.67 -15.96 -37.61
C VAL C 308 -91.96 -15.14 -37.81
N ASP C 309 -92.57 -14.69 -36.70
CA ASP C 309 -93.73 -13.81 -36.76
C ASP C 309 -93.33 -12.35 -36.90
N LEU C 310 -92.15 -11.97 -36.39
CA LEU C 310 -91.57 -10.68 -36.74
C LEU C 310 -91.00 -10.75 -38.15
N ASN C 311 -91.88 -10.77 -39.14
CA ASN C 311 -91.47 -10.84 -40.53
C ASN C 311 -92.31 -9.87 -41.38
N PRO C 312 -91.75 -8.70 -41.70
CA PRO C 312 -92.51 -7.72 -42.48
C PRO C 312 -92.78 -8.17 -43.91
N ASP C 313 -91.77 -8.76 -44.55
CA ASP C 313 -91.92 -9.32 -45.90
C ASP C 313 -92.77 -10.59 -45.79
N SER C 314 -94.04 -10.49 -46.14
CA SER C 314 -94.93 -11.63 -46.08
C SER C 314 -94.51 -12.73 -47.05
N ASP C 315 -93.65 -12.39 -48.01
CA ASP C 315 -93.17 -13.34 -49.00
C ASP C 315 -91.89 -14.07 -48.58
N LYS C 316 -91.02 -13.42 -47.79
CA LYS C 316 -89.75 -14.04 -47.39
C LYS C 316 -89.94 -15.26 -46.47
N ILE C 317 -89.60 -16.43 -47.00
CA ILE C 317 -89.69 -17.70 -46.27
C ILE C 317 -88.41 -17.90 -45.46
N ILE C 318 -88.52 -17.78 -44.14
CA ILE C 318 -87.36 -17.87 -43.25
C ILE C 318 -87.09 -19.33 -42.90
N TYR C 319 -85.98 -19.86 -43.42
CA TYR C 319 -85.59 -21.24 -43.16
C TYR C 319 -84.86 -21.31 -41.81
N SER C 320 -85.41 -22.09 -40.89
CA SER C 320 -84.86 -22.17 -39.53
C SER C 320 -84.50 -23.60 -39.14
N HIS C 321 -83.47 -23.73 -38.30
CA HIS C 321 -83.10 -25.00 -37.69
C HIS C 321 -82.66 -24.76 -36.28
N PHE C 322 -82.97 -25.69 -35.39
CA PHE C 322 -82.42 -25.65 -34.04
C PHE C 322 -81.04 -26.29 -34.09
N THR C 323 -80.09 -25.74 -33.32
CA THR C 323 -78.69 -26.17 -33.42
C THR C 323 -77.96 -26.25 -32.08
N CYS C 324 -76.88 -27.03 -32.08
CA CYS C 324 -75.96 -27.10 -30.96
C CYS C 324 -74.54 -26.97 -31.51
N ALA C 325 -73.95 -25.80 -31.32
CA ALA C 325 -72.69 -25.44 -31.97
C ALA C 325 -71.48 -26.22 -31.47
N THR C 326 -71.54 -26.74 -30.24
CA THR C 326 -70.43 -27.49 -29.65
C THR C 326 -70.38 -28.92 -30.16
N ASP C 327 -71.50 -29.41 -30.69
CA ASP C 327 -71.59 -30.74 -31.26
C ASP C 327 -71.21 -30.71 -32.73
N THR C 328 -70.17 -31.48 -33.09
CA THR C 328 -69.71 -31.57 -34.48
C THR C 328 -70.73 -32.28 -35.36
N GLU C 329 -71.41 -33.29 -34.80
CA GLU C 329 -72.29 -34.18 -35.57
C GLU C 329 -73.73 -33.66 -35.69
N ASN C 330 -74.00 -32.50 -35.10
CA ASN C 330 -75.27 -31.81 -35.32
C ASN C 330 -75.16 -30.79 -36.45
N ILE C 331 -73.98 -30.18 -36.58
CA ILE C 331 -73.74 -29.17 -37.61
C ILE C 331 -73.66 -29.77 -39.01
N ARG C 332 -73.08 -30.97 -39.13
CA ARG C 332 -73.02 -31.66 -40.42
C ARG C 332 -74.40 -31.90 -40.99
N PHE C 333 -75.31 -32.36 -40.13
CA PHE C 333 -76.70 -32.60 -40.51
C PHE C 333 -77.38 -31.28 -40.89
N VAL C 334 -77.34 -30.32 -39.98
CA VAL C 334 -77.97 -29.01 -40.20
C VAL C 334 -77.38 -28.31 -41.43
N PHE C 335 -76.06 -28.30 -41.52
CA PHE C 335 -75.38 -27.57 -42.59
C PHE C 335 -75.56 -28.22 -43.97
N ALA C 336 -75.75 -29.54 -43.99
CA ALA C 336 -76.03 -30.25 -45.24
C ALA C 336 -77.36 -29.78 -45.83
N ALA C 337 -78.37 -29.58 -44.98
CA ALA C 337 -79.68 -29.10 -45.41
C ALA C 337 -79.65 -27.61 -45.76
N VAL C 338 -78.88 -26.84 -44.99
CA VAL C 338 -78.67 -25.42 -45.28
C VAL C 338 -77.88 -25.25 -46.58
N LYS C 339 -76.90 -26.11 -46.80
CA LYS C 339 -76.14 -26.14 -48.06
C LYS C 339 -77.07 -26.26 -49.27
N ASP C 340 -78.06 -27.14 -49.16
CA ASP C 340 -79.03 -27.36 -50.25
C ASP C 340 -80.06 -26.26 -50.36
N THR C 341 -80.58 -25.83 -49.22
CA THR C 341 -81.54 -24.73 -49.16
C THR C 341 -80.97 -23.47 -49.83
N ILE C 342 -79.68 -23.25 -49.65
CA ILE C 342 -78.98 -22.13 -50.28
C ILE C 342 -78.81 -22.37 -51.79
N LEU C 343 -78.12 -23.46 -52.13
CA LEU C 343 -77.76 -23.75 -53.52
C LEU C 343 -78.95 -23.82 -54.48
N GLN C 344 -80.10 -24.31 -54.00
CA GLN C 344 -81.28 -24.46 -54.87
C GLN C 344 -82.08 -23.16 -55.03
N LEU C 345 -81.79 -22.17 -54.19
CA LEU C 345 -82.43 -20.87 -54.29
C LEU C 345 -81.66 -19.93 -55.22
N ASN C 346 -80.35 -20.12 -55.32
CA ASN C 346 -79.47 -19.25 -56.10
C ASN C 346 -79.24 -19.75 -57.54
N LEU C 347 -78.91 -21.04 -57.66
CA LEU C 347 -78.63 -21.66 -58.97
C LEU C 347 -79.84 -21.65 -59.92
N LYS C 348 -81.04 -21.51 -59.37
CA LYS C 348 -82.26 -21.33 -60.17
C LYS C 348 -82.33 -19.91 -60.76
N GLU C 349 -82.13 -18.91 -59.90
CA GLU C 349 -82.29 -17.51 -60.29
C GLU C 349 -80.97 -16.75 -60.13
N ALA D 11 -39.85 -13.13 -15.96
CA ALA D 11 -40.15 -11.89 -16.73
C ALA D 11 -39.60 -11.98 -18.16
N LEU D 12 -40.49 -12.05 -19.15
CA LEU D 12 -40.13 -12.18 -20.58
C LEU D 12 -40.70 -11.05 -21.47
N GLN D 13 -41.85 -10.48 -21.09
CA GLN D 13 -42.35 -9.24 -21.69
C GLN D 13 -41.89 -8.03 -20.87
N LEU D 14 -42.07 -6.83 -21.42
CA LEU D 14 -41.43 -5.61 -20.89
C LEU D 14 -41.60 -5.36 -19.40
N GLU D 15 -40.58 -4.73 -18.80
CA GLU D 15 -40.61 -4.33 -17.40
C GLU D 15 -39.72 -3.09 -17.18
N PRO D 16 -39.84 -2.42 -16.01
CA PRO D 16 -39.12 -1.16 -15.78
C PRO D 16 -37.61 -1.30 -15.75
N PRO D 17 -36.89 -0.26 -16.23
CA PRO D 17 -35.42 -0.34 -16.24
C PRO D 17 -34.84 -0.21 -14.83
N THR D 18 -34.66 -1.36 -14.18
CA THR D 18 -34.08 -1.37 -12.84
C THR D 18 -32.54 -1.31 -12.93
N VAL D 19 -31.95 -0.43 -12.13
CA VAL D 19 -30.50 -0.27 -12.07
C VAL D 19 -29.99 -1.02 -10.83
N VAL D 20 -29.27 -2.11 -11.05
CA VAL D 20 -28.80 -2.99 -9.96
C VAL D 20 -27.79 -2.31 -9.03
N GLU D 21 -27.36 -3.02 -8.00
CA GLU D 21 -26.58 -2.44 -6.91
C GLU D 21 -25.28 -1.73 -7.36
N THR D 22 -24.48 -2.40 -8.18
CA THR D 22 -23.14 -1.89 -8.54
C THR D 22 -23.18 -0.54 -9.26
N LEU D 23 -24.16 -0.38 -10.13
CA LEU D 23 -24.31 0.84 -10.93
C LEU D 23 -24.75 2.04 -10.08
N ARG D 24 -25.54 1.78 -9.04
CA ARG D 24 -25.99 2.84 -8.13
C ARG D 24 -24.83 3.59 -7.50
N ARG D 25 -24.08 2.89 -6.63
CA ARG D 25 -22.95 3.49 -5.93
C ARG D 25 -21.73 3.67 -6.85
N GLY D 26 -21.57 2.76 -7.79
CA GLY D 26 -20.61 2.94 -8.87
C GLY D 26 -19.20 2.48 -8.54
N SER D 27 -18.58 1.80 -9.50
CA SER D 27 -17.21 1.30 -9.34
C SER D 27 -16.21 2.38 -9.79
N LYS D 28 -14.92 2.02 -9.83
CA LYS D 28 -13.87 2.96 -10.23
C LYS D 28 -13.39 2.65 -11.65
N PHE D 29 -13.12 3.71 -12.42
CA PHE D 29 -12.69 3.59 -13.82
C PHE D 29 -11.58 4.59 -14.15
N ILE D 30 -11.05 4.50 -15.37
CA ILE D 30 -10.10 5.49 -15.88
C ILE D 30 -10.55 5.98 -17.25
N LYS D 31 -11.09 7.20 -17.31
CA LYS D 31 -11.46 7.81 -18.58
C LYS D 31 -10.19 8.24 -19.31
N TRP D 32 -10.14 8.00 -20.62
CA TRP D 32 -8.97 8.39 -21.42
C TRP D 32 -9.35 8.92 -22.77
N ASP D 33 -8.64 9.97 -23.20
CA ASP D 33 -8.88 10.62 -24.49
C ASP D 33 -7.58 10.60 -25.31
N GLU D 34 -7.72 10.55 -26.63
CA GLU D 34 -6.56 10.52 -27.54
C GLU D 34 -6.07 11.91 -27.93
N GLU D 35 -6.97 12.73 -28.49
CA GLU D 35 -6.59 14.05 -29.04
C GLU D 35 -6.17 15.08 -27.96
N THR D 36 -6.59 14.86 -26.72
CA THR D 36 -6.17 15.72 -25.60
C THR D 36 -5.21 14.99 -24.63
N SER D 37 -4.89 13.73 -24.94
CA SER D 37 -3.95 12.93 -24.15
C SER D 37 -4.27 12.93 -22.65
N SER D 38 -5.53 12.67 -22.34
CA SER D 38 -6.01 12.66 -20.95
C SER D 38 -6.03 11.24 -20.40
N ARG D 39 -5.82 11.12 -19.09
CA ARG D 39 -5.85 9.83 -18.39
C ARG D 39 -6.32 10.02 -16.94
N ASN D 40 -7.61 10.28 -16.76
CA ASN D 40 -8.17 10.64 -15.45
C ASN D 40 -8.95 9.51 -14.80
N LEU D 41 -8.82 9.40 -13.47
CA LEU D 41 -9.67 8.51 -12.68
C LEU D 41 -11.08 9.09 -12.61
N VAL D 42 -12.07 8.20 -12.57
CA VAL D 42 -13.48 8.61 -12.49
C VAL D 42 -14.30 7.54 -11.79
N THR D 43 -15.16 7.96 -10.86
CA THR D 43 -16.11 7.06 -10.21
C THR D 43 -17.43 7.09 -11.00
N LEU D 44 -17.61 6.08 -11.85
CA LEU D 44 -18.73 6.04 -12.79
C LEU D 44 -20.01 5.67 -12.04
N ARG D 45 -21.07 6.47 -12.24
CA ARG D 45 -22.33 6.27 -11.50
C ARG D 45 -23.58 6.49 -12.36
N VAL D 46 -24.58 5.64 -12.14
CA VAL D 46 -25.91 5.79 -12.75
C VAL D 46 -26.93 6.00 -11.63
N ASP D 47 -27.78 7.03 -11.78
CA ASP D 47 -28.75 7.36 -10.74
C ASP D 47 -29.86 6.29 -10.65
N PRO D 48 -30.55 6.20 -9.49
CA PRO D 48 -31.59 5.20 -9.24
C PRO D 48 -32.65 5.02 -10.33
N ASN D 49 -33.21 6.12 -10.83
CA ASN D 49 -34.31 6.05 -11.81
C ASN D 49 -33.89 5.76 -13.26
N GLY D 50 -32.58 5.73 -13.52
CA GLY D 50 -32.05 5.36 -14.83
C GLY D 50 -32.15 6.46 -15.86
N PHE D 51 -31.76 7.67 -15.45
CA PHE D 51 -31.77 8.84 -16.33
C PHE D 51 -30.40 9.13 -16.91
N PHE D 52 -29.42 9.33 -16.03
CA PHE D 52 -28.11 9.83 -16.45
C PHE D 52 -26.94 8.96 -15.96
N LEU D 53 -25.83 9.09 -16.67
CA LEU D 53 -24.55 8.52 -16.29
C LEU D 53 -23.59 9.68 -16.03
N TYR D 54 -23.15 9.82 -14.78
CA TYR D 54 -22.37 11.00 -14.36
C TYR D 54 -21.07 10.63 -13.66
N TRP D 55 -20.20 11.61 -13.54
CA TRP D 55 -18.94 11.45 -12.81
C TRP D 55 -18.36 12.78 -12.44
N THR D 56 -17.41 12.77 -11.51
CA THR D 56 -16.68 13.97 -11.13
C THR D 56 -15.60 14.24 -12.18
N GLY D 57 -15.71 15.39 -12.85
CA GLY D 57 -14.78 15.75 -13.92
C GLY D 57 -13.44 16.26 -13.41
N PRO D 58 -12.46 16.43 -14.32
CA PRO D 58 -11.12 16.93 -13.94
C PRO D 58 -11.14 18.35 -13.39
N ASN D 59 -12.13 19.13 -13.83
CA ASN D 59 -12.31 20.52 -13.40
C ASN D 59 -13.03 20.62 -12.06
N MET D 60 -13.42 19.47 -11.50
CA MET D 60 -14.34 19.39 -10.38
C MET D 60 -15.77 19.73 -10.83
N GLU D 61 -16.03 19.52 -12.11
CA GLU D 61 -17.35 19.74 -12.70
C GLU D 61 -18.08 18.38 -12.78
N VAL D 62 -19.40 18.39 -12.64
CA VAL D 62 -20.19 17.16 -12.76
C VAL D 62 -20.65 16.98 -14.20
N ASP D 63 -19.89 16.17 -14.95
CA ASP D 63 -20.19 15.91 -16.36
C ASP D 63 -21.13 14.73 -16.50
N THR D 64 -22.36 15.02 -16.91
CA THR D 64 -23.42 13.99 -17.03
C THR D 64 -23.61 13.56 -18.48
N LEU D 65 -24.03 12.31 -18.66
CA LEU D 65 -24.31 11.74 -19.97
C LEU D 65 -25.74 11.21 -20.00
N ASP D 66 -26.48 11.60 -21.02
CA ASP D 66 -27.85 11.13 -21.20
C ASP D 66 -27.87 9.65 -21.61
N ILE D 67 -28.54 8.82 -20.81
CA ILE D 67 -28.62 7.38 -21.08
C ILE D 67 -29.41 7.06 -22.35
N SER D 68 -30.45 7.84 -22.62
CA SER D 68 -31.28 7.62 -23.81
C SER D 68 -30.56 7.94 -25.12
N SER D 69 -29.38 8.56 -25.03
CA SER D 69 -28.53 8.84 -26.20
C SER D 69 -27.42 7.81 -26.39
N ILE D 70 -27.34 6.81 -25.51
CA ILE D 70 -26.41 5.70 -25.71
C ILE D 70 -26.88 4.86 -26.88
N ARG D 71 -25.99 4.68 -27.86
CA ARG D 71 -26.28 3.89 -29.06
C ARG D 71 -25.80 2.45 -28.90
N ASP D 72 -24.63 2.28 -28.30
CA ASP D 72 -24.10 0.95 -27.99
C ASP D 72 -22.99 1.03 -26.94
N THR D 73 -22.83 -0.05 -26.18
CA THR D 73 -21.72 -0.19 -25.25
C THR D 73 -20.90 -1.44 -25.59
N ARG D 74 -19.63 -1.24 -25.95
CA ARG D 74 -18.77 -2.32 -26.41
C ARG D 74 -17.80 -2.75 -25.31
N THR D 75 -17.63 -4.06 -25.16
CA THR D 75 -16.78 -4.63 -24.11
C THR D 75 -15.78 -5.62 -24.70
N GLY D 76 -14.56 -5.61 -24.17
CA GLY D 76 -13.55 -6.60 -24.53
C GLY D 76 -12.83 -6.32 -25.83
N ARG D 77 -12.60 -7.36 -26.61
CA ARG D 77 -11.98 -7.24 -27.92
C ARG D 77 -12.75 -6.32 -28.87
N TYR D 78 -14.08 -6.35 -28.76
CA TYR D 78 -14.95 -5.48 -29.54
C TYR D 78 -14.87 -4.01 -29.14
N ALA D 79 -14.38 -3.75 -27.93
CA ALA D 79 -14.18 -2.39 -27.45
C ALA D 79 -13.11 -1.67 -28.26
N ARG D 80 -13.18 -0.34 -28.26
CA ARG D 80 -12.20 0.49 -28.96
C ARG D 80 -10.87 0.48 -28.22
N LEU D 81 -9.79 0.32 -28.97
CA LEU D 81 -8.43 0.33 -28.43
C LEU D 81 -7.71 1.61 -28.86
N PRO D 82 -6.74 2.09 -28.05
CA PRO D 82 -5.99 3.32 -28.36
C PRO D 82 -4.98 3.16 -29.49
N LYS D 83 -4.85 4.20 -30.32
CA LYS D 83 -4.00 4.15 -31.50
C LYS D 83 -2.79 5.09 -31.44
N ASP D 84 -2.59 5.76 -30.31
CA ASP D 84 -1.35 6.49 -30.08
C ASP D 84 -0.37 5.56 -29.35
N PRO D 85 0.93 5.59 -29.73
CA PRO D 85 1.91 4.71 -29.06
C PRO D 85 2.05 4.98 -27.56
N LYS D 86 2.18 6.25 -27.19
CA LYS D 86 2.42 6.62 -25.79
C LYS D 86 1.21 6.36 -24.90
N ILE D 87 0.01 6.50 -25.44
CA ILE D 87 -1.21 6.21 -24.70
C ILE D 87 -1.31 4.70 -24.41
N ARG D 88 -0.90 3.88 -25.38
CA ARG D 88 -0.88 2.42 -25.22
C ARG D 88 -0.03 1.99 -24.03
N GLU D 89 1.18 2.53 -23.95
CA GLU D 89 2.15 2.13 -22.92
C GLU D 89 1.74 2.57 -21.51
N VAL D 90 1.09 3.73 -21.41
CA VAL D 90 0.68 4.27 -20.11
C VAL D 90 -0.52 3.51 -19.53
N LEU D 91 -1.25 2.81 -20.38
CA LEU D 91 -2.31 1.90 -19.93
C LEU D 91 -1.75 0.50 -19.63
N GLY D 92 -0.64 0.15 -20.28
CA GLY D 92 0.08 -1.09 -20.03
C GLY D 92 -0.09 -2.16 -21.09
N PHE D 93 -0.26 -1.74 -22.34
CA PHE D 93 -0.42 -2.67 -23.46
C PHE D 93 0.91 -3.28 -23.90
N GLY D 94 2.01 -2.57 -23.64
CA GLY D 94 3.35 -3.14 -23.77
C GLY D 94 3.83 -3.73 -22.45
N GLY D 95 2.88 -4.20 -21.63
CA GLY D 95 3.18 -4.72 -20.30
C GLY D 95 3.15 -6.24 -20.24
N PRO D 96 2.85 -6.81 -19.06
CA PRO D 96 2.82 -8.26 -18.87
C PRO D 96 1.47 -8.96 -19.15
N ASP D 97 0.40 -8.49 -18.53
CA ASP D 97 -0.89 -9.22 -18.53
C ASP D 97 -1.62 -9.22 -19.87
N ALA D 98 -2.27 -10.36 -20.19
CA ALA D 98 -3.23 -10.44 -21.30
C ALA D 98 -4.65 -10.23 -20.76
N ARG D 99 -4.74 -9.42 -19.70
CA ARG D 99 -5.97 -9.17 -18.96
C ARG D 99 -6.60 -7.83 -19.32
N LEU D 100 -5.80 -6.94 -19.92
CA LEU D 100 -6.19 -5.54 -20.10
C LEU D 100 -7.37 -5.32 -21.06
N GLU D 101 -7.74 -6.34 -21.83
CA GLU D 101 -8.96 -6.30 -22.64
C GLU D 101 -10.23 -6.57 -21.82
N GLU D 102 -10.10 -7.32 -20.74
CA GLU D 102 -11.24 -7.70 -19.89
C GLU D 102 -11.79 -6.52 -19.08
N LYS D 103 -11.05 -5.42 -19.05
CA LYS D 103 -11.44 -4.21 -18.32
C LYS D 103 -11.79 -3.03 -19.24
N LEU D 104 -11.63 -3.19 -20.55
CA LEU D 104 -11.92 -2.10 -21.50
C LEU D 104 -13.42 -1.99 -21.75
N MET D 105 -13.92 -0.75 -21.75
CA MET D 105 -15.32 -0.48 -22.09
C MET D 105 -15.42 0.80 -22.89
N THR D 106 -16.10 0.73 -24.03
CA THR D 106 -16.34 1.87 -24.91
C THR D 106 -17.82 2.16 -24.94
N VAL D 107 -18.20 3.39 -24.59
CA VAL D 107 -19.61 3.79 -24.62
C VAL D 107 -19.82 4.80 -25.76
N VAL D 108 -20.47 4.34 -26.83
CA VAL D 108 -20.78 5.21 -27.97
C VAL D 108 -22.06 5.97 -27.68
N SER D 109 -22.03 7.27 -27.98
CA SER D 109 -23.18 8.13 -27.75
C SER D 109 -23.35 9.11 -28.89
N GLY D 110 -24.57 9.60 -29.06
CA GLY D 110 -24.86 10.60 -30.08
C GLY D 110 -26.34 10.69 -30.39
N PRO D 111 -26.76 11.76 -31.08
CA PRO D 111 -28.16 11.90 -31.51
C PRO D 111 -28.48 11.12 -32.78
N ASP D 112 -27.61 11.22 -33.79
CA ASP D 112 -27.78 10.48 -35.06
C ASP D 112 -26.57 9.56 -35.27
N PRO D 113 -26.64 8.65 -36.26
CA PRO D 113 -25.53 7.68 -36.45
C PRO D 113 -24.27 8.24 -37.13
N VAL D 114 -24.41 9.37 -37.83
CA VAL D 114 -23.26 10.02 -38.46
C VAL D 114 -22.41 10.70 -37.38
N ASN D 115 -23.01 11.63 -36.64
CA ASN D 115 -22.33 12.34 -35.55
C ASN D 115 -22.43 11.56 -34.23
N THR D 116 -21.34 10.89 -33.86
CA THR D 116 -21.29 10.12 -32.61
C THR D 116 -19.92 10.22 -31.93
N VAL D 117 -19.89 10.84 -30.76
CA VAL D 117 -18.66 10.92 -29.96
C VAL D 117 -18.51 9.61 -29.17
N PHE D 118 -17.27 9.19 -28.98
CA PHE D 118 -16.95 7.96 -28.27
C PHE D 118 -16.37 8.30 -26.91
N LEU D 119 -16.92 7.71 -25.86
CA LEU D 119 -16.34 7.81 -24.53
C LEU D 119 -15.70 6.49 -24.17
N ASN D 120 -14.38 6.50 -23.99
CA ASN D 120 -13.62 5.29 -23.66
C ASN D 120 -13.28 5.21 -22.18
N PHE D 121 -13.34 3.99 -21.63
CA PHE D 121 -13.10 3.77 -20.22
C PHE D 121 -12.22 2.53 -19.99
N MET D 122 -11.57 2.49 -18.82
CA MET D 122 -10.81 1.33 -18.38
C MET D 122 -11.09 1.11 -16.90
N ALA D 123 -11.40 -0.14 -16.54
CA ALA D 123 -11.79 -0.48 -15.18
C ALA D 123 -10.59 -0.66 -14.27
N VAL D 124 -10.88 -0.77 -12.97
CA VAL D 124 -9.86 -1.02 -11.95
C VAL D 124 -9.80 -2.50 -11.58
N GLN D 125 -10.97 -3.08 -11.31
CA GLN D 125 -11.07 -4.45 -10.82
C GLN D 125 -11.35 -5.42 -11.95
N ASP D 126 -11.00 -6.68 -11.73
CA ASP D 126 -11.18 -7.73 -12.73
C ASP D 126 -12.67 -8.01 -12.92
N ASP D 127 -13.14 -7.86 -14.16
CA ASP D 127 -14.53 -8.13 -14.54
C ASP D 127 -15.57 -7.12 -14.05
N THR D 128 -15.14 -6.02 -13.45
CA THR D 128 -16.05 -4.92 -13.16
C THR D 128 -16.53 -4.30 -14.48
N ALA D 129 -15.62 -4.23 -15.46
CA ALA D 129 -15.91 -3.65 -16.76
C ALA D 129 -16.94 -4.46 -17.55
N LYS D 130 -16.92 -5.78 -17.39
CA LYS D 130 -17.80 -6.65 -18.15
C LYS D 130 -19.27 -6.44 -17.78
N VAL D 131 -19.58 -6.64 -16.50
CA VAL D 131 -20.96 -6.55 -16.00
C VAL D 131 -21.58 -5.18 -16.29
N TRP D 132 -20.78 -4.14 -16.23
CA TRP D 132 -21.22 -2.77 -16.51
C TRP D 132 -21.74 -2.60 -17.90
N SER D 133 -20.94 -3.00 -18.88
CA SER D 133 -21.29 -2.84 -20.30
C SER D 133 -22.71 -3.32 -20.58
N GLU D 134 -22.97 -4.58 -20.26
CA GLU D 134 -24.23 -5.24 -20.61
C GLU D 134 -25.43 -4.72 -19.82
N GLU D 135 -25.19 -4.31 -18.57
CA GLU D 135 -26.26 -3.74 -17.75
C GLU D 135 -26.60 -2.32 -18.17
N LEU D 136 -25.56 -1.53 -18.49
CA LEU D 136 -25.77 -0.17 -19.00
C LEU D 136 -26.43 -0.19 -20.39
N PHE D 137 -26.23 -1.28 -21.12
CA PHE D 137 -26.83 -1.48 -22.44
C PHE D 137 -28.35 -1.64 -22.37
N LYS D 138 -28.80 -2.43 -21.41
CA LYS D 138 -30.23 -2.70 -21.24
C LYS D 138 -31.02 -1.47 -20.79
N LEU D 139 -30.34 -0.53 -20.13
CA LEU D 139 -30.95 0.75 -19.79
C LEU D 139 -31.16 1.60 -21.04
N ALA D 140 -30.12 1.72 -21.85
CA ALA D 140 -30.11 2.60 -23.02
C ALA D 140 -31.14 2.20 -24.09
N MET D 141 -31.45 0.90 -24.14
CA MET D 141 -32.34 0.36 -25.17
C MET D 141 -33.64 -0.23 -24.61
N ASN D 142 -34.01 0.12 -23.38
CA ASN D 142 -35.29 -0.32 -22.81
C ASN D 142 -36.45 0.46 -23.43
N ILE D 143 -37.58 -0.23 -23.63
CA ILE D 143 -38.72 0.36 -24.33
C ILE D 143 -39.50 1.31 -23.43
N LEU D 144 -39.91 0.83 -22.26
CA LEU D 144 -40.64 1.65 -21.30
C LEU D 144 -39.89 2.93 -20.99
N ALA D 145 -38.57 2.82 -20.83
CA ALA D 145 -37.71 3.96 -20.54
C ALA D 145 -37.87 5.07 -21.58
N GLN D 146 -37.87 4.68 -22.86
CA GLN D 146 -37.96 5.64 -23.97
C GLN D 146 -39.38 6.17 -24.16
N ASN D 147 -40.37 5.29 -24.08
CA ASN D 147 -41.76 5.66 -24.33
C ASN D 147 -42.51 6.12 -23.07
N ALA D 148 -41.75 6.52 -22.04
CA ALA D 148 -42.30 6.77 -20.70
C ALA D 148 -43.21 8.01 -20.65
N SER D 149 -43.83 8.17 -19.48
CA SER D 149 -44.83 9.20 -19.25
C SER D 149 -44.26 10.62 -19.29
N ARG D 150 -45.16 11.60 -19.19
CA ARG D 150 -44.78 13.01 -19.09
C ARG D 150 -44.25 13.33 -17.69
N ASN D 151 -44.88 12.74 -16.67
CA ASN D 151 -44.38 12.81 -15.30
C ASN D 151 -42.90 12.46 -15.24
N THR D 152 -42.58 11.27 -15.74
CA THR D 152 -41.20 10.74 -15.71
C THR D 152 -40.21 11.68 -16.41
N PHE D 153 -40.62 12.23 -17.55
CA PHE D 153 -39.75 13.11 -18.33
C PHE D 153 -39.42 14.42 -17.62
N LEU D 154 -40.30 14.89 -16.76
CA LEU D 154 -40.00 16.07 -15.94
C LEU D 154 -38.99 15.75 -14.85
N ARG D 155 -39.19 14.61 -14.18
CA ARG D 155 -38.23 14.13 -13.17
C ARG D 155 -36.81 14.04 -13.74
N LYS D 156 -36.70 13.67 -15.01
CA LYS D 156 -35.43 13.68 -15.71
C LYS D 156 -34.84 15.08 -15.68
N ALA D 157 -35.67 16.07 -16.00
CA ALA D 157 -35.27 17.48 -15.94
C ALA D 157 -34.82 17.88 -14.54
N TYR D 158 -35.51 17.38 -13.51
CA TYR D 158 -35.13 17.62 -12.11
C TYR D 158 -33.80 16.95 -11.77
N THR D 159 -33.63 15.71 -12.21
CA THR D 159 -32.42 14.95 -11.94
C THR D 159 -31.17 15.63 -12.50
N LYS D 160 -31.32 16.25 -13.67
CA LYS D 160 -30.20 16.97 -14.31
C LYS D 160 -29.73 18.14 -13.45
N LEU D 161 -30.66 18.97 -13.01
CA LEU D 161 -30.33 20.15 -12.20
C LEU D 161 -29.65 19.74 -10.88
N LYS D 162 -30.15 18.68 -10.27
CA LYS D 162 -29.55 18.16 -9.03
C LYS D 162 -28.14 17.62 -9.25
N LEU D 163 -27.88 17.06 -10.43
CA LEU D 163 -26.58 16.46 -10.72
C LEU D 163 -25.50 17.49 -11.03
N GLN D 164 -25.78 18.41 -11.96
CA GLN D 164 -24.80 19.41 -12.39
C GLN D 164 -24.55 20.47 -11.31
N VAL D 165 -23.77 20.10 -10.30
CA VAL D 165 -23.46 20.98 -9.17
C VAL D 165 -22.08 21.61 -9.33
N ASN D 166 -21.90 22.79 -8.72
CA ASN D 166 -20.65 23.57 -8.83
C ASN D 166 -19.61 23.18 -7.76
N GLN D 167 -18.47 23.89 -7.75
CA GLN D 167 -17.36 23.60 -6.81
C GLN D 167 -17.79 23.45 -5.35
N ASP D 168 -18.74 24.27 -4.91
CA ASP D 168 -19.20 24.25 -3.52
C ASP D 168 -20.29 23.21 -3.25
N GLY D 169 -20.64 22.42 -4.27
CA GLY D 169 -21.63 21.35 -4.12
C GLY D 169 -23.05 21.87 -4.07
N ARG D 170 -23.37 22.79 -4.99
CA ARG D 170 -24.67 23.45 -5.00
C ARG D 170 -25.23 23.55 -6.41
N ILE D 171 -26.53 23.79 -6.49
CA ILE D 171 -27.22 24.01 -7.76
C ILE D 171 -27.18 25.51 -8.11
N PRO D 172 -26.40 25.89 -9.13
CA PRO D 172 -26.29 27.32 -9.44
C PRO D 172 -27.57 27.89 -10.05
N VAL D 173 -27.79 29.19 -9.86
CA VAL D 173 -29.00 29.84 -10.32
C VAL D 173 -29.12 29.80 -11.85
N LYS D 174 -28.04 30.17 -12.53
CA LYS D 174 -28.04 30.26 -14.00
C LYS D 174 -28.30 28.93 -14.69
N ASN D 175 -27.97 27.82 -14.03
CA ASN D 175 -28.27 26.48 -14.53
C ASN D 175 -29.75 26.35 -14.94
N ILE D 176 -30.64 26.86 -14.09
CA ILE D 176 -32.08 26.84 -14.34
C ILE D 176 -32.48 27.87 -15.40
N LEU D 177 -31.95 29.08 -15.28
CA LEU D 177 -32.24 30.17 -16.24
C LEU D 177 -31.88 29.81 -17.69
N LYS D 178 -30.93 28.90 -17.87
CA LYS D 178 -30.47 28.49 -19.20
C LYS D 178 -31.15 27.21 -19.70
N MET D 179 -31.73 26.43 -18.79
CA MET D 179 -32.53 25.25 -19.16
C MET D 179 -33.87 25.71 -19.72
N PHE D 180 -34.62 26.47 -18.92
CA PHE D 180 -35.87 27.09 -19.35
C PHE D 180 -35.61 28.51 -19.83
N SER D 181 -34.61 28.69 -20.69
CA SER D 181 -34.22 30.03 -21.15
C SER D 181 -35.29 30.71 -22.03
N ALA D 182 -36.51 30.17 -22.01
CA ALA D 182 -37.68 30.83 -22.57
C ALA D 182 -38.21 31.96 -21.68
N ASP D 183 -37.60 32.17 -20.50
CA ASP D 183 -37.82 33.39 -19.70
C ASP D 183 -36.75 33.59 -18.61
N LYS D 184 -36.54 34.85 -18.21
CA LYS D 184 -35.61 35.21 -17.14
C LYS D 184 -36.30 35.92 -15.96
N LYS D 185 -37.09 36.94 -16.27
CA LYS D 185 -37.73 37.78 -15.25
C LYS D 185 -38.71 37.00 -14.37
N ARG D 186 -39.53 36.17 -15.01
CA ARG D 186 -40.50 35.31 -14.31
C ARG D 186 -39.80 34.38 -13.32
N VAL D 187 -38.80 33.66 -13.83
CA VAL D 187 -38.12 32.59 -13.10
C VAL D 187 -37.58 33.06 -11.75
N GLU D 188 -37.16 34.31 -11.68
CA GLU D 188 -36.63 34.89 -10.45
C GLU D 188 -37.72 35.09 -9.39
N THR D 189 -38.90 35.50 -9.84
CA THR D 189 -40.06 35.67 -8.96
C THR D 189 -40.60 34.31 -8.49
N ALA D 190 -40.46 33.30 -9.33
CA ALA D 190 -40.95 31.94 -9.05
C ALA D 190 -40.14 31.23 -7.95
N LEU D 191 -38.81 31.37 -8.00
CA LEU D 191 -37.93 30.79 -6.98
C LEU D 191 -38.06 31.50 -5.64
N GLU D 192 -38.26 32.82 -5.68
CA GLU D 192 -38.51 33.60 -4.47
C GLU D 192 -39.86 33.25 -3.84
N SER D 193 -40.82 32.86 -4.69
CA SER D 193 -42.13 32.40 -4.21
C SER D 193 -41.98 31.07 -3.47
N CYS D 194 -41.02 30.24 -3.87
CA CYS D 194 -40.74 28.96 -3.20
C CYS D 194 -40.03 29.13 -1.84
N GLY D 195 -39.30 30.23 -1.67
CA GLY D 195 -38.64 30.55 -0.39
C GLY D 195 -37.17 30.16 -0.31
N LEU D 196 -36.48 30.27 -1.43
CA LEU D 196 -35.04 29.96 -1.53
C LEU D 196 -34.27 31.22 -1.99
N LYS D 197 -33.46 31.10 -3.05
CA LYS D 197 -32.64 32.20 -3.56
C LYS D 197 -33.19 32.73 -4.89
N ARG D 200 -28.30 35.93 -9.70
CA ARG D 200 -27.66 34.98 -10.61
C ARG D 200 -26.31 34.47 -10.06
N SER D 201 -25.65 35.29 -9.24
CA SER D 201 -24.39 34.91 -8.58
C SER D 201 -24.58 33.94 -7.40
N GLU D 202 -25.83 33.64 -7.07
CA GLU D 202 -26.15 32.76 -5.94
C GLU D 202 -26.37 31.31 -6.42
N SER D 203 -26.67 30.43 -5.46
CA SER D 203 -26.68 28.97 -5.67
C SER D 203 -27.48 28.30 -4.56
N ILE D 204 -28.44 27.45 -4.95
CA ILE D 204 -29.29 26.75 -3.99
C ILE D 204 -28.64 25.43 -3.58
N ARG D 205 -28.78 25.07 -2.31
CA ARG D 205 -28.26 23.81 -1.80
C ARG D 205 -29.14 22.65 -2.27
N PRO D 206 -28.58 21.43 -2.38
CA PRO D 206 -29.37 20.27 -2.80
C PRO D 206 -30.34 19.75 -1.74
N ASP D 207 -30.18 20.21 -0.49
CA ASP D 207 -31.05 19.79 0.63
C ASP D 207 -32.45 20.35 0.45
N GLU D 208 -32.55 21.67 0.31
CA GLU D 208 -33.83 22.37 0.14
C GLU D 208 -34.26 22.44 -1.34
N PHE D 209 -33.99 21.39 -2.09
CA PHE D 209 -34.39 21.31 -3.51
C PHE D 209 -34.88 19.90 -3.81
N SER D 210 -35.87 19.45 -3.03
CA SER D 210 -36.47 18.13 -3.20
C SER D 210 -37.40 18.12 -4.40
N LEU D 211 -37.85 16.93 -4.76
CA LEU D 211 -38.74 16.73 -5.90
C LEU D 211 -40.00 17.60 -5.79
N GLU D 212 -40.53 17.72 -4.58
CA GLU D 212 -41.74 18.50 -4.31
C GLU D 212 -41.53 20.01 -4.50
N ILE D 213 -40.33 20.48 -4.16
CA ILE D 213 -40.01 21.90 -4.30
C ILE D 213 -39.90 22.27 -5.77
N PHE D 214 -39.34 21.36 -6.57
CA PHE D 214 -39.29 21.51 -8.03
C PHE D 214 -40.69 21.48 -8.65
N GLU D 215 -41.60 20.72 -8.04
CA GLU D 215 -42.98 20.67 -8.50
C GLU D 215 -43.67 22.03 -8.33
N ARG D 216 -43.70 22.53 -7.10
CA ARG D 216 -44.34 23.83 -6.81
C ARG D 216 -43.69 24.97 -7.57
N PHE D 217 -42.41 24.83 -7.90
CA PHE D 217 -41.70 25.81 -8.72
C PHE D 217 -42.35 25.99 -10.10
N LEU D 218 -42.57 24.89 -10.79
CA LEU D 218 -43.17 24.92 -12.13
C LEU D 218 -44.65 25.31 -12.11
N ASN D 219 -45.38 24.82 -11.11
CA ASN D 219 -46.79 25.21 -10.94
C ASN D 219 -46.97 26.72 -10.79
N LYS D 220 -46.00 27.36 -10.15
CA LYS D 220 -46.01 28.81 -9.97
C LYS D 220 -45.43 29.52 -11.19
N LEU D 221 -44.38 28.96 -11.78
CA LEU D 221 -43.71 29.55 -12.93
C LEU D 221 -44.49 29.35 -14.23
N CYS D 222 -44.93 28.11 -14.47
CA CYS D 222 -45.70 27.75 -15.67
C CYS D 222 -47.20 27.77 -15.37
N LEU D 223 -47.87 28.84 -15.81
CA LEU D 223 -49.32 28.98 -15.66
C LEU D 223 -50.04 28.23 -16.78
N ARG D 224 -51.04 27.43 -16.42
CA ARG D 224 -51.72 26.52 -17.35
C ARG D 224 -53.22 26.82 -17.44
N PRO D 225 -53.60 27.70 -18.38
CA PRO D 225 -55.01 28.07 -18.55
C PRO D 225 -55.81 27.00 -19.29
N ASP D 226 -55.15 26.28 -20.19
CA ASP D 226 -55.79 25.20 -20.97
C ASP D 226 -56.37 24.07 -20.11
N ILE D 227 -55.65 23.68 -19.06
CA ILE D 227 -56.11 22.64 -18.13
C ILE D 227 -57.38 23.07 -17.39
N ASP D 228 -57.53 24.37 -17.18
CA ASP D 228 -58.69 24.93 -16.48
C ASP D 228 -59.97 24.90 -17.34
N LYS D 229 -59.84 25.22 -18.63
CA LYS D 229 -60.94 25.08 -19.58
C LYS D 229 -61.41 23.62 -19.62
N ILE D 230 -60.46 22.69 -19.65
CA ILE D 230 -60.75 21.26 -19.68
C ILE D 230 -61.43 20.78 -18.39
N LEU D 231 -61.11 21.43 -17.27
CA LEU D 231 -61.83 21.18 -16.00
C LEU D 231 -63.27 21.68 -16.08
N LEU D 232 -63.45 22.89 -16.62
CA LEU D 232 -64.79 23.46 -16.77
C LEU D 232 -65.72 22.57 -17.60
N GLU D 233 -65.16 21.85 -18.57
CA GLU D 233 -65.93 20.94 -19.43
C GLU D 233 -66.60 19.79 -18.67
N ILE D 234 -65.81 19.01 -17.95
CA ILE D 234 -66.26 17.73 -17.39
C ILE D 234 -67.14 17.88 -16.14
N GLY D 235 -68.13 18.76 -16.22
CA GLY D 235 -69.04 19.02 -15.12
C GLY D 235 -68.43 19.73 -13.92
N ALA D 236 -67.22 20.27 -14.09
CA ALA D 236 -66.55 21.00 -13.01
C ALA D 236 -66.82 22.50 -13.14
N LYS D 237 -68.10 22.84 -13.11
CA LYS D 237 -68.56 24.23 -13.14
C LYS D 237 -68.45 24.80 -11.73
N GLY D 238 -68.73 23.97 -10.73
CA GLY D 238 -68.23 24.18 -9.37
C GLY D 238 -66.75 23.86 -9.42
N LYS D 239 -65.94 24.89 -9.63
CA LYS D 239 -64.59 24.79 -10.21
C LYS D 239 -63.53 23.90 -9.50
N PRO D 240 -63.33 24.07 -8.16
CA PRO D 240 -62.14 23.56 -7.46
C PRO D 240 -61.73 22.10 -7.73
N TYR D 241 -62.67 21.18 -7.56
CA TYR D 241 -62.38 19.74 -7.53
C TYR D 241 -63.17 18.95 -8.57
N LEU D 242 -62.91 17.64 -8.62
CA LEU D 242 -63.71 16.70 -9.39
C LEU D 242 -64.08 15.51 -8.51
N THR D 243 -65.34 15.12 -8.56
CA THR D 243 -65.80 13.95 -7.83
C THR D 243 -65.26 12.68 -8.50
N LEU D 244 -65.36 11.56 -7.80
CA LEU D 244 -64.93 10.27 -8.33
C LEU D 244 -65.74 9.87 -9.56
N GLU D 245 -67.03 10.25 -9.58
CA GLU D 245 -67.92 9.92 -10.71
C GLU D 245 -67.61 10.77 -11.94
N GLN D 246 -67.39 12.06 -11.74
CA GLN D 246 -67.01 12.95 -12.83
C GLN D 246 -65.73 12.47 -13.50
N LEU D 247 -64.77 12.01 -12.69
CA LEU D 247 -63.49 11.49 -13.19
C LEU D 247 -63.67 10.17 -13.94
N MET D 248 -64.44 9.25 -13.36
CA MET D 248 -64.68 7.94 -13.97
C MET D 248 -65.42 8.06 -15.31
N ASP D 249 -66.47 8.88 -15.32
CA ASP D 249 -67.27 9.11 -16.52
C ASP D 249 -66.45 9.81 -17.61
N PHE D 250 -65.62 10.78 -17.21
CA PHE D 250 -64.70 11.48 -18.12
C PHE D 250 -63.79 10.51 -18.87
N ILE D 251 -63.29 9.51 -18.15
CA ILE D 251 -62.38 8.50 -18.73
C ILE D 251 -63.12 7.54 -19.68
N ASN D 252 -64.36 7.20 -19.34
CA ASN D 252 -65.13 6.24 -20.13
C ASN D 252 -65.85 6.82 -21.34
N GLN D 253 -65.86 8.16 -21.42
CA GLN D 253 -66.47 8.86 -22.55
C GLN D 253 -65.43 9.48 -23.49
N LYS D 254 -64.35 10.01 -22.91
CA LYS D 254 -63.32 10.71 -23.69
C LYS D 254 -62.06 9.88 -23.86
N GLN D 255 -61.49 9.41 -22.75
CA GLN D 255 -60.14 8.82 -22.75
C GLN D 255 -60.08 7.40 -23.33
N ARG D 256 -61.23 6.73 -23.43
CA ARG D 256 -61.30 5.41 -24.07
C ARG D 256 -61.15 5.51 -25.59
N ASP D 257 -60.94 4.36 -26.22
CA ASP D 257 -60.83 4.27 -27.67
C ASP D 257 -62.05 3.48 -28.18
N PRO D 258 -63.04 4.17 -28.74
CA PRO D 258 -64.35 3.56 -29.02
C PRO D 258 -64.30 2.40 -30.01
N ARG D 259 -63.19 2.27 -30.72
CA ARG D 259 -63.01 1.19 -31.69
C ARG D 259 -62.93 -0.17 -30.99
N LEU D 260 -62.28 -0.21 -29.83
CA LEU D 260 -62.04 -1.46 -29.10
C LEU D 260 -63.31 -2.06 -28.49
N ASN D 261 -63.29 -3.38 -28.33
CA ASN D 261 -64.44 -4.12 -27.78
C ASN D 261 -64.67 -3.77 -26.32
N GLU D 262 -65.91 -3.92 -25.87
CA GLU D 262 -66.28 -3.62 -24.50
C GLU D 262 -65.94 -4.75 -23.53
N VAL D 263 -65.99 -6.00 -24.01
CA VAL D 263 -65.70 -7.18 -23.19
C VAL D 263 -64.20 -7.41 -23.03
N LEU D 264 -63.45 -7.22 -24.12
CA LEU D 264 -61.99 -7.40 -24.10
C LEU D 264 -61.30 -6.28 -23.34
N TYR D 265 -61.68 -5.04 -23.64
CA TYR D 265 -61.15 -3.87 -22.95
C TYR D 265 -62.30 -3.20 -22.18
N PRO D 266 -62.46 -3.57 -20.89
CA PRO D 266 -63.60 -3.05 -20.13
C PRO D 266 -63.40 -1.62 -19.68
N PRO D 267 -64.49 -0.91 -19.41
CA PRO D 267 -64.41 0.47 -18.91
C PRO D 267 -63.90 0.55 -17.48
N LEU D 268 -63.64 1.76 -17.00
CA LEU D 268 -63.06 1.98 -15.68
C LEU D 268 -64.10 1.79 -14.58
N ARG D 269 -63.86 0.83 -13.68
CA ARG D 269 -64.73 0.62 -12.51
C ARG D 269 -64.49 1.70 -11.45
N PRO D 270 -65.44 1.85 -10.49
CA PRO D 270 -65.28 2.86 -9.44
C PRO D 270 -64.17 2.53 -8.43
N SER D 271 -64.01 1.24 -8.12
CA SER D 271 -62.95 0.78 -7.22
C SER D 271 -61.54 1.00 -7.78
N GLN D 272 -61.44 1.01 -9.12
CA GLN D 272 -60.18 1.31 -9.79
C GLN D 272 -59.89 2.81 -9.80
N ALA D 273 -60.91 3.59 -10.12
CA ALA D 273 -60.80 5.05 -10.14
C ALA D 273 -60.31 5.61 -8.81
N ARG D 274 -60.62 4.91 -7.72
CA ARG D 274 -60.11 5.28 -6.39
C ARG D 274 -58.59 5.25 -6.33
N LEU D 275 -58.00 4.17 -6.83
CA LEU D 275 -56.53 4.00 -6.79
C LEU D 275 -55.78 5.10 -7.56
N LEU D 276 -56.41 5.68 -8.57
CA LEU D 276 -55.82 6.81 -9.30
C LEU D 276 -55.67 8.04 -8.41
N ILE D 277 -56.73 8.39 -7.71
CA ILE D 277 -56.71 9.53 -6.80
C ILE D 277 -55.58 9.37 -5.79
N GLU D 278 -55.51 8.18 -5.19
CA GLU D 278 -54.50 7.87 -4.16
C GLU D 278 -53.06 8.05 -4.64
N LYS D 279 -52.81 7.67 -5.88
CA LYS D 279 -51.46 7.73 -6.46
C LYS D 279 -51.07 9.14 -6.92
N TYR D 280 -52.07 9.95 -7.26
CA TYR D 280 -51.82 11.24 -7.91
C TYR D 280 -52.06 12.48 -7.03
N GLU D 281 -53.11 12.46 -6.21
CA GLU D 281 -53.46 13.61 -5.37
C GLU D 281 -52.56 13.70 -4.12
N PRO D 282 -51.80 14.81 -3.97
CA PRO D 282 -50.92 14.97 -2.81
C PRO D 282 -51.66 15.34 -1.51
N ASN D 283 -52.64 16.25 -1.61
CA ASN D 283 -53.43 16.65 -0.45
C ASN D 283 -54.24 15.49 0.11
N GLN D 284 -54.00 15.15 1.37
CA GLN D 284 -54.86 14.21 2.08
C GLN D 284 -56.20 14.89 2.46
N GLN D 285 -56.23 16.22 2.37
CA GLN D 285 -57.48 16.99 2.51
C GLN D 285 -58.53 16.57 1.47
N PHE D 286 -58.06 16.20 0.27
CA PHE D 286 -58.92 15.82 -0.85
C PHE D 286 -58.95 14.30 -1.10
N LEU D 287 -57.83 13.62 -0.82
CA LEU D 287 -57.75 12.17 -0.94
C LEU D 287 -58.65 11.46 0.08
N GLU D 288 -58.80 12.07 1.25
CA GLU D 288 -59.70 11.56 2.29
C GLU D 288 -61.18 11.67 1.89
N ARG D 289 -61.48 12.63 1.01
CA ARG D 289 -62.87 12.90 0.57
C ARG D 289 -63.26 12.25 -0.77
N ASP D 290 -62.39 11.41 -1.33
CA ASP D 290 -62.60 10.80 -2.65
C ASP D 290 -62.71 11.84 -3.77
N GLN D 291 -61.86 12.85 -3.70
CA GLN D 291 -61.84 13.92 -4.70
C GLN D 291 -60.43 14.16 -5.23
N MET D 292 -60.35 14.78 -6.40
CA MET D 292 -59.09 15.07 -7.06
C MET D 292 -59.04 16.56 -7.43
N SER D 293 -58.00 17.25 -6.97
CA SER D 293 -57.85 18.67 -7.23
C SER D 293 -57.34 18.95 -8.64
N MET D 294 -57.24 20.23 -8.97
CA MET D 294 -56.59 20.66 -10.21
C MET D 294 -55.13 20.18 -10.25
N GLU D 295 -54.44 20.27 -9.13
CA GLU D 295 -53.03 19.89 -9.03
C GLU D 295 -52.82 18.40 -9.32
N GLY D 296 -53.74 17.56 -8.83
CA GLY D 296 -53.67 16.12 -9.05
C GLY D 296 -54.10 15.70 -10.45
N PHE D 297 -55.03 16.47 -11.03
CA PHE D 297 -55.51 16.21 -12.39
C PHE D 297 -54.41 16.48 -13.42
N SER D 298 -53.71 17.60 -13.25
CA SER D 298 -52.56 17.96 -14.09
C SER D 298 -51.57 16.82 -14.17
N ARG D 299 -51.41 16.10 -13.06
CA ARG D 299 -50.56 14.93 -13.00
C ARG D 299 -51.16 13.73 -13.73
N TYR D 300 -52.44 13.44 -13.48
CA TYR D 300 -53.07 12.29 -14.15
C TYR D 300 -52.95 12.42 -15.66
N LEU D 301 -53.22 13.60 -16.18
CA LEU D 301 -53.06 13.86 -17.62
C LEU D 301 -51.70 13.39 -18.13
N GLY D 302 -50.64 13.67 -17.38
CA GLY D 302 -49.27 13.27 -17.74
C GLY D 302 -48.77 12.02 -17.04
N GLY D 303 -49.70 11.23 -16.51
CA GLY D 303 -49.36 10.06 -15.73
C GLY D 303 -48.93 8.88 -16.57
N GLU D 304 -48.83 7.72 -15.92
CA GLU D 304 -48.37 6.49 -16.54
C GLU D 304 -49.49 5.74 -17.30
N GLU D 305 -50.74 5.96 -16.89
CA GLU D 305 -51.88 5.29 -17.51
C GLU D 305 -52.35 6.07 -18.73
N ASN D 306 -52.44 7.39 -18.59
CA ASN D 306 -52.92 8.25 -19.66
C ASN D 306 -51.82 8.66 -20.64
N GLY D 307 -51.24 7.66 -21.31
CA GLY D 307 -50.33 7.90 -22.42
C GLY D 307 -51.11 7.96 -23.72
N ILE D 308 -50.47 8.40 -24.80
CA ILE D 308 -51.14 8.46 -26.10
C ILE D 308 -51.26 7.07 -26.70
N LEU D 309 -50.20 6.27 -26.58
CA LEU D 309 -50.19 4.93 -27.14
C LEU D 309 -50.42 3.90 -26.06
N PRO D 310 -50.97 2.74 -26.44
CA PRO D 310 -51.05 1.61 -25.53
C PRO D 310 -49.75 0.81 -25.57
N LEU D 311 -49.51 0.01 -24.54
CA LEU D 311 -48.29 -0.79 -24.47
C LEU D 311 -48.23 -1.84 -25.58
N GLU D 312 -49.38 -2.46 -25.89
CA GLU D 312 -49.47 -3.50 -26.91
C GLU D 312 -48.90 -3.06 -28.27
N ALA D 313 -48.92 -1.76 -28.54
CA ALA D 313 -48.35 -1.22 -29.78
C ALA D 313 -46.82 -1.32 -29.80
N LEU D 314 -46.17 -0.87 -28.72
CA LEU D 314 -44.70 -0.80 -28.64
C LEU D 314 -44.03 -2.16 -28.48
N ASP D 315 -44.76 -3.09 -27.88
CA ASP D 315 -44.27 -4.44 -27.61
C ASP D 315 -44.18 -5.28 -28.89
N LEU D 316 -43.23 -6.20 -28.89
CA LEU D 316 -43.10 -7.17 -29.98
C LEU D 316 -44.23 -8.19 -29.88
N SER D 317 -45.44 -7.76 -30.24
CA SER D 317 -46.65 -8.55 -30.06
C SER D 317 -47.39 -8.88 -31.37
N THR D 318 -46.74 -8.61 -32.51
CA THR D 318 -47.29 -8.99 -33.81
C THR D 318 -46.85 -10.41 -34.14
N ASP D 319 -47.71 -11.15 -34.84
CA ASP D 319 -47.40 -12.52 -35.26
C ASP D 319 -46.13 -12.57 -36.09
N MET D 320 -45.26 -13.55 -35.81
CA MET D 320 -43.98 -13.68 -36.52
C MET D 320 -43.86 -15.03 -37.23
N THR D 321 -45.00 -15.67 -37.51
CA THR D 321 -45.02 -17.01 -38.12
C THR D 321 -45.47 -17.02 -39.58
N GLN D 322 -45.90 -15.86 -40.10
CA GLN D 322 -46.31 -15.72 -41.49
C GLN D 322 -45.10 -15.76 -42.42
N PRO D 323 -45.32 -15.95 -43.74
CA PRO D 323 -44.18 -15.96 -44.65
C PRO D 323 -43.38 -14.66 -44.62
N LEU D 324 -42.08 -14.77 -44.89
CA LEU D 324 -41.19 -13.61 -44.86
C LEU D 324 -41.73 -12.45 -45.68
N SER D 325 -42.30 -12.75 -46.84
CA SER D 325 -42.81 -11.74 -47.78
C SER D 325 -43.99 -10.91 -47.26
N ALA D 326 -44.68 -11.41 -46.24
CA ALA D 326 -45.84 -10.74 -45.68
C ALA D 326 -45.51 -9.65 -44.65
N TYR D 327 -44.22 -9.31 -44.51
CA TYR D 327 -43.76 -8.29 -43.59
C TYR D 327 -43.03 -7.17 -44.32
N PHE D 328 -43.20 -5.94 -43.83
CA PHE D 328 -42.33 -4.85 -44.22
C PHE D 328 -41.01 -5.04 -43.45
N ILE D 329 -39.90 -4.70 -44.08
CA ILE D 329 -38.58 -4.91 -43.48
C ILE D 329 -37.75 -3.64 -43.54
N ASN D 330 -37.11 -3.30 -42.43
CA ASN D 330 -36.27 -2.11 -42.36
C ASN D 330 -34.96 -2.35 -43.10
N SER D 331 -34.64 -1.47 -44.04
CA SER D 331 -33.62 -1.74 -45.05
C SER D 331 -32.79 -0.52 -45.37
N SER D 332 -31.52 -0.75 -45.71
CA SER D 332 -30.56 0.34 -45.98
C SER D 332 -29.99 0.25 -47.40
N HIS D 333 -29.62 1.41 -47.95
CA HIS D 333 -28.95 1.51 -49.25
C HIS D 333 -27.59 2.10 -49.09
N ASN D 334 -26.61 1.49 -49.77
CA ASN D 334 -25.21 1.90 -49.69
C ASN D 334 -24.86 2.28 -48.25
N THR D 335 -24.94 1.27 -47.39
CA THR D 335 -24.82 1.47 -45.94
C THR D 335 -23.40 1.83 -45.53
N TYR D 336 -22.41 1.40 -46.31
CA TYR D 336 -21.01 1.75 -46.07
C TYR D 336 -20.75 3.26 -46.07
N LEU D 337 -21.46 4.00 -46.94
CA LEU D 337 -21.30 5.45 -47.03
C LEU D 337 -21.83 6.16 -45.79
N THR D 338 -21.18 7.27 -45.44
CA THR D 338 -21.56 8.08 -44.27
C THR D 338 -21.79 9.55 -44.61
N ALA D 339 -21.66 9.92 -45.88
CA ALA D 339 -21.78 11.30 -46.31
C ALA D 339 -22.48 11.35 -47.67
N GLY D 340 -22.01 12.21 -48.57
CA GLY D 340 -22.51 12.25 -49.94
C GLY D 340 -22.14 11.00 -50.71
N GLN D 341 -22.93 10.68 -51.74
CA GLN D 341 -22.73 9.46 -52.55
C GLN D 341 -21.47 9.49 -53.40
N LEU D 342 -20.96 10.69 -53.68
CA LEU D 342 -19.78 10.84 -54.52
C LEU D 342 -18.48 10.89 -53.69
N ALA D 343 -17.97 12.08 -53.41
CA ALA D 343 -16.60 12.22 -52.87
C ALA D 343 -16.45 11.99 -51.36
N GLY D 344 -17.56 11.75 -50.65
CA GLY D 344 -17.52 11.51 -49.20
C GLY D 344 -16.81 10.23 -48.80
N THR D 345 -16.65 10.03 -47.50
CA THR D 345 -15.93 8.86 -46.98
C THR D 345 -16.86 7.70 -46.59
N SER D 346 -16.31 6.49 -46.56
CA SER D 346 -17.01 5.29 -46.09
C SER D 346 -16.49 4.90 -44.71
N SER D 347 -17.18 3.99 -44.03
CA SER D 347 -16.81 3.62 -42.66
C SER D 347 -17.39 2.28 -42.22
N VAL D 348 -16.54 1.48 -41.57
CA VAL D 348 -16.97 0.22 -40.93
C VAL D 348 -18.00 0.48 -39.84
N GLU D 349 -17.88 1.62 -39.17
CA GLU D 349 -18.73 1.97 -38.04
C GLU D 349 -20.20 2.15 -38.42
N MET D 350 -20.46 2.60 -39.66
CA MET D 350 -21.83 2.84 -40.09
C MET D 350 -22.64 1.54 -40.15
N TYR D 351 -21.97 0.41 -40.43
CA TYR D 351 -22.63 -0.90 -40.44
C TYR D 351 -23.09 -1.32 -39.06
N ARG D 352 -22.25 -1.06 -38.05
CA ARG D 352 -22.61 -1.32 -36.66
C ARG D 352 -23.82 -0.47 -36.27
N GLN D 353 -23.72 0.83 -36.53
CA GLN D 353 -24.79 1.79 -36.22
C GLN D 353 -26.09 1.45 -36.96
N ALA D 354 -25.97 1.03 -38.21
CA ALA D 354 -27.13 0.65 -39.02
C ALA D 354 -27.92 -0.48 -38.37
N LEU D 355 -27.23 -1.56 -37.98
CA LEU D 355 -27.89 -2.71 -37.35
C LEU D 355 -28.38 -2.40 -35.93
N LEU D 356 -27.77 -1.43 -35.27
CA LEU D 356 -28.19 -0.99 -33.95
C LEU D 356 -29.50 -0.18 -33.97
N TRP D 357 -29.80 0.41 -35.13
CA TRP D 357 -31.03 1.17 -35.36
C TRP D 357 -32.25 0.27 -35.27
N GLY D 358 -32.09 -0.95 -35.79
CA GLY D 358 -33.21 -1.85 -36.06
C GLY D 358 -33.24 -2.34 -37.50
N CYS D 359 -32.30 -1.86 -38.32
CA CYS D 359 -32.19 -2.25 -39.72
C CYS D 359 -31.86 -3.74 -39.84
N ARG D 360 -32.44 -4.38 -40.84
CA ARG D 360 -32.25 -5.83 -41.07
C ARG D 360 -31.64 -6.15 -42.44
N CYS D 361 -31.76 -5.23 -43.39
CA CYS D 361 -31.12 -5.39 -44.71
C CYS D 361 -30.07 -4.31 -44.94
N VAL D 362 -28.82 -4.74 -45.16
CA VAL D 362 -27.71 -3.83 -45.39
C VAL D 362 -26.99 -4.21 -46.69
N GLU D 363 -26.58 -3.20 -47.46
CA GLU D 363 -25.93 -3.43 -48.75
C GLU D 363 -24.41 -3.51 -48.61
N LEU D 364 -23.78 -4.36 -49.42
CA LEU D 364 -22.33 -4.50 -49.48
C LEU D 364 -21.84 -4.52 -50.93
N ASP D 365 -21.29 -3.40 -51.39
CA ASP D 365 -20.65 -3.31 -52.70
C ASP D 365 -19.18 -3.71 -52.59
N VAL D 366 -18.89 -5.01 -52.68
CA VAL D 366 -17.51 -5.50 -52.59
C VAL D 366 -16.80 -5.41 -53.93
N TRP D 367 -15.47 -5.40 -53.89
CA TRP D 367 -14.64 -5.22 -55.08
C TRP D 367 -13.40 -6.05 -55.03
N LYS D 368 -12.71 -6.12 -56.17
CA LYS D 368 -11.41 -6.79 -56.29
C LYS D 368 -10.38 -6.22 -55.31
N GLY D 369 -9.27 -6.93 -55.14
CA GLY D 369 -8.19 -6.48 -54.25
C GLY D 369 -7.14 -5.68 -54.97
N ARG D 370 -5.94 -5.63 -54.41
CA ARG D 370 -4.79 -5.03 -55.07
C ARG D 370 -3.78 -6.12 -55.39
N PRO D 371 -2.87 -5.87 -56.36
CA PRO D 371 -1.82 -6.84 -56.70
C PRO D 371 -0.83 -7.21 -55.57
N PRO D 372 -0.33 -6.22 -54.79
CA PRO D 372 0.58 -6.59 -53.69
C PRO D 372 -0.02 -7.57 -52.67
N GLU D 373 -1.12 -7.19 -52.01
CA GLU D 373 -1.83 -8.10 -51.11
C GLU D 373 -2.96 -8.77 -51.89
N GLU D 374 -4.04 -9.15 -51.22
CA GLU D 374 -5.22 -9.65 -51.90
C GLU D 374 -6.41 -9.64 -50.96
N GLU D 375 -6.86 -8.44 -50.63
CA GLU D 375 -8.00 -8.22 -49.74
C GLU D 375 -9.12 -7.49 -50.49
N PRO D 376 -10.27 -8.15 -50.68
CA PRO D 376 -11.44 -7.44 -51.17
C PRO D 376 -11.88 -6.33 -50.21
N PHE D 377 -12.30 -5.19 -50.76
CA PHE D 377 -12.71 -4.04 -49.95
C PHE D 377 -14.04 -3.48 -50.43
N ILE D 378 -14.66 -2.65 -49.60
CA ILE D 378 -15.98 -2.10 -49.90
C ILE D 378 -15.91 -0.59 -50.16
N THR D 379 -16.61 -0.16 -51.21
CA THR D 379 -16.69 1.25 -51.60
C THR D 379 -17.69 1.44 -52.73
N HIS D 380 -18.07 2.69 -52.98
CA HIS D 380 -18.97 3.00 -54.10
C HIS D 380 -18.18 3.04 -55.37
N GLY D 381 -18.70 2.36 -56.40
CA GLY D 381 -18.00 2.18 -57.68
C GLY D 381 -17.24 3.41 -58.17
N PHE D 382 -15.91 3.30 -58.15
CA PHE D 382 -14.98 4.41 -58.43
C PHE D 382 -15.64 5.79 -58.46
N THR D 383 -15.57 6.48 -57.32
CA THR D 383 -16.21 7.78 -57.15
C THR D 383 -15.59 8.56 -55.98
N MET D 384 -14.26 8.56 -55.89
CA MET D 384 -13.53 9.29 -54.85
C MET D 384 -14.02 9.02 -53.42
N THR D 385 -14.40 7.77 -53.13
CA THR D 385 -14.83 7.37 -51.79
C THR D 385 -13.73 6.58 -51.09
N THR D 386 -13.62 6.75 -49.77
CA THR D 386 -12.64 5.99 -48.99
C THR D 386 -12.99 4.50 -49.04
N GLU D 387 -11.96 3.67 -48.92
CA GLU D 387 -12.09 2.23 -49.20
C GLU D 387 -11.84 1.38 -47.95
N VAL D 388 -12.90 1.12 -47.18
CA VAL D 388 -12.79 0.25 -46.01
C VAL D 388 -12.75 -1.21 -46.44
N PRO D 389 -12.02 -2.06 -45.69
CA PRO D 389 -11.85 -3.46 -46.08
C PRO D 389 -13.06 -4.34 -45.74
N LEU D 390 -13.14 -5.50 -46.37
CA LEU D 390 -14.30 -6.39 -46.25
C LEU D 390 -14.33 -7.13 -44.91
N ARG D 391 -13.16 -7.64 -44.50
CA ARG D 391 -13.05 -8.41 -43.27
C ARG D 391 -13.55 -7.63 -42.06
N ASP D 392 -13.15 -6.36 -41.95
CA ASP D 392 -13.56 -5.50 -40.83
C ASP D 392 -15.08 -5.28 -40.79
N VAL D 393 -15.69 -5.18 -41.98
CA VAL D 393 -17.13 -4.98 -42.09
C VAL D 393 -17.88 -6.22 -41.63
N LEU D 394 -17.51 -7.38 -42.18
CA LEU D 394 -18.13 -8.65 -41.81
C LEU D 394 -18.02 -8.94 -40.31
N GLU D 395 -16.90 -8.56 -39.70
CA GLU D 395 -16.69 -8.75 -38.26
C GLU D 395 -17.59 -7.85 -37.42
N ALA D 396 -17.82 -6.63 -37.90
CA ALA D 396 -18.70 -5.68 -37.23
C ALA D 396 -20.18 -6.08 -37.34
N ILE D 397 -20.55 -6.62 -38.49
CA ILE D 397 -21.90 -7.16 -38.70
C ILE D 397 -22.10 -8.35 -37.77
N ALA D 398 -21.10 -9.22 -37.68
CA ALA D 398 -21.14 -10.40 -36.80
C ALA D 398 -21.28 -10.02 -35.32
N GLU D 399 -20.88 -8.81 -34.96
CA GLU D 399 -21.03 -8.32 -33.59
C GLU D 399 -22.48 -7.88 -33.32
N THR D 400 -22.90 -6.82 -34.00
CA THR D 400 -24.10 -6.08 -33.61
C THR D 400 -25.38 -6.48 -34.37
N ALA D 401 -25.32 -7.55 -35.16
CA ALA D 401 -26.46 -8.01 -35.94
C ALA D 401 -27.65 -8.34 -35.06
N PHE D 402 -27.40 -9.01 -33.94
CA PHE D 402 -28.48 -9.48 -33.08
C PHE D 402 -28.44 -8.87 -31.67
N LYS D 403 -28.23 -7.55 -31.60
CA LYS D 403 -28.26 -6.83 -30.34
C LYS D 403 -29.60 -6.13 -30.16
N THR D 404 -29.99 -5.34 -31.16
CA THR D 404 -31.26 -4.61 -31.13
C THR D 404 -32.46 -5.53 -31.33
N SER D 405 -32.32 -6.47 -32.26
CA SER D 405 -33.39 -7.39 -32.65
C SER D 405 -32.83 -8.78 -32.96
N PRO D 406 -33.42 -9.84 -32.36
CA PRO D 406 -33.02 -11.22 -32.67
C PRO D 406 -33.87 -11.84 -33.79
N TYR D 407 -33.79 -11.24 -34.98
CA TYR D 407 -34.54 -11.69 -36.14
C TYR D 407 -33.66 -11.58 -37.38
N PRO D 408 -33.94 -12.40 -38.42
CA PRO D 408 -33.02 -12.59 -39.54
C PRO D 408 -32.52 -11.31 -40.21
N VAL D 409 -31.26 -11.33 -40.66
CA VAL D 409 -30.62 -10.20 -41.33
C VAL D 409 -30.24 -10.57 -42.76
N ILE D 410 -30.33 -9.60 -43.67
CA ILE D 410 -30.07 -9.82 -45.10
C ILE D 410 -28.85 -9.05 -45.58
N LEU D 411 -27.80 -9.79 -45.95
CA LEU D 411 -26.59 -9.20 -46.52
C LEU D 411 -26.73 -9.09 -48.04
N SER D 412 -27.04 -7.89 -48.52
CA SER D 412 -27.29 -7.65 -49.95
C SER D 412 -25.99 -7.47 -50.73
N PHE D 413 -25.40 -8.59 -51.15
CA PHE D 413 -24.11 -8.59 -51.85
C PHE D 413 -24.22 -8.06 -53.28
N GLU D 414 -23.66 -6.86 -53.50
CA GLU D 414 -23.52 -6.30 -54.84
C GLU D 414 -22.11 -6.61 -55.34
N ASN D 415 -21.98 -7.78 -55.98
CA ASN D 415 -20.68 -8.38 -56.29
C ASN D 415 -20.01 -7.78 -57.53
N HIS D 416 -18.77 -7.31 -57.36
CA HIS D 416 -17.91 -6.92 -58.48
C HIS D 416 -16.59 -7.64 -58.48
N VAL D 417 -16.44 -8.63 -57.59
CA VAL D 417 -15.19 -9.37 -57.47
C VAL D 417 -15.01 -10.32 -58.65
N ASP D 418 -13.99 -10.07 -59.46
CA ASP D 418 -13.83 -10.74 -60.76
C ASP D 418 -12.68 -11.76 -60.78
N SER D 419 -12.56 -12.56 -59.72
CA SER D 419 -11.60 -13.66 -59.69
C SER D 419 -12.03 -14.71 -58.67
N ALA D 420 -12.07 -15.97 -59.12
CA ALA D 420 -12.38 -17.09 -58.23
C ALA D 420 -11.42 -17.15 -57.04
N LYS D 421 -10.21 -16.62 -57.23
CA LYS D 421 -9.23 -16.50 -56.16
C LYS D 421 -9.81 -15.73 -54.97
N GLN D 422 -10.14 -14.46 -55.18
CA GLN D 422 -10.63 -13.60 -54.10
C GLN D 422 -12.12 -13.77 -53.83
N GLN D 423 -12.86 -14.31 -54.78
CA GLN D 423 -14.29 -14.59 -54.58
C GLN D 423 -14.47 -15.81 -53.69
N ALA D 424 -13.53 -16.75 -53.75
CA ALA D 424 -13.51 -17.90 -52.83
C ALA D 424 -13.14 -17.43 -51.42
N LYS D 425 -12.26 -16.43 -51.35
CA LYS D 425 -11.77 -15.88 -50.08
C LYS D 425 -12.90 -15.26 -49.25
N MET D 426 -13.84 -14.58 -49.92
CA MET D 426 -15.01 -14.01 -49.23
C MET D 426 -16.02 -15.10 -48.84
N ALA D 427 -16.00 -16.23 -49.54
CA ALA D 427 -16.79 -17.39 -49.16
C ALA D 427 -16.31 -17.97 -47.83
N GLU D 428 -14.99 -17.92 -47.61
CA GLU D 428 -14.38 -18.36 -46.35
C GLU D 428 -14.67 -17.37 -45.23
N TYR D 429 -14.45 -16.09 -45.52
CA TYR D 429 -14.69 -15.00 -44.55
C TYR D 429 -16.08 -15.07 -43.91
N CYS D 430 -17.08 -15.40 -44.71
CA CYS D 430 -18.44 -15.51 -44.22
C CYS D 430 -18.57 -16.67 -43.21
N ARG D 431 -18.11 -17.85 -43.62
CA ARG D 431 -18.18 -19.04 -42.77
C ARG D 431 -17.23 -18.96 -41.58
N SER D 432 -16.11 -18.27 -41.75
CA SER D 432 -15.14 -18.08 -40.68
C SER D 432 -15.69 -17.12 -39.61
N ILE D 433 -16.26 -16.00 -40.04
CA ILE D 433 -16.72 -14.96 -39.11
C ILE D 433 -18.07 -15.30 -38.49
N PHE D 434 -19.09 -15.46 -39.31
CA PHE D 434 -20.45 -15.69 -38.83
C PHE D 434 -20.61 -17.08 -38.21
N GLY D 435 -20.10 -18.09 -38.91
CA GLY D 435 -20.16 -19.46 -38.42
C GLY D 435 -21.55 -20.07 -38.54
N ASP D 436 -22.13 -20.43 -37.40
CA ASP D 436 -23.46 -21.05 -37.35
C ASP D 436 -24.57 -20.10 -37.83
N ALA D 437 -24.39 -18.81 -37.58
CA ALA D 437 -25.38 -17.79 -37.96
C ALA D 437 -25.67 -17.79 -39.46
N LEU D 438 -24.65 -18.04 -40.28
CA LEU D 438 -24.81 -18.08 -41.73
C LEU D 438 -25.67 -19.28 -42.15
N LEU D 439 -26.65 -19.02 -43.01
CA LEU D 439 -27.59 -20.05 -43.45
C LEU D 439 -27.09 -20.73 -44.72
N ILE D 440 -26.19 -21.69 -44.54
CA ILE D 440 -25.49 -22.35 -45.65
C ILE D 440 -26.39 -23.24 -46.50
N GLU D 441 -27.33 -23.92 -45.85
CA GLU D 441 -28.26 -24.83 -46.53
C GLU D 441 -29.71 -24.54 -46.13
N PRO D 442 -30.67 -25.04 -46.93
CA PRO D 442 -32.09 -24.81 -46.60
C PRO D 442 -32.60 -25.57 -45.39
N LEU D 443 -33.70 -25.10 -44.82
CA LEU D 443 -34.36 -25.78 -43.72
C LEU D 443 -35.13 -26.98 -44.26
N ASP D 444 -35.27 -28.02 -43.43
CA ASP D 444 -35.93 -29.26 -43.86
C ASP D 444 -37.45 -29.11 -43.99
N LYS D 445 -38.01 -28.11 -43.32
CA LYS D 445 -39.45 -27.85 -43.38
C LYS D 445 -39.82 -27.21 -44.72
N TYR D 446 -39.17 -26.09 -45.03
CA TYR D 446 -39.38 -25.40 -46.30
C TYR D 446 -38.20 -25.68 -47.24
N PRO D 447 -38.39 -26.54 -48.24
CA PRO D 447 -37.35 -26.67 -49.26
C PRO D 447 -37.38 -25.53 -50.29
N LEU D 448 -36.53 -25.64 -51.31
CA LEU D 448 -36.48 -24.66 -52.39
C LEU D 448 -37.20 -25.21 -53.63
N ALA D 449 -38.50 -25.42 -53.51
CA ALA D 449 -39.31 -25.93 -54.63
C ALA D 449 -40.21 -24.82 -55.19
N PRO D 450 -40.83 -25.07 -56.36
CA PRO D 450 -41.88 -24.17 -56.83
C PRO D 450 -43.14 -24.37 -55.99
N GLY D 451 -43.76 -23.26 -55.57
CA GLY D 451 -44.97 -23.32 -54.74
C GLY D 451 -44.72 -23.33 -53.24
N VAL D 452 -43.51 -23.73 -52.83
CA VAL D 452 -43.13 -23.75 -51.41
C VAL D 452 -42.89 -22.32 -50.91
N PRO D 453 -43.69 -21.88 -49.92
CA PRO D 453 -43.62 -20.49 -49.48
C PRO D 453 -42.33 -20.20 -48.73
N LEU D 454 -42.01 -18.92 -48.56
CA LEU D 454 -40.84 -18.52 -47.79
C LEU D 454 -41.06 -18.83 -46.31
N PRO D 455 -39.99 -19.21 -45.60
CA PRO D 455 -40.09 -19.40 -44.16
C PRO D 455 -40.39 -18.09 -43.43
N SER D 456 -40.90 -18.20 -42.21
CA SER D 456 -41.23 -17.03 -41.40
C SER D 456 -39.96 -16.34 -40.88
N PRO D 457 -40.10 -15.12 -40.34
CA PRO D 457 -38.98 -14.52 -39.63
C PRO D 457 -38.54 -15.36 -38.43
N GLN D 458 -39.52 -15.99 -37.75
CA GLN D 458 -39.24 -16.81 -36.58
C GLN D 458 -38.50 -18.10 -36.95
N ASP D 459 -38.71 -18.55 -38.17
CA ASP D 459 -38.04 -19.75 -38.67
C ASP D 459 -36.56 -19.49 -38.97
N LEU D 460 -36.18 -18.20 -39.06
CA LEU D 460 -34.80 -17.80 -39.32
C LEU D 460 -34.26 -16.88 -38.22
N MET D 461 -34.70 -17.10 -36.98
CA MET D 461 -34.24 -16.28 -35.86
C MET D 461 -32.72 -16.39 -35.71
N GLY D 462 -32.05 -15.23 -35.66
CA GLY D 462 -30.62 -15.20 -35.45
C GLY D 462 -29.81 -15.85 -36.56
N ARG D 463 -30.33 -15.81 -37.78
CA ARG D 463 -29.64 -16.35 -38.95
C ARG D 463 -29.37 -15.22 -39.94
N ILE D 464 -28.36 -15.40 -40.78
CA ILE D 464 -28.00 -14.43 -41.81
C ILE D 464 -28.09 -15.09 -43.17
N LEU D 465 -28.70 -14.39 -44.13
CA LEU D 465 -28.91 -14.93 -45.46
C LEU D 465 -28.16 -14.09 -46.48
N VAL D 466 -27.43 -14.75 -47.37
CA VAL D 466 -26.69 -14.05 -48.40
C VAL D 466 -27.59 -13.82 -49.62
N LYS D 467 -27.28 -12.76 -50.36
CA LYS D 467 -28.10 -12.31 -51.48
C LYS D 467 -27.22 -12.00 -52.70
N ASN D 468 -26.80 -13.06 -53.38
CA ASN D 468 -25.94 -12.95 -54.56
C ASN D 468 -26.45 -13.88 -55.66
N LYS D 469 -26.02 -13.64 -56.90
CA LYS D 469 -26.41 -14.47 -58.05
C LYS D 469 -26.04 -15.94 -57.83
N LYS D 470 -26.77 -16.85 -58.47
CA LYS D 470 -26.60 -18.29 -58.27
C LYS D 470 -26.50 -19.02 -59.63
N ARG D 471 -27.38 -19.98 -59.90
CA ARG D 471 -27.42 -20.68 -61.19
C ARG D 471 -28.84 -21.15 -61.50
N THR D 576 -26.95 5.08 -66.05
CA THR D 576 -27.05 6.51 -65.71
C THR D 576 -27.71 6.70 -64.34
N ASP D 577 -28.84 6.02 -64.13
CA ASP D 577 -29.61 6.17 -62.89
C ASP D 577 -29.78 4.86 -62.08
N GLU D 578 -29.32 3.73 -62.61
CA GLU D 578 -29.35 2.46 -61.87
C GLU D 578 -28.03 2.20 -61.14
N GLY D 579 -27.01 2.98 -61.47
CA GLY D 579 -25.76 2.99 -60.71
C GLY D 579 -24.81 1.86 -61.03
N THR D 580 -24.07 1.42 -60.01
CA THR D 580 -23.13 0.31 -60.13
C THR D 580 -23.84 -1.05 -59.96
N ALA D 581 -25.15 -1.00 -59.67
CA ALA D 581 -25.98 -2.20 -59.53
C ALA D 581 -26.37 -2.80 -60.88
N SER D 582 -26.19 -2.03 -61.96
CA SER D 582 -26.48 -2.50 -63.31
C SER D 582 -25.48 -3.56 -63.80
N SER D 583 -24.20 -3.21 -63.82
CA SER D 583 -23.15 -4.11 -64.33
C SER D 583 -22.52 -4.94 -63.20
N GLU D 584 -23.33 -5.81 -62.59
CA GLU D 584 -22.86 -6.71 -61.54
C GLU D 584 -22.19 -7.93 -62.16
N VAL D 585 -21.08 -8.37 -61.57
CA VAL D 585 -20.31 -9.49 -62.13
C VAL D 585 -21.00 -10.85 -61.94
N ASN D 586 -20.62 -11.81 -62.78
CA ASN D 586 -21.18 -13.16 -62.72
C ASN D 586 -20.67 -13.93 -61.51
N ALA D 587 -21.59 -14.46 -60.73
CA ALA D 587 -21.24 -15.19 -59.51
C ALA D 587 -20.52 -16.49 -59.86
N THR D 588 -19.66 -16.95 -58.96
CA THR D 588 -18.92 -18.20 -59.14
C THR D 588 -19.46 -19.29 -58.23
N GLU D 589 -18.91 -20.49 -58.37
CA GLU D 589 -19.40 -21.70 -57.69
C GLU D 589 -19.21 -21.70 -56.17
N GLU D 590 -18.37 -20.80 -55.65
CA GLU D 590 -18.13 -20.70 -54.21
C GLU D 590 -19.21 -19.87 -53.51
N MET D 591 -19.43 -18.65 -54.02
CA MET D 591 -20.40 -17.72 -53.44
C MET D 591 -21.84 -18.18 -53.58
N SER D 592 -22.14 -18.87 -54.67
CA SER D 592 -23.52 -19.31 -54.94
C SER D 592 -24.05 -20.37 -53.96
N THR D 593 -23.15 -21.06 -53.24
CA THR D 593 -23.55 -22.07 -52.24
C THR D 593 -24.33 -21.49 -51.06
N LEU D 594 -23.90 -20.31 -50.62
CA LEU D 594 -24.51 -19.65 -49.47
C LEU D 594 -25.92 -19.11 -49.80
N VAL D 595 -26.16 -18.83 -51.09
CA VAL D 595 -27.46 -18.30 -51.55
C VAL D 595 -28.50 -19.41 -51.61
N ASN D 596 -29.74 -19.06 -51.30
CA ASN D 596 -30.82 -20.05 -51.23
C ASN D 596 -32.21 -19.43 -51.26
N TYR D 597 -32.63 -18.83 -50.14
CA TYR D 597 -34.00 -18.32 -50.00
C TYR D 597 -34.19 -16.90 -50.56
N ILE D 598 -33.10 -16.16 -50.74
CA ILE D 598 -33.17 -14.83 -51.35
C ILE D 598 -32.32 -14.81 -52.61
N GLU D 599 -32.92 -15.26 -53.71
CA GLU D 599 -32.21 -15.35 -54.99
C GLU D 599 -32.55 -14.17 -55.89
N PRO D 600 -31.59 -13.25 -56.11
CA PRO D 600 -31.84 -12.14 -57.02
C PRO D 600 -31.75 -12.57 -58.48
N VAL D 601 -32.81 -12.32 -59.24
CA VAL D 601 -32.83 -12.59 -60.68
C VAL D 601 -33.34 -11.36 -61.43
N LYS D 602 -33.05 -11.32 -62.72
CA LYS D 602 -33.48 -10.22 -63.56
C LYS D 602 -34.99 -10.33 -63.80
N PHE D 603 -35.68 -9.21 -63.66
CA PHE D 603 -37.14 -9.17 -63.78
C PHE D 603 -37.58 -9.02 -65.23
N LYS D 604 -38.56 -9.83 -65.64
CA LYS D 604 -39.10 -9.78 -67.00
C LYS D 604 -40.46 -9.08 -67.02
N SER D 605 -41.43 -9.67 -66.34
CA SER D 605 -42.80 -9.16 -66.27
C SER D 605 -43.55 -9.92 -65.18
N PHE D 606 -44.63 -9.34 -64.67
CA PHE D 606 -45.30 -9.90 -63.50
C PHE D 606 -45.91 -11.27 -63.75
N GLU D 607 -46.54 -11.45 -64.89
CA GLU D 607 -47.11 -12.76 -65.22
C GLU D 607 -46.00 -13.81 -65.27
N ALA D 608 -44.93 -13.50 -65.99
CA ALA D 608 -43.81 -14.45 -66.18
C ALA D 608 -43.21 -14.91 -64.85
N ALA D 609 -42.81 -13.96 -64.01
CA ALA D 609 -42.19 -14.26 -62.72
C ALA D 609 -43.18 -14.76 -61.66
N ARG D 610 -44.47 -14.54 -61.90
CA ARG D 610 -45.53 -14.94 -60.97
C ARG D 610 -46.09 -16.32 -61.33
N LYS D 611 -46.25 -16.60 -62.62
CA LYS D 611 -46.73 -17.91 -63.05
C LYS D 611 -45.62 -18.97 -63.01
N ARG D 612 -44.37 -18.53 -62.86
CA ARG D 612 -43.25 -19.45 -62.63
C ARG D 612 -43.39 -20.14 -61.26
N ASN D 613 -44.01 -19.44 -60.31
CA ASN D 613 -44.45 -20.01 -59.03
C ASN D 613 -43.33 -20.33 -58.04
N LYS D 614 -42.13 -19.79 -58.27
CA LYS D 614 -41.04 -19.91 -57.30
C LYS D 614 -41.10 -18.72 -56.36
N CYS D 615 -41.01 -18.99 -55.06
CA CYS D 615 -41.21 -17.97 -54.02
C CYS D 615 -39.90 -17.35 -53.55
N PHE D 616 -38.87 -18.20 -53.39
CA PHE D 616 -37.52 -17.77 -53.01
C PHE D 616 -36.91 -16.75 -53.98
N GLU D 617 -37.25 -16.88 -55.26
CA GLU D 617 -36.83 -15.92 -56.28
C GLU D 617 -37.35 -14.51 -55.93
N MET D 618 -36.53 -13.50 -56.24
CA MET D 618 -36.91 -12.11 -56.01
C MET D 618 -36.11 -11.20 -56.94
N SER D 619 -36.68 -10.05 -57.27
CA SER D 619 -36.01 -9.08 -58.14
C SER D 619 -35.92 -7.73 -57.46
N SER D 620 -34.80 -7.05 -57.67
CA SER D 620 -34.59 -5.70 -57.17
C SER D 620 -35.10 -4.68 -58.18
N PHE D 621 -35.56 -3.54 -57.68
CA PHE D 621 -36.06 -2.46 -58.52
C PHE D 621 -35.43 -1.14 -58.13
N VAL D 622 -34.92 -0.41 -59.12
CA VAL D 622 -34.48 0.96 -58.92
C VAL D 622 -35.72 1.84 -58.78
N GLU D 623 -35.58 2.95 -58.07
CA GLU D 623 -36.71 3.83 -57.76
C GLU D 623 -37.60 4.18 -58.97
N THR D 624 -36.97 4.58 -60.08
CA THR D 624 -37.71 5.04 -61.26
C THR D 624 -38.42 3.91 -62.01
N LYS D 625 -37.74 2.79 -62.19
CA LYS D 625 -38.35 1.62 -62.85
C LYS D 625 -39.46 1.03 -61.99
N ALA D 626 -39.26 1.04 -60.67
CA ALA D 626 -40.26 0.58 -59.72
C ALA D 626 -41.47 1.51 -59.72
N MET D 627 -41.22 2.80 -59.92
CA MET D 627 -42.29 3.82 -59.92
C MET D 627 -43.28 3.61 -61.06
N GLU D 628 -42.77 3.30 -62.24
CA GLU D 628 -43.62 3.07 -63.40
C GLU D 628 -44.54 1.86 -63.17
N GLN D 629 -43.97 0.79 -62.63
CA GLN D 629 -44.73 -0.41 -62.35
C GLN D 629 -45.86 -0.11 -61.37
N LEU D 630 -45.62 0.84 -60.46
CA LEU D 630 -46.67 1.28 -59.53
C LEU D 630 -47.84 1.91 -60.30
N THR D 631 -47.54 2.77 -61.26
CA THR D 631 -48.58 3.45 -62.02
C THR D 631 -49.21 2.57 -63.12
N LYS D 632 -48.37 1.78 -63.81
CA LYS D 632 -48.83 1.01 -64.97
C LYS D 632 -49.59 -0.27 -64.60
N SER D 633 -49.23 -0.87 -63.46
CA SER D 633 -49.81 -2.16 -63.07
C SER D 633 -49.68 -2.39 -61.56
N PRO D 634 -50.56 -1.75 -60.77
CA PRO D 634 -50.45 -1.74 -59.31
C PRO D 634 -50.97 -2.99 -58.61
N MET D 635 -52.15 -3.45 -59.02
CA MET D 635 -52.76 -4.64 -58.42
C MET D 635 -51.90 -5.86 -58.71
N GLU D 636 -51.28 -5.87 -59.89
CA GLU D 636 -50.32 -6.92 -60.28
C GLU D 636 -49.07 -6.93 -59.40
N PHE D 637 -48.69 -5.76 -58.88
CA PHE D 637 -47.56 -5.61 -57.98
C PHE D 637 -47.88 -6.25 -56.63
N VAL D 638 -49.01 -5.85 -56.06
CA VAL D 638 -49.45 -6.38 -54.78
C VAL D 638 -49.43 -7.90 -54.82
N GLU D 639 -50.08 -8.48 -55.83
CA GLU D 639 -50.20 -9.94 -55.95
C GLU D 639 -48.90 -10.69 -56.27
N TYR D 640 -47.85 -9.95 -56.64
CA TYR D 640 -46.52 -10.52 -56.72
C TYR D 640 -45.87 -10.51 -55.33
N ASN D 641 -46.05 -9.40 -54.61
CA ASN D 641 -45.46 -9.24 -53.27
C ASN D 641 -46.07 -10.16 -52.20
N LYS D 642 -47.29 -10.61 -52.43
CA LYS D 642 -47.92 -11.58 -51.53
C LYS D 642 -47.05 -12.82 -51.42
N GLN D 643 -46.63 -13.34 -52.58
CA GLN D 643 -45.86 -14.58 -52.65
C GLN D 643 -44.37 -14.33 -52.49
N GLN D 644 -43.82 -13.43 -53.30
CA GLN D 644 -42.38 -13.26 -53.46
C GLN D 644 -41.89 -11.94 -52.87
N LEU D 645 -40.57 -11.75 -52.86
CA LEU D 645 -39.95 -10.55 -52.31
C LEU D 645 -39.63 -9.52 -53.39
N SER D 646 -39.35 -8.29 -52.95
CA SER D 646 -39.01 -7.19 -53.86
C SER D 646 -38.23 -6.09 -53.13
N ARG D 647 -37.04 -5.76 -53.63
CA ARG D 647 -36.21 -4.70 -53.07
C ARG D 647 -36.34 -3.43 -53.89
N ILE D 648 -36.26 -2.28 -53.22
CA ILE D 648 -36.33 -0.99 -53.88
C ILE D 648 -35.25 -0.05 -53.39
N TYR D 649 -34.27 0.23 -54.25
CA TYR D 649 -33.18 1.13 -53.92
C TYR D 649 -33.35 2.47 -54.66
N PRO D 650 -32.83 3.57 -54.07
CA PRO D 650 -32.91 4.91 -54.66
C PRO D 650 -32.04 5.09 -55.90
N LYS D 651 -32.49 5.94 -56.82
CA LYS D 651 -31.80 6.16 -58.08
C LYS D 651 -30.44 6.86 -57.91
N GLY D 652 -29.65 6.84 -58.98
CA GLY D 652 -28.30 7.41 -58.98
C GLY D 652 -28.28 8.93 -59.13
N THR D 653 -29.43 9.52 -59.46
CA THR D 653 -29.58 10.97 -59.50
C THR D 653 -29.33 11.57 -58.13
N ARG D 654 -29.71 10.85 -57.08
CA ARG D 654 -29.59 11.33 -55.70
C ARG D 654 -28.14 11.24 -55.22
N VAL D 655 -27.31 12.16 -55.70
CA VAL D 655 -25.87 12.15 -55.41
C VAL D 655 -25.51 12.75 -54.04
N ASP D 656 -26.49 13.35 -53.36
CA ASP D 656 -26.29 13.86 -52.01
C ASP D 656 -27.05 13.02 -50.98
N SER D 657 -27.13 11.72 -51.24
CA SER D 657 -27.71 10.74 -50.31
C SER D 657 -29.14 11.09 -49.85
N SER D 658 -29.90 11.75 -50.73
CA SER D 658 -31.27 12.15 -50.42
C SER D 658 -32.20 10.94 -50.52
N ASN D 659 -33.34 11.02 -49.84
CA ASN D 659 -34.29 9.89 -49.78
C ASN D 659 -35.65 10.16 -50.41
N TYR D 660 -36.16 9.14 -51.09
CA TYR D 660 -37.52 9.15 -51.62
C TYR D 660 -38.49 8.71 -50.54
N MET D 661 -39.76 9.00 -50.73
CA MET D 661 -40.79 8.59 -49.79
C MET D 661 -41.06 7.08 -49.92
N PRO D 662 -40.74 6.30 -48.87
CA PRO D 662 -40.92 4.85 -48.95
C PRO D 662 -42.37 4.37 -48.84
N GLN D 663 -43.25 5.22 -48.33
CA GLN D 663 -44.68 4.91 -48.24
C GLN D 663 -45.24 4.57 -49.62
N LEU D 664 -44.73 5.24 -50.66
CA LEU D 664 -45.10 4.95 -52.05
C LEU D 664 -45.18 3.46 -52.31
N PHE D 665 -44.09 2.77 -51.98
CA PHE D 665 -43.90 1.40 -52.36
C PHE D 665 -44.40 0.41 -51.31
N TRP D 666 -44.49 0.86 -50.06
CA TRP D 666 -45.15 0.06 -49.03
C TRP D 666 -46.61 -0.15 -49.37
N ASN D 667 -47.23 0.84 -50.02
CA ASN D 667 -48.64 0.76 -50.42
C ASN D 667 -48.95 -0.44 -51.33
N VAL D 668 -47.97 -0.86 -52.13
CA VAL D 668 -48.14 -2.03 -53.02
C VAL D 668 -47.41 -3.28 -52.51
N GLY D 669 -46.97 -3.25 -51.25
CA GLY D 669 -46.52 -4.46 -50.54
C GLY D 669 -45.05 -4.79 -50.64
N CYS D 670 -44.22 -3.81 -51.01
CA CYS D 670 -42.77 -4.03 -51.11
C CYS D 670 -42.19 -4.16 -49.71
N GLN D 671 -41.30 -5.14 -49.53
CA GLN D 671 -40.79 -5.47 -48.21
C GLN D 671 -39.58 -4.61 -47.89
N LEU D 672 -38.55 -4.76 -48.71
CA LEU D 672 -37.27 -4.11 -48.52
C LEU D 672 -37.26 -2.77 -49.28
N VAL D 673 -37.84 -1.75 -48.66
CA VAL D 673 -37.81 -0.40 -49.23
C VAL D 673 -36.59 0.32 -48.68
N ALA D 674 -35.48 0.22 -49.41
CA ALA D 674 -34.18 0.69 -48.92
C ALA D 674 -34.07 2.21 -48.87
N LEU D 675 -33.21 2.69 -47.99
CA LEU D 675 -33.01 4.12 -47.79
C LEU D 675 -31.56 4.47 -47.43
N ASN D 676 -31.23 5.75 -47.53
CA ASN D 676 -29.92 6.25 -47.12
C ASN D 676 -29.96 6.63 -45.65
N PHE D 677 -29.38 5.79 -44.80
CA PHE D 677 -29.34 6.03 -43.36
C PHE D 677 -28.48 7.25 -43.00
N GLN D 678 -27.67 7.70 -43.97
CA GLN D 678 -26.80 8.85 -43.80
C GLN D 678 -27.61 10.11 -43.48
N THR D 679 -28.61 10.38 -44.32
CA THR D 679 -29.47 11.56 -44.15
C THR D 679 -30.74 11.23 -43.37
N LEU D 680 -31.21 12.19 -42.56
CA LEU D 680 -32.45 12.04 -41.80
C LEU D 680 -33.49 13.10 -42.23
N ASP D 681 -33.98 12.98 -43.46
CA ASP D 681 -35.03 13.86 -43.99
C ASP D 681 -36.41 13.26 -43.70
N VAL D 682 -37.47 13.92 -44.17
CA VAL D 682 -38.84 13.51 -43.85
C VAL D 682 -39.06 12.02 -44.05
N ALA D 683 -38.54 11.49 -45.15
CA ALA D 683 -38.67 10.08 -45.49
C ALA D 683 -38.05 9.18 -44.42
N MET D 684 -36.77 9.42 -44.14
CA MET D 684 -36.05 8.64 -43.14
C MET D 684 -36.59 8.88 -41.73
N GLN D 685 -37.08 10.09 -41.47
CA GLN D 685 -37.74 10.39 -40.20
C GLN D 685 -38.90 9.43 -39.95
N LEU D 686 -39.61 9.07 -41.01
CA LEU D 686 -40.75 8.16 -40.93
C LEU D 686 -40.29 6.71 -40.76
N ASN D 687 -39.42 6.25 -41.66
CA ASN D 687 -38.85 4.89 -41.59
C ASN D 687 -38.34 4.60 -40.18
N ALA D 688 -37.68 5.60 -39.59
CA ALA D 688 -37.18 5.50 -38.23
C ALA D 688 -38.31 5.22 -37.23
N GLY D 689 -39.33 6.07 -37.28
CA GLY D 689 -40.39 6.08 -36.27
C GLY D 689 -41.42 4.96 -36.37
N VAL D 690 -41.56 4.36 -37.55
CA VAL D 690 -42.54 3.30 -37.74
C VAL D 690 -42.00 1.93 -37.33
N PHE D 691 -40.69 1.73 -37.48
CA PHE D 691 -40.07 0.47 -37.09
C PHE D 691 -39.75 0.42 -35.60
N GLU D 692 -39.94 1.54 -34.90
CA GLU D 692 -39.91 1.58 -33.44
C GLU D 692 -40.89 0.58 -32.86
N TYR D 693 -42.01 0.40 -33.55
CA TYR D 693 -43.07 -0.48 -33.08
C TYR D 693 -42.74 -1.93 -33.39
N ASN D 694 -43.52 -2.83 -32.79
CA ASN D 694 -43.23 -4.26 -32.77
C ASN D 694 -41.88 -4.53 -32.11
N GLY D 695 -41.64 -3.84 -30.99
CA GLY D 695 -40.44 -4.02 -30.19
C GLY D 695 -39.13 -3.84 -30.93
N ARG D 696 -39.04 -2.79 -31.74
CA ARG D 696 -37.79 -2.40 -32.40
C ARG D 696 -37.22 -3.50 -33.30
N SER D 697 -38.07 -4.44 -33.71
CA SER D 697 -37.63 -5.66 -34.37
C SER D 697 -37.27 -5.45 -35.83
N GLY D 698 -37.84 -4.40 -36.45
CA GLY D 698 -37.62 -4.12 -37.87
C GLY D 698 -38.45 -5.00 -38.78
N TYR D 699 -39.47 -5.65 -38.22
CA TYR D 699 -40.37 -6.51 -38.99
C TYR D 699 -41.81 -6.19 -38.63
N LEU D 700 -42.49 -5.47 -39.54
CA LEU D 700 -43.88 -5.03 -39.34
C LEU D 700 -44.80 -5.80 -40.27
N LEU D 701 -45.79 -6.50 -39.69
CA LEU D 701 -46.64 -7.42 -40.44
C LEU D 701 -47.69 -6.67 -41.25
N LYS D 702 -47.74 -6.95 -42.56
CA LYS D 702 -48.62 -6.23 -43.48
C LYS D 702 -50.10 -6.34 -43.11
N PRO D 703 -50.94 -5.39 -43.58
CA PRO D 703 -52.37 -5.52 -43.34
C PRO D 703 -52.96 -6.69 -44.09
N GLU D 704 -53.98 -7.31 -43.49
CA GLU D 704 -54.57 -8.57 -43.98
C GLU D 704 -54.56 -8.72 -45.51
N PHE D 705 -55.22 -7.80 -46.19
CA PHE D 705 -55.52 -7.94 -47.63
C PHE D 705 -54.29 -7.83 -48.54
N MET D 706 -53.24 -7.16 -48.06
CA MET D 706 -52.01 -6.99 -48.86
C MET D 706 -51.13 -8.24 -48.86
N ARG D 707 -51.50 -9.24 -48.06
CA ARG D 707 -50.77 -10.50 -47.98
C ARG D 707 -51.69 -11.73 -48.02
N ARG D 708 -52.92 -11.55 -48.47
CA ARG D 708 -53.84 -12.69 -48.58
C ARG D 708 -54.06 -13.04 -50.04
N PRO D 709 -53.97 -14.33 -50.37
CA PRO D 709 -54.09 -14.79 -51.77
C PRO D 709 -55.47 -14.58 -52.39
N ASP D 710 -56.53 -14.89 -51.65
CA ASP D 710 -57.90 -14.79 -52.17
C ASP D 710 -58.39 -13.35 -52.34
N LYS D 711 -58.00 -12.48 -51.41
CA LYS D 711 -58.38 -11.07 -51.47
C LYS D 711 -57.52 -10.32 -52.47
N SER D 712 -58.07 -9.24 -53.01
CA SER D 712 -57.32 -8.36 -53.90
C SER D 712 -58.00 -7.00 -53.94
N PHE D 713 -57.23 -5.95 -53.64
CA PHE D 713 -57.76 -4.60 -53.61
C PHE D 713 -56.84 -3.65 -54.38
N ASP D 714 -57.43 -2.53 -54.82
CA ASP D 714 -56.72 -1.50 -55.56
C ASP D 714 -56.14 -0.47 -54.56
N PRO D 715 -54.81 -0.30 -54.55
CA PRO D 715 -54.18 0.72 -53.70
C PRO D 715 -54.68 2.16 -53.91
N PHE D 716 -55.32 2.42 -55.04
CA PHE D 716 -55.76 3.76 -55.39
C PHE D 716 -57.24 4.04 -55.10
N THR D 717 -57.98 3.04 -54.62
CA THR D 717 -59.42 3.20 -54.40
C THR D 717 -59.72 4.48 -53.65
N GLU D 718 -60.68 5.23 -54.18
CA GLU D 718 -61.09 6.49 -53.57
C GLU D 718 -62.33 6.29 -52.68
N VAL D 719 -62.78 5.04 -52.56
CA VAL D 719 -63.92 4.71 -51.70
C VAL D 719 -63.57 3.54 -50.79
N ILE D 720 -64.27 3.43 -49.66
CA ILE D 720 -64.10 2.34 -48.70
C ILE D 720 -64.07 0.98 -49.38
N VAL D 721 -63.23 0.08 -48.85
CA VAL D 721 -63.14 -1.27 -49.39
C VAL D 721 -64.05 -2.19 -48.58
N ASP D 722 -64.60 -3.21 -49.23
CA ASP D 722 -65.40 -4.24 -48.55
C ASP D 722 -64.50 -5.05 -47.63
N GLY D 723 -64.97 -5.32 -46.41
CA GLY D 723 -64.20 -6.11 -45.45
C GLY D 723 -63.32 -5.26 -44.55
N ILE D 724 -62.62 -4.29 -45.13
CA ILE D 724 -61.69 -3.43 -44.38
C ILE D 724 -62.44 -2.38 -43.55
N VAL D 725 -62.26 -2.45 -42.22
CA VAL D 725 -62.91 -1.53 -41.29
C VAL D 725 -62.18 -0.18 -41.29
N ALA D 726 -62.70 0.75 -42.10
CA ALA D 726 -62.11 2.09 -42.23
C ALA D 726 -62.41 2.94 -41.00
N ASN D 727 -61.51 3.87 -40.68
CA ASN D 727 -61.62 4.71 -39.49
C ASN D 727 -61.73 6.18 -39.84
N ALA D 728 -62.07 7.00 -38.84
CA ALA D 728 -62.15 8.45 -38.98
C ALA D 728 -61.46 9.14 -37.81
N LEU D 729 -60.56 10.07 -38.11
CA LEU D 729 -59.68 10.65 -37.10
C LEU D 729 -59.79 12.18 -37.08
N ARG D 730 -59.82 12.74 -35.87
CA ARG D 730 -59.79 14.18 -35.66
C ARG D 730 -58.66 14.51 -34.69
N VAL D 731 -57.83 15.48 -35.04
CA VAL D 731 -56.72 15.91 -34.18
C VAL D 731 -56.79 17.41 -33.91
N LYS D 732 -57.00 17.77 -32.65
CA LYS D 732 -56.99 19.17 -32.24
C LYS D 732 -55.76 19.43 -31.39
N VAL D 733 -54.91 20.35 -31.84
CA VAL D 733 -53.75 20.74 -31.07
C VAL D 733 -54.21 21.75 -30.02
N ILE D 734 -53.88 21.48 -28.76
CA ILE D 734 -54.34 22.30 -27.63
C ILE D 734 -53.27 23.28 -27.13
N SER D 735 -52.12 22.74 -26.70
CA SER D 735 -51.04 23.58 -26.17
C SER D 735 -49.70 22.83 -26.16
N GLY D 736 -48.66 23.51 -25.69
CA GLY D 736 -47.32 22.93 -25.56
C GLY D 736 -46.56 23.48 -24.37
N GLN D 737 -45.50 22.77 -23.98
CA GLN D 737 -44.65 23.20 -22.86
C GLN D 737 -43.16 22.98 -23.17
N PHE D 738 -42.35 23.97 -22.80
CA PHE D 738 -40.89 23.86 -22.80
C PHE D 738 -40.31 23.51 -24.17
N LEU D 739 -40.73 24.26 -25.19
CA LEU D 739 -40.40 23.92 -26.57
C LEU D 739 -39.13 24.56 -27.11
N SER D 740 -38.41 25.33 -26.28
CA SER D 740 -37.21 26.02 -26.75
C SER D 740 -36.29 26.54 -25.63
N ASP D 741 -35.01 26.72 -25.99
CA ASP D 741 -34.00 27.35 -25.14
C ASP D 741 -33.95 28.86 -25.37
N ARG D 742 -35.06 29.43 -25.83
CA ARG D 742 -35.11 30.84 -26.22
C ARG D 742 -36.53 31.26 -26.59
N LYS D 743 -36.87 32.51 -26.28
CA LYS D 743 -38.16 33.07 -26.67
C LYS D 743 -38.24 33.15 -28.18
N VAL D 744 -39.19 32.41 -28.75
CA VAL D 744 -39.41 32.39 -30.20
C VAL D 744 -40.76 31.72 -30.47
N GLY D 745 -41.38 32.09 -31.58
CA GLY D 745 -42.66 31.49 -31.97
C GLY D 745 -42.51 30.04 -32.40
N ILE D 746 -43.52 29.22 -32.12
CA ILE D 746 -43.56 27.83 -32.56
C ILE D 746 -44.83 27.59 -33.37
N TYR D 747 -44.73 26.72 -34.38
CA TYR D 747 -45.92 26.23 -35.07
C TYR D 747 -45.86 24.71 -35.24
N VAL D 748 -47.04 24.08 -35.28
CA VAL D 748 -47.16 22.63 -35.32
C VAL D 748 -47.74 22.16 -36.66
N GLU D 749 -47.18 21.08 -37.20
CA GLU D 749 -47.72 20.41 -38.38
C GLU D 749 -48.36 19.09 -37.98
N VAL D 750 -49.42 18.70 -38.70
CA VAL D 750 -50.08 17.41 -38.50
C VAL D 750 -50.33 16.78 -39.86
N ASP D 751 -49.65 15.66 -40.13
CA ASP D 751 -49.70 15.01 -41.43
C ASP D 751 -50.05 13.52 -41.28
N MET D 752 -50.66 12.95 -42.32
CA MET D 752 -50.95 11.52 -42.36
C MET D 752 -50.31 10.89 -43.60
N PHE D 753 -49.63 9.75 -43.38
CA PHE D 753 -49.04 8.97 -44.46
C PHE D 753 -49.68 7.59 -44.51
N GLY D 754 -50.32 7.28 -45.63
CA GLY D 754 -50.92 5.95 -45.83
C GLY D 754 -51.05 5.67 -47.32
N LEU D 755 -52.17 5.11 -47.72
CA LEU D 755 -52.51 5.02 -49.14
C LEU D 755 -52.71 6.45 -49.67
N PRO D 756 -52.54 6.65 -51.00
CA PRO D 756 -52.75 7.99 -51.55
C PRO D 756 -54.10 8.59 -51.15
N VAL D 757 -55.15 7.78 -51.23
CA VAL D 757 -56.49 8.18 -50.79
C VAL D 757 -56.53 8.74 -49.36
N ASP D 758 -55.72 8.17 -48.48
CA ASP D 758 -55.63 8.63 -47.08
C ASP D 758 -54.65 9.80 -46.90
N THR D 759 -53.58 9.82 -47.68
CA THR D 759 -52.47 10.73 -47.45
C THR D 759 -52.82 12.21 -47.58
N ARG D 760 -52.74 12.92 -46.46
CA ARG D 760 -52.77 14.37 -46.43
C ARG D 760 -51.60 14.84 -45.59
N ARG D 761 -50.96 15.92 -46.02
CA ARG D 761 -49.84 16.49 -45.27
C ARG D 761 -49.88 18.02 -45.35
N LYS D 762 -51.09 18.56 -45.29
CA LYS D 762 -51.31 19.99 -45.49
C LYS D 762 -51.51 20.77 -44.19
N TYR D 763 -52.11 20.12 -43.18
CA TYR D 763 -52.54 20.82 -41.97
C TYR D 763 -51.37 21.44 -41.20
N ARG D 764 -51.61 22.63 -40.63
CA ARG D 764 -50.60 23.37 -39.89
C ARG D 764 -51.25 24.42 -39.00
N THR D 765 -50.78 24.52 -37.76
CA THR D 765 -51.27 25.53 -36.83
C THR D 765 -50.67 26.88 -37.17
N ARG D 766 -51.13 27.93 -36.49
CA ARG D 766 -50.53 29.25 -36.60
C ARG D 766 -49.23 29.28 -35.81
N THR D 767 -48.39 30.27 -36.13
CA THR D 767 -47.22 30.55 -35.29
C THR D 767 -47.75 31.03 -33.95
N SER D 768 -47.11 30.57 -32.86
CA SER D 768 -47.60 30.89 -31.52
C SER D 768 -47.48 32.38 -31.21
N GLN D 769 -48.25 32.84 -30.23
CA GLN D 769 -48.25 34.25 -29.79
C GLN D 769 -46.83 34.84 -29.75
N GLY D 770 -45.88 34.01 -29.34
CA GLY D 770 -44.49 34.42 -29.13
C GLY D 770 -43.85 33.55 -28.07
N ASN D 771 -44.64 33.11 -27.08
CA ASN D 771 -44.17 32.29 -25.96
C ASN D 771 -43.79 30.87 -26.35
N SER D 772 -42.52 30.54 -26.18
CA SER D 772 -42.02 29.17 -26.35
C SER D 772 -41.96 28.44 -25.01
N PHE D 773 -42.66 28.98 -24.01
CA PHE D 773 -42.64 28.41 -22.67
C PHE D 773 -43.89 27.60 -22.43
N ASN D 774 -45.04 28.22 -22.65
CA ASN D 774 -46.33 27.59 -22.39
C ASN D 774 -47.42 28.10 -23.34
N PRO D 775 -47.18 28.02 -24.66
CA PRO D 775 -48.15 28.55 -25.62
C PRO D 775 -49.40 27.68 -25.70
N VAL D 776 -50.54 28.32 -25.96
CA VAL D 776 -51.82 27.63 -26.12
C VAL D 776 -52.42 27.99 -27.48
N TRP D 777 -52.81 26.96 -28.24
CA TRP D 777 -53.49 27.14 -29.53
C TRP D 777 -54.94 26.76 -29.44
N ASP D 778 -55.83 27.72 -29.64
CA ASP D 778 -57.24 27.43 -29.83
C ASP D 778 -57.48 27.41 -31.34
N GLU D 779 -57.52 26.21 -31.90
CA GLU D 779 -57.68 26.07 -33.34
C GLU D 779 -58.62 24.95 -33.73
N GLU D 780 -59.30 25.13 -34.86
CA GLU D 780 -60.19 24.12 -35.41
C GLU D 780 -59.46 22.78 -35.50
N PRO D 781 -60.16 21.69 -35.15
CA PRO D 781 -59.52 20.38 -35.25
C PRO D 781 -59.16 20.01 -36.69
N PHE D 782 -58.04 19.32 -36.86
CA PHE D 782 -57.60 18.86 -38.17
C PHE D 782 -58.24 17.51 -38.48
N ASP D 783 -59.20 17.51 -39.39
CA ASP D 783 -60.05 16.35 -39.64
C ASP D 783 -59.50 15.42 -40.70
N PHE D 784 -59.52 14.13 -40.41
CA PHE D 784 -59.26 13.08 -41.37
C PHE D 784 -60.50 12.19 -41.39
N PRO D 785 -61.53 12.63 -42.13
CA PRO D 785 -62.88 12.07 -41.99
C PRO D 785 -62.99 10.66 -42.53
N LYS D 786 -62.09 10.33 -43.47
CA LYS D 786 -62.14 9.06 -44.17
C LYS D 786 -60.72 8.52 -44.30
N VAL D 787 -60.41 7.52 -43.48
CA VAL D 787 -59.18 6.77 -43.62
C VAL D 787 -59.55 5.36 -44.04
N VAL D 788 -59.37 5.07 -45.33
CA VAL D 788 -59.81 3.81 -45.92
C VAL D 788 -59.09 2.61 -45.34
N LEU D 789 -57.75 2.67 -45.34
CA LEU D 789 -56.93 1.60 -44.77
C LEU D 789 -56.11 2.14 -43.59
N PRO D 790 -56.62 1.96 -42.35
CA PRO D 790 -55.98 2.50 -41.16
C PRO D 790 -54.76 1.70 -40.70
N THR D 791 -54.82 0.39 -40.87
CA THR D 791 -53.73 -0.52 -40.52
C THR D 791 -52.39 -0.15 -41.19
N LEU D 792 -52.45 0.47 -42.37
CA LEU D 792 -51.26 0.92 -43.09
C LEU D 792 -50.87 2.38 -42.79
N ALA D 793 -51.87 3.21 -42.52
CA ALA D 793 -51.69 4.66 -42.37
C ALA D 793 -51.02 5.05 -41.04
N SER D 794 -50.39 6.21 -41.04
CA SER D 794 -49.64 6.71 -39.87
C SER D 794 -49.76 8.22 -39.70
N LEU D 795 -50.20 8.65 -38.51
CA LEU D 795 -50.24 10.07 -38.16
C LEU D 795 -48.83 10.59 -37.87
N ARG D 796 -48.66 11.91 -37.97
CA ARG D 796 -47.34 12.50 -37.74
C ARG D 796 -47.43 13.95 -37.27
N ILE D 797 -47.29 14.16 -35.96
CA ILE D 797 -47.21 15.50 -35.37
C ILE D 797 -45.75 15.95 -35.38
N ALA D 798 -45.52 17.21 -35.74
CA ALA D 798 -44.17 17.77 -35.77
C ALA D 798 -44.20 19.26 -35.43
N ALA D 799 -43.30 19.67 -34.54
CA ALA D 799 -43.24 21.07 -34.08
C ALA D 799 -42.02 21.78 -34.66
N PHE D 800 -42.23 23.03 -35.10
CA PHE D 800 -41.18 23.84 -35.71
C PHE D 800 -41.18 25.24 -35.11
N GLU D 801 -40.02 25.90 -35.13
CA GLU D 801 -39.93 27.32 -34.77
C GLU D 801 -40.31 28.16 -35.99
N GLU D 802 -40.29 29.48 -35.82
CA GLU D 802 -40.45 30.40 -36.94
C GLU D 802 -39.26 30.25 -37.87
N GLY D 803 -39.53 30.33 -39.17
CA GLY D 803 -38.47 30.18 -40.16
C GLY D 803 -37.93 28.76 -40.23
N GLY D 804 -38.80 27.77 -39.99
CA GLY D 804 -38.50 26.37 -40.31
C GLY D 804 -37.50 25.60 -39.44
N LYS D 805 -37.01 26.20 -38.36
CA LYS D 805 -36.07 25.50 -37.47
C LYS D 805 -36.76 24.37 -36.73
N PHE D 806 -36.23 23.17 -36.88
CA PHE D 806 -36.84 21.97 -36.32
C PHE D 806 -36.74 21.98 -34.79
N VAL D 807 -37.76 21.43 -34.13
CA VAL D 807 -37.80 21.31 -32.67
C VAL D 807 -37.95 19.85 -32.22
N GLY D 808 -38.98 19.18 -32.70
CA GLY D 808 -39.23 17.78 -32.34
C GLY D 808 -40.51 17.22 -32.92
N HIS D 809 -40.42 16.00 -33.48
CA HIS D 809 -41.57 15.35 -34.11
C HIS D 809 -41.89 14.04 -33.45
N ARG D 810 -43.01 13.44 -33.84
CA ARG D 810 -43.44 12.14 -33.33
C ARG D 810 -44.26 11.43 -34.41
N ILE D 811 -43.95 10.16 -34.66
CA ILE D 811 -44.75 9.34 -35.57
C ILE D 811 -45.63 8.40 -34.76
N LEU D 812 -46.94 8.45 -35.03
CA LEU D 812 -47.93 7.62 -34.36
C LEU D 812 -48.73 6.82 -35.39
N PRO D 813 -48.97 5.51 -35.12
CA PRO D 813 -49.80 4.70 -36.01
C PRO D 813 -51.29 4.97 -35.81
N VAL D 814 -52.02 5.10 -36.92
CA VAL D 814 -53.45 5.44 -36.89
C VAL D 814 -54.26 4.33 -36.23
N SER D 815 -53.75 3.11 -36.32
CA SER D 815 -54.46 1.95 -35.79
C SER D 815 -54.61 2.01 -34.27
N ALA D 816 -53.52 2.29 -33.58
CA ALA D 816 -53.45 2.13 -32.12
C ALA D 816 -53.74 3.40 -31.32
N ILE D 817 -53.56 4.57 -31.95
CA ILE D 817 -53.71 5.87 -31.26
C ILE D 817 -55.02 5.98 -30.47
N ARG D 818 -54.89 6.27 -29.18
CA ARG D 818 -56.05 6.40 -28.29
C ARG D 818 -56.76 7.73 -28.51
N SER D 819 -58.03 7.77 -28.12
CA SER D 819 -58.83 9.00 -28.19
C SER D 819 -58.81 9.70 -26.84
N GLY D 820 -58.86 11.03 -26.85
CA GLY D 820 -58.92 11.82 -25.63
C GLY D 820 -57.76 12.78 -25.44
N TYR D 821 -57.75 13.46 -24.29
CA TYR D 821 -56.71 14.43 -23.96
C TYR D 821 -55.43 13.73 -23.54
N HIS D 822 -54.36 13.92 -24.31
CA HIS D 822 -53.07 13.27 -24.04
C HIS D 822 -51.92 14.19 -24.30
N TYR D 823 -50.81 13.92 -23.63
CA TYR D 823 -49.55 14.57 -23.96
C TYR D 823 -48.84 13.73 -25.00
N VAL D 824 -48.02 14.37 -25.82
CA VAL D 824 -47.26 13.70 -26.89
C VAL D 824 -45.76 14.05 -26.75
N CYS D 825 -45.00 13.18 -26.10
CA CYS D 825 -43.58 13.43 -25.83
C CYS D 825 -42.75 13.44 -27.11
N LEU D 826 -42.24 14.61 -27.48
CA LEU D 826 -41.57 14.79 -28.77
C LEU D 826 -40.20 14.13 -28.82
N ARG D 827 -39.72 13.90 -30.04
CA ARG D 827 -38.44 13.24 -30.28
C ARG D 827 -37.60 14.08 -31.25
N ASN D 828 -36.28 13.83 -31.27
CA ASN D 828 -35.40 14.38 -32.28
C ASN D 828 -35.60 13.65 -33.61
N GLU D 829 -34.78 13.96 -34.61
CA GLU D 829 -34.96 13.39 -35.96
C GLU D 829 -34.76 11.88 -36.01
N ALA D 830 -33.84 11.37 -35.18
CA ALA D 830 -33.58 9.93 -35.08
C ALA D 830 -34.41 9.30 -33.97
N ASN D 831 -35.67 9.71 -33.84
CA ASN D 831 -36.63 9.19 -32.85
C ASN D 831 -36.05 8.87 -31.45
N GLN D 832 -35.11 9.68 -30.98
CA GLN D 832 -34.61 9.60 -29.60
C GLN D 832 -35.43 10.57 -28.75
N PRO D 833 -35.78 10.16 -27.52
CA PRO D 833 -36.68 10.96 -26.69
C PRO D 833 -36.09 12.29 -26.23
N LEU D 834 -36.70 13.40 -26.63
CA LEU D 834 -36.33 14.72 -26.11
C LEU D 834 -36.96 14.93 -24.74
N CYS D 835 -36.21 15.55 -23.84
CA CYS D 835 -36.59 15.62 -22.43
C CYS D 835 -37.75 16.59 -22.16
N LEU D 836 -37.51 17.88 -22.35
CA LEU D 836 -38.47 18.93 -21.97
C LEU D 836 -39.67 19.09 -22.92
N PRO D 837 -39.41 19.25 -24.24
CA PRO D 837 -40.52 19.56 -25.16
C PRO D 837 -41.62 18.50 -25.24
N ALA D 838 -42.87 18.95 -25.22
CA ALA D 838 -44.03 18.07 -25.34
C ALA D 838 -45.30 18.88 -25.62
N LEU D 839 -46.15 18.34 -26.47
CA LEU D 839 -47.43 18.97 -26.82
C LEU D 839 -48.58 18.33 -26.06
N LEU D 840 -49.66 19.10 -25.90
CA LEU D 840 -50.92 18.58 -25.41
C LEU D 840 -51.90 18.57 -26.58
N ILE D 841 -52.46 17.40 -26.89
CA ILE D 841 -53.38 17.25 -28.02
C ILE D 841 -54.61 16.41 -27.66
N TYR D 842 -55.69 16.66 -28.39
CA TYR D 842 -56.94 15.94 -28.23
C TYR D 842 -57.19 15.14 -29.50
N THR D 843 -57.67 13.91 -29.32
CA THR D 843 -57.83 12.98 -30.44
C THR D 843 -59.19 12.27 -30.42
N GLU D 844 -59.67 11.92 -31.61
CA GLU D 844 -60.93 11.20 -31.79
C GLU D 844 -60.82 10.20 -32.94
N ALA D 845 -60.28 9.03 -32.64
CA ALA D 845 -60.23 7.93 -33.59
C ALA D 845 -61.48 7.09 -33.44
N SER D 846 -62.31 7.03 -34.49
CA SER D 846 -63.56 6.27 -34.46
C SER D 846 -63.80 5.47 -35.74
N ASP D 847 -64.67 4.47 -35.64
CA ASP D 847 -65.02 3.62 -36.77
C ASP D 847 -65.86 4.40 -37.77
N TYR D 848 -65.48 4.35 -39.05
CA TYR D 848 -66.12 5.17 -40.08
C TYR D 848 -67.52 4.70 -40.41
N ILE D 849 -68.49 5.59 -40.21
CA ILE D 849 -69.85 5.42 -40.69
C ILE D 849 -70.04 6.44 -41.83
N PRO D 850 -70.48 5.97 -43.01
CA PRO D 850 -70.82 6.92 -44.10
C PRO D 850 -71.91 7.91 -43.72
N ASP D 851 -71.90 9.08 -44.35
CA ASP D 851 -72.89 10.14 -44.05
C ASP D 851 -74.33 9.69 -44.30
N ASP D 852 -74.52 8.87 -45.33
CA ASP D 852 -75.86 8.39 -45.70
C ASP D 852 -76.42 7.33 -44.77
N HIS D 853 -75.55 6.61 -44.07
CA HIS D 853 -75.96 5.46 -43.27
C HIS D 853 -75.79 5.70 -41.80
N GLN D 854 -75.98 6.94 -41.35
CA GLN D 854 -75.82 7.28 -39.95
C GLN D 854 -76.90 6.60 -39.12
N ASP D 855 -78.15 6.91 -39.44
CA ASP D 855 -79.29 6.36 -38.70
C ASP D 855 -79.34 4.83 -38.78
N TYR D 856 -78.92 4.26 -39.92
CA TYR D 856 -78.85 2.81 -40.08
C TYR D 856 -77.86 2.22 -39.07
N ALA D 857 -76.68 2.83 -38.98
CA ALA D 857 -75.64 2.37 -38.06
C ALA D 857 -76.07 2.52 -36.60
N GLU D 858 -76.93 3.50 -36.34
CA GLU D 858 -77.43 3.75 -34.99
C GLU D 858 -78.32 2.60 -34.49
N ALA D 859 -79.27 2.20 -35.33
CA ALA D 859 -80.20 1.12 -34.99
C ALA D 859 -79.45 -0.10 -34.50
N LEU D 860 -78.42 -0.50 -35.23
CA LEU D 860 -77.62 -1.69 -34.90
C LEU D 860 -77.02 -1.60 -33.50
N ILE D 861 -76.54 -0.41 -33.12
CA ILE D 861 -75.87 -0.22 -31.83
C ILE D 861 -76.84 -0.34 -30.64
N ASN D 862 -78.12 -0.06 -30.87
CA ASN D 862 -79.13 -0.21 -29.82
C ASN D 862 -80.53 -0.45 -30.40
N PRO D 863 -80.79 -1.68 -30.84
CA PRO D 863 -82.08 -2.02 -31.44
C PRO D 863 -83.26 -2.12 -30.47
N ILE D 864 -82.99 -2.15 -29.16
CA ILE D 864 -84.06 -2.16 -28.16
C ILE D 864 -84.71 -0.80 -28.03
N LYS D 865 -83.88 0.25 -28.03
CA LYS D 865 -84.39 1.61 -28.02
C LYS D 865 -85.02 1.94 -29.35
N HIS D 866 -84.33 1.59 -30.44
CA HIS D 866 -84.80 1.86 -31.79
C HIS D 866 -86.19 1.32 -32.06
N VAL D 867 -86.51 0.16 -31.48
CA VAL D 867 -87.82 -0.48 -31.67
C VAL D 867 -88.85 -0.06 -30.62
N SER D 868 -88.40 0.16 -29.39
CA SER D 868 -89.29 0.68 -28.33
C SER D 868 -90.09 1.88 -28.86
N LEU D 869 -89.40 2.74 -29.62
CA LEU D 869 -89.99 3.92 -30.25
C LEU D 869 -91.38 3.59 -30.83
N MET D 870 -91.42 2.70 -31.81
CA MET D 870 -92.68 2.32 -32.46
C MET D 870 -93.45 1.32 -31.61
N ASP D 871 -92.76 0.31 -31.11
CA ASP D 871 -93.42 -0.82 -30.48
C ASP D 871 -94.41 -0.33 -29.43
N GLN D 872 -94.08 0.77 -28.77
CA GLN D 872 -95.01 1.44 -27.88
C GLN D 872 -96.32 1.73 -28.61
N ARG D 873 -96.24 2.44 -29.73
CA ARG D 873 -97.39 2.81 -30.54
C ARG D 873 -98.22 1.61 -31.03
N ALA D 874 -97.57 0.46 -31.20
CA ALA D 874 -98.25 -0.77 -31.58
C ALA D 874 -99.20 -1.24 -30.47
N ARG D 875 -98.78 -1.06 -29.23
CA ARG D 875 -99.61 -1.41 -28.08
C ARG D 875 -100.65 -0.34 -27.75
N GLN D 876 -100.45 0.88 -28.23
CA GLN D 876 -101.45 1.95 -28.08
C GLN D 876 -102.65 1.69 -29.00
N LEU D 877 -102.37 1.10 -30.16
CA LEU D 877 -103.42 0.66 -31.09
C LEU D 877 -104.11 -0.61 -30.61
N ALA D 878 -103.45 -1.35 -29.72
CA ALA D 878 -103.96 -2.64 -29.22
C ALA D 878 -105.48 -2.69 -29.07
N ALA D 879 -106.05 -1.76 -28.32
CA ALA D 879 -107.49 -1.76 -28.00
C ALA D 879 -108.35 -1.28 -29.17
N LEU D 880 -108.02 -1.71 -30.38
CA LEU D 880 -108.66 -1.23 -31.61
C LEU D 880 -108.70 -2.31 -32.71
N ILE D 881 -107.61 -3.08 -32.87
CA ILE D 881 -107.55 -4.12 -33.90
C ILE D 881 -108.19 -5.44 -33.46
N GLY D 882 -107.62 -6.07 -32.43
CA GLY D 882 -108.06 -7.39 -31.98
C GLY D 882 -109.27 -7.33 -31.07
N SER E 1 39.15 23.02 71.86
CA SER E 1 39.08 21.53 71.88
C SER E 1 40.43 20.86 71.55
N PRO E 2 41.15 21.36 70.52
CA PRO E 2 42.43 20.74 70.12
C PRO E 2 43.51 20.62 71.21
N GLY E 3 43.58 21.61 72.11
CA GLY E 3 44.64 21.65 73.12
C GLY E 3 44.43 20.80 74.36
N GLN E 4 43.38 19.99 74.38
CA GLN E 4 43.08 19.11 75.51
C GLN E 4 43.11 17.62 75.16
N ARG E 5 43.37 17.28 73.89
CA ARG E 5 43.53 15.89 73.48
C ARG E 5 44.92 15.35 73.77
N ASP E 6 45.93 16.20 73.61
CA ASP E 6 47.34 15.77 73.61
C ASP E 6 47.89 15.45 75.01
N ASP E 7 47.21 15.91 76.06
CA ASP E 7 47.64 15.65 77.44
C ASP E 7 47.11 14.31 77.93
N LEU E 8 45.83 14.03 77.63
CA LEU E 8 45.14 12.82 78.09
C LEU E 8 45.57 11.56 77.30
N ILE E 9 45.99 11.74 76.04
CA ILE E 9 46.47 10.63 75.21
C ILE E 9 47.97 10.37 75.39
N ALA E 10 48.72 11.40 75.78
CA ALA E 10 50.17 11.29 76.03
C ALA E 10 50.48 10.46 77.29
N SER E 11 49.69 10.67 78.34
CA SER E 11 49.85 9.95 79.59
C SER E 11 49.28 8.53 79.49
N ILE E 12 48.13 8.38 78.82
CA ILE E 12 47.47 7.08 78.64
C ILE E 12 48.41 6.03 77.99
N LEU E 13 49.25 6.48 77.06
CA LEU E 13 50.28 5.63 76.47
C LEU E 13 51.54 5.61 77.34
N SER E 14 51.90 4.44 77.84
CA SER E 14 53.09 4.26 78.70
C SER E 14 54.39 4.24 77.89
N GLU E 15 55.52 4.31 78.61
CA GLU E 15 56.86 4.30 77.99
C GLU E 15 57.23 2.89 77.50
N VAL E 16 57.81 2.81 76.31
CA VAL E 16 58.27 1.52 75.75
C VAL E 16 59.54 1.06 76.49
N ALA E 17 59.69 -0.24 76.66
CA ALA E 17 60.85 -0.81 77.36
C ALA E 17 61.42 -2.00 76.59
N PRO E 18 61.92 -1.76 75.35
CA PRO E 18 62.49 -2.84 74.54
C PRO E 18 63.73 -3.45 75.19
N THR E 19 63.52 -4.55 75.90
CA THR E 19 64.52 -5.16 76.77
C THR E 19 65.91 -5.23 76.11
N PRO E 20 66.93 -4.57 76.72
CA PRO E 20 68.28 -4.53 76.13
C PRO E 20 69.09 -5.84 76.21
N LEU E 21 70.32 -5.77 75.71
CA LEU E 21 71.23 -6.91 75.60
C LEU E 21 71.31 -7.78 76.85
N ASP E 22 71.76 -7.19 77.96
CA ASP E 22 72.13 -7.95 79.16
C ASP E 22 70.94 -8.41 80.02
N GLU E 23 69.71 -8.14 79.55
CA GLU E 23 68.50 -8.68 80.20
C GLU E 23 68.32 -10.15 79.85
N LEU E 24 68.60 -10.49 78.60
CA LEU E 24 68.46 -11.86 78.09
C LEU E 24 69.76 -12.67 78.24
N ARG E 25 70.73 -12.12 78.98
CA ARG E 25 72.02 -12.76 79.23
C ARG E 25 71.88 -14.03 80.07
N GLY E 26 70.81 -14.10 80.86
CA GLY E 26 70.53 -15.27 81.69
C GLY E 26 69.16 -15.86 81.43
N HIS E 27 68.80 -16.03 80.16
CA HIS E 27 67.62 -16.81 79.79
C HIS E 27 67.87 -18.23 80.23
N LYS E 28 66.83 -18.89 80.74
CA LYS E 28 66.99 -20.24 81.32
C LYS E 28 67.38 -21.32 80.29
N ALA E 29 67.24 -21.02 79.00
CA ALA E 29 67.73 -21.91 77.94
C ALA E 29 69.24 -21.75 77.75
N LEU E 30 69.72 -20.51 77.80
CA LEU E 30 71.15 -20.21 77.60
C LEU E 30 72.04 -20.63 78.78
N VAL E 31 71.50 -20.56 79.99
CA VAL E 31 72.24 -20.94 81.20
C VAL E 31 72.52 -22.45 81.23
N LYS E 32 71.60 -23.23 80.68
CA LYS E 32 71.75 -24.68 80.59
C LYS E 32 72.76 -25.07 79.52
N LEU E 33 72.83 -24.28 78.44
CA LEU E 33 73.77 -24.53 77.36
C LEU E 33 75.22 -24.21 77.74
N ARG E 34 75.41 -23.30 78.69
CA ARG E 34 76.75 -23.00 79.22
C ARG E 34 77.28 -24.16 80.04
N SER E 35 76.41 -24.79 80.83
CA SER E 35 76.79 -25.97 81.61
C SER E 35 77.09 -27.14 80.68
N ARG E 36 76.29 -27.28 79.61
CA ARG E 36 76.52 -28.30 78.60
C ARG E 36 77.91 -28.14 77.97
N GLN E 37 78.17 -26.94 77.45
CA GLN E 37 79.43 -26.67 76.73
C GLN E 37 80.67 -26.60 77.63
N GLU E 38 80.47 -26.52 78.95
CA GLU E 38 81.59 -26.57 79.90
C GLU E 38 81.85 -27.99 80.41
N ARG E 39 80.79 -28.80 80.47
CA ARG E 39 80.96 -30.25 80.66
C ARG E 39 81.72 -30.82 79.46
N ASP E 40 81.48 -30.22 78.30
CA ASP E 40 82.17 -30.59 77.06
C ASP E 40 83.65 -30.19 77.13
N LEU E 41 83.94 -29.08 77.82
CA LEU E 41 85.31 -28.58 77.93
C LEU E 41 86.19 -29.46 78.81
N ARG E 42 85.76 -29.72 80.04
CA ARG E 42 86.54 -30.55 80.98
C ARG E 42 86.87 -31.90 80.37
N GLU E 43 85.86 -32.55 79.81
CA GLU E 43 86.02 -33.84 79.14
C GLU E 43 87.10 -33.80 78.08
N LEU E 44 87.28 -32.64 77.45
CA LEU E 44 88.30 -32.46 76.42
C LEU E 44 89.71 -32.35 77.02
N ARG E 45 89.85 -31.60 78.12
CA ARG E 45 91.15 -31.39 78.77
C ARG E 45 91.66 -32.61 79.53
N LYS E 46 90.75 -33.33 80.18
CA LYS E 46 91.10 -34.55 80.91
C LYS E 46 91.59 -35.66 79.97
N LYS E 47 91.18 -35.59 78.70
CA LYS E 47 91.73 -36.46 77.65
C LYS E 47 93.13 -36.01 77.21
N HIS E 48 93.43 -34.72 77.35
CA HIS E 48 94.73 -34.17 76.96
C HIS E 48 95.76 -34.23 78.06
N GLN E 49 95.31 -34.34 79.30
CA GLN E 49 96.20 -34.64 80.43
C GLN E 49 96.48 -36.14 80.53
N ARG E 50 95.67 -36.92 79.82
CA ARG E 50 95.92 -38.35 79.65
C ARG E 50 97.10 -38.55 78.71
N LYS E 51 96.99 -37.99 77.50
CA LYS E 51 98.06 -38.06 76.49
C LYS E 51 99.35 -37.40 76.99
N ALA E 52 99.22 -36.17 77.49
CA ALA E 52 100.38 -35.36 77.91
C ALA E 52 101.24 -36.06 78.97
N VAL E 53 100.59 -36.62 79.99
CA VAL E 53 101.29 -37.29 81.08
C VAL E 53 101.75 -38.72 80.73
N THR E 54 101.05 -39.36 79.79
CA THR E 54 101.48 -40.65 79.24
C THR E 54 102.80 -40.47 78.47
N LEU E 55 102.86 -39.39 77.69
CA LEU E 55 104.04 -39.09 76.87
C LEU E 55 105.15 -38.48 77.74
N THR E 56 104.79 -37.53 78.61
CA THR E 56 105.77 -36.82 79.43
C THR E 56 106.58 -37.75 80.34
N ARG E 57 105.93 -38.73 80.95
CA ARG E 57 106.64 -39.74 81.77
C ARG E 57 107.55 -40.60 80.89
N ARG E 58 107.11 -40.84 79.65
CA ARG E 58 107.90 -41.59 78.68
C ARG E 58 109.13 -40.79 78.24
N LEU E 59 108.99 -39.47 78.20
CA LEU E 59 110.08 -38.56 77.82
C LEU E 59 111.15 -38.44 78.92
N LEU E 60 110.72 -38.40 80.17
CA LEU E 60 111.64 -38.31 81.32
C LEU E 60 112.50 -39.56 81.47
N ASP E 61 111.98 -40.71 81.04
CA ASP E 61 112.75 -41.95 81.01
C ASP E 61 113.75 -41.95 79.85
N GLY E 62 113.45 -41.19 78.80
CA GLY E 62 114.36 -41.02 77.67
C GLY E 62 115.57 -40.16 78.04
N LEU E 63 115.32 -39.04 78.70
CA LEU E 63 116.39 -38.18 79.22
C LEU E 63 117.13 -38.84 80.39
N ALA E 64 116.40 -39.57 81.23
CA ALA E 64 116.99 -40.21 82.43
C ALA E 64 117.97 -41.31 82.10
N GLN E 65 117.72 -42.05 81.01
CA GLN E 65 118.59 -43.14 80.58
C GLN E 65 119.67 -42.68 79.60
N ALA E 66 119.33 -41.70 78.76
CA ALA E 66 120.31 -41.08 77.86
C ALA E 66 121.44 -40.42 78.67
N GLN E 67 121.09 -39.84 79.82
CA GLN E 67 122.06 -39.17 80.68
C GLN E 67 122.80 -40.15 81.59
N ALA E 68 122.06 -40.98 82.31
CA ALA E 68 122.66 -41.94 83.26
C ALA E 68 123.75 -42.78 82.60
N GLU E 69 123.52 -43.17 81.34
CA GLU E 69 124.49 -43.97 80.57
C GLU E 69 125.55 -43.10 79.91
N GLY E 70 125.19 -41.87 79.56
CA GLY E 70 126.12 -40.92 78.96
C GLY E 70 127.36 -40.67 79.81
N ARG E 71 127.16 -40.58 81.12
CA ARG E 71 128.28 -40.41 82.07
C ARG E 71 129.05 -41.72 82.25
N CYS E 72 128.38 -42.85 82.05
CA CYS E 72 129.03 -44.17 82.13
C CYS E 72 130.06 -44.35 81.00
N ARG E 73 129.75 -43.82 79.81
CA ARG E 73 130.65 -43.86 78.66
C ARG E 73 131.97 -43.11 78.91
N LEU E 74 131.90 -42.03 79.69
CA LEU E 74 133.03 -41.13 79.90
C LEU E 74 134.07 -41.62 80.93
N ARG E 75 133.68 -42.48 81.86
CA ARG E 75 134.59 -42.92 82.93
C ARG E 75 135.70 -43.83 82.42
N ASP E 93 133.43 -33.03 74.62
CA ASP E 93 133.13 -33.11 73.20
C ASP E 93 131.66 -33.45 72.96
N GLU E 94 131.17 -34.47 73.66
CA GLU E 94 129.84 -35.05 73.37
C GLU E 94 128.73 -34.62 74.35
N ALA E 95 128.82 -33.39 74.87
CA ALA E 95 127.71 -32.80 75.63
C ALA E 95 126.73 -32.11 74.69
N LYS E 96 127.17 -31.86 73.46
CA LYS E 96 126.38 -31.17 72.43
C LYS E 96 125.40 -32.11 71.75
N ARG E 97 125.72 -33.41 71.74
CA ARG E 97 124.79 -34.44 71.28
C ARG E 97 123.58 -34.53 72.21
N TYR E 98 123.84 -34.48 73.52
CA TYR E 98 122.81 -34.56 74.54
C TYR E 98 121.76 -33.46 74.40
N GLN E 99 122.21 -32.25 74.12
CA GLN E 99 121.33 -31.09 73.98
C GLN E 99 120.60 -31.04 72.63
N GLU E 100 121.01 -31.91 71.70
CA GLU E 100 120.26 -32.15 70.46
C GLU E 100 119.19 -33.24 70.65
N PHE E 101 119.45 -34.16 71.57
CA PHE E 101 118.50 -35.24 71.90
C PHE E 101 117.28 -34.67 72.63
N GLN E 102 117.51 -33.87 73.66
CA GLN E 102 116.41 -33.27 74.43
C GLN E 102 115.62 -32.25 73.62
N ASN E 103 116.22 -31.71 72.56
CA ASN E 103 115.47 -30.91 71.58
C ASN E 103 114.39 -31.74 70.89
N ARG E 104 114.73 -32.97 70.49
CA ARG E 104 113.77 -33.86 69.83
C ARG E 104 112.61 -34.25 70.75
N GLN E 105 112.91 -34.46 72.03
CA GLN E 105 111.90 -34.81 73.02
C GLN E 105 111.00 -33.61 73.34
N VAL E 106 111.57 -32.41 73.29
CA VAL E 106 110.79 -31.17 73.48
C VAL E 106 110.03 -30.77 72.21
N GLN E 107 110.37 -31.37 71.07
CA GLN E 107 109.63 -31.15 69.83
C GLN E 107 108.39 -32.06 69.76
N SER E 108 108.55 -33.34 70.08
CA SER E 108 107.43 -34.31 70.05
C SER E 108 106.35 -33.98 71.07
N LEU E 109 106.77 -33.46 72.22
CA LEU E 109 105.85 -32.98 73.25
C LEU E 109 105.10 -31.73 72.80
N LEU E 110 105.82 -30.86 72.09
CA LEU E 110 105.28 -29.57 71.64
C LEU E 110 104.32 -29.73 70.46
N GLU E 111 104.69 -30.51 69.45
CA GLU E 111 103.82 -30.73 68.28
C GLU E 111 102.63 -31.65 68.60
N LEU E 112 102.67 -32.30 69.77
CA LEU E 112 101.49 -32.96 70.33
C LEU E 112 100.57 -31.92 70.97
N ARG E 113 101.17 -31.02 71.76
CA ARG E 113 100.43 -29.96 72.44
C ARG E 113 99.57 -29.10 71.49
N GLU E 114 100.07 -28.84 70.29
CA GLU E 114 99.31 -28.07 69.31
C GLU E 114 98.03 -28.79 68.90
N ALA E 115 98.14 -30.07 68.54
CA ALA E 115 96.96 -30.89 68.24
C ALA E 115 95.97 -30.87 69.40
N GLN E 116 96.49 -30.88 70.62
CA GLN E 116 95.68 -30.77 71.85
C GLN E 116 95.07 -29.39 71.99
N VAL E 117 95.89 -28.35 71.85
CA VAL E 117 95.44 -26.97 71.99
C VAL E 117 94.47 -26.58 70.87
N ASP E 118 94.64 -27.20 69.70
CA ASP E 118 93.74 -26.99 68.56
C ASP E 118 92.32 -27.48 68.86
N ALA E 119 92.23 -28.62 69.54
CA ALA E 119 90.93 -29.19 69.92
C ALA E 119 90.13 -28.24 70.81
N GLU E 120 90.83 -27.51 71.68
CA GLU E 120 90.20 -26.45 72.48
C GLU E 120 89.81 -25.26 71.60
N ALA E 121 90.70 -24.89 70.68
CA ALA E 121 90.52 -23.73 69.82
C ALA E 121 89.23 -23.83 68.99
N GLN E 122 89.12 -24.87 68.18
CA GLN E 122 87.96 -25.07 67.33
C GLN E 122 86.68 -25.26 68.13
N ARG E 123 86.77 -25.95 69.26
CA ARG E 123 85.62 -26.21 70.12
C ARG E 123 85.02 -24.92 70.67
N ARG E 124 85.86 -24.07 71.26
CA ARG E 124 85.39 -22.80 71.85
C ARG E 124 85.03 -21.76 70.80
N LEU E 125 85.71 -21.80 69.65
CA LEU E 125 85.33 -20.97 68.51
C LEU E 125 83.90 -21.30 68.05
N GLU E 126 83.53 -22.58 68.13
CA GLU E 126 82.19 -23.04 67.69
C GLU E 126 81.16 -23.11 68.81
N HIS E 127 81.61 -23.13 70.07
CA HIS E 127 80.68 -22.91 71.18
C HIS E 127 80.23 -21.49 71.18
N LEU E 128 81.16 -20.58 70.90
CA LEU E 128 80.89 -19.14 70.86
C LEU E 128 80.14 -18.72 69.58
N ARG E 129 79.91 -19.65 68.66
CA ARG E 129 78.93 -19.44 67.57
C ARG E 129 77.55 -19.76 68.11
N GLN E 130 77.40 -20.98 68.60
CA GLN E 130 76.12 -21.49 69.09
C GLN E 130 75.60 -20.65 70.25
N ALA E 131 76.49 -20.28 71.16
CA ALA E 131 76.11 -19.47 72.33
C ALA E 131 75.63 -18.08 71.93
N LEU E 132 76.25 -17.51 70.90
CA LEU E 132 75.88 -16.17 70.42
C LEU E 132 74.65 -16.21 69.48
N GLN E 133 74.61 -17.19 68.57
CA GLN E 133 73.45 -17.33 67.67
C GLN E 133 72.19 -17.82 68.39
N ARG E 134 72.36 -18.33 69.61
CA ARG E 134 71.26 -18.67 70.50
C ARG E 134 70.57 -17.41 71.03
N LEU E 135 71.36 -16.34 71.18
CA LEU E 135 70.86 -15.06 71.71
C LEU E 135 69.98 -14.32 70.68
N ARG E 136 70.26 -14.54 69.40
CA ARG E 136 69.44 -13.97 68.31
C ARG E 136 68.00 -14.46 68.36
N GLU E 137 67.82 -15.73 68.73
CA GLU E 137 66.50 -16.31 68.92
C GLU E 137 65.84 -15.66 70.13
N VAL E 138 66.55 -15.69 71.26
CA VAL E 138 66.00 -15.22 72.53
C VAL E 138 65.47 -13.79 72.43
N VAL E 139 66.19 -12.94 71.69
CA VAL E 139 65.72 -11.58 71.43
C VAL E 139 64.50 -11.60 70.49
N LEU E 140 64.54 -12.44 69.45
CA LEU E 140 63.40 -12.59 68.52
C LEU E 140 62.15 -13.11 69.22
N ASP E 141 62.31 -14.16 70.02
CA ASP E 141 61.20 -14.75 70.79
C ASP E 141 60.70 -13.81 71.88
N ALA E 142 61.57 -12.92 72.36
CA ALA E 142 61.18 -11.86 73.29
C ALA E 142 60.47 -10.73 72.55
N ASN E 143 61.04 -10.32 71.42
CA ASN E 143 60.49 -9.23 70.61
C ASN E 143 59.11 -9.55 70.01
N THR E 144 58.85 -10.82 69.73
CA THR E 144 57.53 -11.27 69.30
C THR E 144 56.55 -11.33 70.48
N THR E 145 57.07 -11.61 71.67
CA THR E 145 56.27 -11.56 72.91
C THR E 145 55.94 -10.11 73.30
N GLN E 146 56.79 -9.17 72.87
CA GLN E 146 56.51 -7.74 73.04
C GLN E 146 55.40 -7.28 72.11
N PHE E 147 55.51 -7.64 70.83
CA PHE E 147 54.55 -7.21 69.80
C PHE E 147 53.15 -7.80 70.00
N LYS E 148 53.07 -9.03 70.50
CA LYS E 148 51.78 -9.68 70.79
C LYS E 148 51.07 -9.07 72.01
N ARG E 149 51.82 -8.36 72.86
CA ARG E 149 51.26 -7.65 74.00
C ARG E 149 51.10 -6.16 73.73
N LEU E 150 51.93 -5.62 72.84
CA LEU E 150 51.79 -4.25 72.36
C LEU E 150 50.45 -4.11 71.63
N LYS E 151 50.10 -5.10 70.81
CA LYS E 151 48.84 -5.14 70.07
C LYS E 151 47.64 -5.45 70.96
N GLU E 152 47.85 -6.21 72.03
CA GLU E 152 46.80 -6.47 73.03
C GLU E 152 46.54 -5.23 73.91
N MET E 153 47.62 -4.53 74.26
CA MET E 153 47.52 -3.29 75.04
C MET E 153 46.83 -2.17 74.28
N ASN E 154 47.13 -2.07 72.98
CA ASN E 154 46.56 -1.03 72.12
C ASN E 154 45.07 -1.22 71.78
N GLU E 155 44.52 -2.39 72.11
CA GLU E 155 43.06 -2.61 72.03
C GLU E 155 42.38 -2.47 73.40
N ARG E 156 43.17 -2.16 74.43
CA ARG E 156 42.63 -1.71 75.71
C ARG E 156 42.41 -0.20 75.68
N GLU E 157 43.32 0.52 75.02
CA GLU E 157 43.20 1.98 74.85
C GLU E 157 42.17 2.38 73.79
N LYS E 158 41.63 1.40 73.06
CA LYS E 158 40.40 1.58 72.27
C LYS E 158 39.22 1.88 73.19
N LYS E 159 39.12 1.11 74.26
CA LYS E 159 37.99 1.15 75.19
C LYS E 159 38.10 2.30 76.20
N GLU E 160 39.33 2.63 76.61
CA GLU E 160 39.56 3.75 77.55
C GLU E 160 39.06 5.07 76.99
N LEU E 161 39.45 5.38 75.75
CA LEU E 161 39.11 6.65 75.09
C LEU E 161 37.68 6.71 74.52
N GLN E 162 36.97 5.59 74.51
CA GLN E 162 35.53 5.56 74.14
C GLN E 162 34.61 5.45 75.37
N LYS E 163 35.18 5.13 76.53
CA LYS E 163 34.45 5.16 77.80
C LYS E 163 34.58 6.55 78.44
N ILE E 164 35.76 7.15 78.35
CA ILE E 164 35.96 8.54 78.75
C ILE E 164 35.04 9.46 77.94
N LEU E 165 34.90 9.16 76.65
CA LEU E 165 33.97 9.87 75.77
C LEU E 165 32.53 9.75 76.29
N ASP E 166 31.94 8.57 76.21
CA ASP E 166 30.51 8.38 76.52
C ASP E 166 30.10 8.79 77.95
N ARG E 167 31.06 8.90 78.87
CA ARG E 167 30.78 9.52 80.19
C ARG E 167 30.67 11.03 80.08
N LYS E 168 31.46 11.63 79.20
CA LYS E 168 31.37 13.06 78.90
C LYS E 168 30.16 13.38 77.98
N ARG E 169 29.79 12.45 77.11
CA ARG E 169 28.64 12.62 76.21
C ARG E 169 27.32 12.38 76.93
N HIS E 170 27.38 11.92 78.18
CA HIS E 170 26.21 11.83 79.05
C HIS E 170 26.34 12.63 80.33
N ASN E 171 27.52 13.23 80.57
CA ASN E 171 27.64 14.41 81.43
C ASN E 171 27.03 15.60 80.69
N SER E 172 27.12 15.53 79.36
CA SER E 172 26.50 16.48 78.44
C SER E 172 24.97 16.44 78.49
N ILE E 173 24.40 15.24 78.38
CA ILE E 173 22.95 15.06 78.22
C ILE E 173 22.10 15.30 79.50
N SER E 174 22.76 15.44 80.65
CA SER E 174 22.05 15.84 81.89
C SER E 174 21.63 17.31 81.82
N HIS E 182 10.49 19.96 70.49
CA HIS E 182 11.41 20.59 69.55
C HIS E 182 12.71 20.96 70.21
N LYS E 183 12.67 21.27 71.51
CA LYS E 183 13.89 21.56 72.28
C LYS E 183 14.74 20.32 72.54
N LYS E 184 14.15 19.13 72.44
CA LYS E 184 14.89 17.86 72.57
C LYS E 184 15.43 17.35 71.23
N GLU E 185 14.93 17.89 70.13
CA GLU E 185 15.39 17.54 68.78
C GLU E 185 16.60 18.39 68.36
N ALA E 186 16.58 19.68 68.73
CA ALA E 186 17.64 20.63 68.35
C ALA E 186 18.91 20.51 69.20
N GLU E 187 18.82 19.87 70.36
CA GLU E 187 20.01 19.55 71.18
C GLU E 187 20.42 18.08 71.06
N LEU E 188 19.58 17.28 70.39
CA LEU E 188 19.94 15.93 69.94
C LEU E 188 20.81 16.02 68.68
N THR E 189 20.57 17.06 67.87
CA THR E 189 21.31 17.28 66.62
C THR E 189 22.66 17.99 66.82
N GLU E 190 22.75 18.83 67.86
CA GLU E 190 23.98 19.56 68.15
C GLU E 190 25.04 18.70 68.86
N ILE E 191 24.59 17.84 69.78
CA ILE E 191 25.50 17.03 70.61
C ILE E 191 25.96 15.75 69.89
N ASN E 192 25.08 15.12 69.11
CA ASN E 192 25.43 13.93 68.31
C ASN E 192 26.43 14.24 67.16
N ARG E 193 26.40 15.48 66.66
CA ARG E 193 27.40 15.95 65.69
C ARG E 193 28.77 16.16 66.34
N ARG E 194 28.77 16.58 67.60
CA ARG E 194 30.01 16.80 68.37
C ARG E 194 30.62 15.49 68.88
N HIS E 195 29.80 14.47 69.10
CA HIS E 195 30.27 13.13 69.53
C HIS E 195 31.00 12.44 68.41
N ILE E 196 30.36 12.37 67.25
CA ILE E 196 30.89 11.65 66.09
C ILE E 196 32.17 12.28 65.55
N THR E 197 32.19 13.61 65.46
CA THR E 197 33.37 14.34 64.97
C THR E 197 34.55 14.25 65.94
N GLU E 198 34.28 14.51 67.23
CA GLU E 198 35.35 14.56 68.23
C GLU E 198 35.72 13.20 68.83
N SER E 199 35.00 12.15 68.45
CA SER E 199 35.44 10.78 68.73
C SER E 199 36.40 10.31 67.65
N VAL E 200 36.02 10.51 66.38
CA VAL E 200 36.87 10.15 65.24
C VAL E 200 38.14 11.01 65.18
N ASN E 201 38.05 12.27 65.63
CA ASN E 201 39.21 13.14 65.72
C ASN E 201 40.24 12.65 66.74
N SER E 202 39.76 12.06 67.83
CA SER E 202 40.63 11.58 68.91
C SER E 202 41.00 10.10 68.74
N ILE E 203 40.12 9.34 68.09
CA ILE E 203 40.45 7.99 67.62
C ILE E 203 41.61 8.07 66.63
N ARG E 204 41.64 9.15 65.85
CA ARG E 204 42.73 9.43 64.92
C ARG E 204 44.03 9.78 65.68
N ARG E 205 43.90 10.53 66.77
CA ARG E 205 45.06 10.96 67.58
C ARG E 205 45.78 9.79 68.26
N LEU E 206 45.01 8.84 68.78
CA LEU E 206 45.59 7.69 69.47
C LEU E 206 46.24 6.72 68.50
N GLU E 207 45.70 6.61 67.29
CA GLU E 207 46.30 5.77 66.24
C GLU E 207 47.67 6.31 65.81
N GLU E 208 47.73 7.61 65.54
CA GLU E 208 49.00 8.30 65.24
C GLU E 208 50.05 7.98 66.30
N ALA E 209 49.63 8.12 67.57
CA ALA E 209 50.51 7.87 68.70
C ALA E 209 50.87 6.40 68.84
N GLN E 210 49.92 5.51 68.52
CA GLN E 210 50.14 4.06 68.59
C GLN E 210 51.04 3.53 67.47
N LYS E 211 51.15 4.28 66.37
CA LYS E 211 52.03 3.92 65.26
C LYS E 211 53.41 4.57 65.41
N GLN E 212 53.49 5.68 66.15
CA GLN E 212 54.78 6.26 66.57
C GLN E 212 55.35 5.52 67.79
N ARG E 213 54.53 4.66 68.40
CA ARG E 213 54.96 3.74 69.45
C ARG E 213 55.68 2.54 68.83
N HIS E 214 55.21 2.13 67.66
CA HIS E 214 55.82 1.04 66.88
C HIS E 214 57.20 1.40 66.41
N ASP E 215 57.46 2.70 66.27
CA ASP E 215 58.76 3.23 65.84
C ASP E 215 59.81 3.15 66.95
N ARG E 216 59.44 3.58 68.16
CA ARG E 216 60.35 3.56 69.31
C ARG E 216 60.62 2.14 69.84
N LEU E 217 59.87 1.16 69.32
CA LEU E 217 60.09 -0.25 69.64
C LEU E 217 60.91 -0.95 68.54
N VAL E 218 60.55 -0.70 67.28
CA VAL E 218 61.26 -1.31 66.13
C VAL E 218 62.70 -0.80 66.02
N ALA E 219 62.90 0.50 66.20
CA ALA E 219 64.24 1.09 66.19
C ALA E 219 65.02 0.75 67.46
N GLY E 220 64.30 0.54 68.56
CA GLY E 220 64.91 0.15 69.84
C GLY E 220 65.35 -1.31 69.87
N GLN E 221 64.54 -2.18 69.26
CA GLN E 221 64.85 -3.62 69.18
C GLN E 221 66.00 -3.94 68.21
N GLN E 222 66.36 -2.98 67.37
CA GLN E 222 67.45 -3.16 66.41
C GLN E 222 68.76 -2.47 66.86
N GLN E 223 68.66 -1.53 67.80
CA GLN E 223 69.84 -1.08 68.54
C GLN E 223 70.31 -2.19 69.49
N VAL E 224 69.38 -3.08 69.87
CA VAL E 224 69.70 -4.31 70.59
C VAL E 224 70.41 -5.30 69.66
N LEU E 225 69.93 -5.43 68.43
CA LEU E 225 70.45 -6.40 67.44
C LEU E 225 71.76 -5.96 66.76
N GLN E 226 71.87 -4.66 66.47
CA GLN E 226 73.10 -4.11 65.88
C GLN E 226 74.29 -4.18 66.84
N GLN E 227 74.01 -4.23 68.14
CA GLN E 227 75.03 -4.48 69.16
C GLN E 227 75.68 -5.85 68.97
N LEU E 228 74.86 -6.88 68.78
CA LEU E 228 75.35 -8.22 68.49
C LEU E 228 76.24 -8.22 67.25
N ALA E 229 75.87 -7.42 66.25
CA ALA E 229 76.64 -7.26 65.02
C ALA E 229 78.07 -6.81 65.29
N GLU E 230 78.21 -5.72 66.04
CA GLU E 230 79.53 -5.12 66.32
C GLU E 230 80.26 -5.70 67.55
N GLU E 231 79.55 -6.46 68.39
CA GLU E 231 80.14 -7.05 69.61
C GLU E 231 80.61 -8.51 69.42
N GLU E 232 80.15 -9.16 68.35
CA GLU E 232 80.57 -10.54 68.06
C GLU E 232 82.02 -10.66 67.61
N PRO E 233 82.45 -9.83 66.62
CA PRO E 233 83.87 -9.81 66.25
C PRO E 233 84.86 -9.59 67.40
N LYS E 234 84.43 -8.95 68.49
CA LYS E 234 85.28 -8.76 69.68
C LYS E 234 85.59 -10.08 70.40
N LEU E 235 84.54 -10.86 70.69
CA LEU E 235 84.72 -12.17 71.37
C LEU E 235 85.23 -13.25 70.41
N LEU E 236 84.78 -13.25 69.16
CA LEU E 236 85.30 -14.19 68.16
C LEU E 236 86.74 -13.84 67.75
N ALA E 237 87.16 -12.61 68.00
CA ALA E 237 88.56 -12.21 67.84
C ALA E 237 89.36 -12.54 69.11
N GLN E 238 88.75 -12.35 70.28
CA GLN E 238 89.42 -12.64 71.56
C GLN E 238 89.59 -14.15 71.82
N LEU E 239 88.48 -14.88 71.82
CA LEU E 239 88.49 -16.32 72.17
C LEU E 239 89.35 -17.16 71.21
N ALA E 240 89.64 -16.63 70.02
CA ALA E 240 90.57 -17.27 69.08
C ALA E 240 92.01 -16.82 69.34
N GLN E 241 92.21 -15.52 69.55
CA GLN E 241 93.54 -14.97 69.83
C GLN E 241 94.02 -15.28 71.25
N GLU E 242 93.09 -15.52 72.17
CA GLU E 242 93.45 -15.87 73.56
C GLU E 242 93.95 -17.31 73.67
N CYS E 243 93.62 -18.14 72.69
CA CYS E 243 94.25 -19.46 72.55
C CYS E 243 95.64 -19.31 71.91
N GLN E 244 95.81 -18.23 71.12
CA GLN E 244 97.12 -17.88 70.57
C GLN E 244 98.04 -17.20 71.61
N GLU E 245 97.46 -16.73 72.71
CA GLU E 245 98.24 -16.27 73.87
C GLU E 245 98.83 -17.48 74.61
N GLN E 246 98.14 -18.61 74.53
CA GLN E 246 98.60 -19.88 75.10
C GLN E 246 99.63 -20.56 74.20
N ARG E 247 99.47 -20.43 72.87
CA ARG E 247 100.45 -20.94 71.91
C ARG E 247 101.77 -20.16 71.97
N ALA E 248 101.71 -18.90 72.41
CA ALA E 248 102.91 -18.10 72.64
C ALA E 248 103.68 -18.61 73.87
N ARG E 249 102.96 -19.18 74.84
CA ARG E 249 103.56 -19.81 76.02
C ARG E 249 103.82 -21.31 75.85
N LEU E 250 103.32 -21.89 74.74
CA LEU E 250 103.38 -23.34 74.51
C LEU E 250 104.80 -23.91 74.44
N PRO E 251 105.78 -23.11 73.97
CA PRO E 251 107.18 -23.57 74.04
C PRO E 251 107.77 -23.54 75.46
N GLN E 252 107.76 -22.38 76.12
CA GLN E 252 108.51 -22.18 77.37
C GLN E 252 107.77 -22.62 78.65
N GLU E 253 106.61 -23.25 78.49
CA GLU E 253 105.96 -23.94 79.60
C GLU E 253 106.39 -25.42 79.64
N ILE E 254 106.69 -25.99 78.48
CA ILE E 254 107.23 -27.36 78.40
C ILE E 254 108.60 -27.46 79.04
N ARG E 255 109.46 -26.47 78.74
CA ARG E 255 110.85 -26.50 79.19
C ARG E 255 111.02 -26.19 80.68
N ARG E 256 109.90 -25.99 81.38
CA ARG E 256 109.90 -25.88 82.84
C ARG E 256 109.52 -27.21 83.50
N SER E 257 108.94 -28.12 82.71
CA SER E 257 108.64 -29.48 83.18
C SER E 257 109.81 -30.42 82.87
N LEU E 258 110.25 -30.41 81.63
CA LEU E 258 111.27 -31.35 81.16
C LEU E 258 112.67 -30.94 81.64
N LEU E 259 113.09 -29.73 81.28
CA LEU E 259 114.40 -29.21 81.70
C LEU E 259 114.32 -28.66 83.13
#